data_5LNQ
#
_entry.id   5LNQ
#
_cell.length_a   74.141
_cell.length_b   89.804
_cell.length_c   123.716
_cell.angle_alpha   90.00
_cell.angle_beta   104.76
_cell.angle_gamma   90.00
#
_symmetry.space_group_name_H-M   'P 1 21 1'
#
loop_
_entity.id
_entity.type
_entity.pdbx_description
1 polymer '3-ketoacyl-CoA thiolase-like protein'
2 non-polymer 'ACETOACETYL-COENZYME A'
3 water water
#
_entity_poly.entity_id   1
_entity_poly.type   'polypeptide(L)'
_entity_poly.pdbx_seq_one_letter_code
;HHHHHHSSGLVPRGSHMFRSSLTHLQAASRVFIVGGHITPFVGKGSPLFIDKKHPDFGKKKNMTLEEILATTVQGTMEHS
GLSGREGIVDQVVVGNFLGELFSSQGHLGPAAIGSLTYGQAGSKNPLMYKPAMRVEGAAASGGLAVISAMNALKSGSADI
TLAVGVEVQTTASARVGGDYLARAADYQRQRQLDDFTFPCLFAKRMKYIAEHNHFTMEDTARVAAKAYANGNKNPLAHMH
TRKLTFEQCNGEDPSNVKFLGNETYKEYLRMTDCSQVSDGGAGVVLANEEGLRKMGLSPNDSRLVEIKSIACAVSNLYED
PDDACCMFTSRQAAQKALSMANIKPSDLNVAEVHDCFTIAEMLMYEALGIAEYGHAKDLIRNGDTTLEGRIPVNTGGGLL
SFGHPVGATGIKQIMEVYRQMKGQCEAYQMKKIPALGATLNMGGDDKTAVSAVLQNI
;
_entity_poly.pdbx_strand_id   A,B,C,D
#
# COMPACT_ATOMS: atom_id res chain seq x y z
N ALA A 28 -4.45 27.63 5.48
CA ALA A 28 -3.18 27.68 4.69
C ALA A 28 -2.02 27.02 5.45
N SER A 29 -1.53 25.93 4.88
CA SER A 29 -0.38 25.26 5.42
C SER A 29 0.85 26.05 4.95
N ARG A 30 1.76 26.26 5.86
CA ARG A 30 2.99 26.95 5.59
C ARG A 30 3.96 26.01 4.86
N VAL A 31 4.82 26.61 4.04
CA VAL A 31 5.78 25.90 3.26
C VAL A 31 7.19 26.42 3.58
N PHE A 32 8.10 25.46 3.74
CA PHE A 32 9.45 25.70 4.17
C PHE A 32 10.42 25.06 3.25
N ILE A 33 11.46 25.78 2.97
CA ILE A 33 12.67 25.25 2.33
C ILE A 33 13.49 24.67 3.47
N VAL A 34 13.78 23.37 3.35
CA VAL A 34 14.58 22.66 4.29
C VAL A 34 16.08 22.66 3.93
N GLY A 35 16.38 22.72 2.65
CA GLY A 35 17.74 22.74 2.17
C GLY A 35 17.77 22.51 0.68
N GLY A 36 18.97 22.49 0.13
CA GLY A 36 19.16 22.32 -1.30
C GLY A 36 20.61 22.29 -1.73
N HIS A 37 20.81 22.32 -3.05
CA HIS A 37 22.10 22.16 -3.61
C HIS A 37 22.14 22.82 -4.99
N ILE A 38 23.24 23.48 -5.28
CA ILE A 38 23.53 23.99 -6.61
C ILE A 38 24.88 23.41 -7.06
N THR A 39 24.93 22.88 -8.28
CA THR A 39 26.12 22.36 -8.84
C THR A 39 26.99 23.53 -9.32
N PRO A 40 28.30 23.30 -9.50
CA PRO A 40 28.97 24.25 -10.41
C PRO A 40 28.24 24.34 -11.77
N PHE A 41 28.13 25.55 -12.31
CA PHE A 41 27.56 25.72 -13.64
C PHE A 41 28.73 25.82 -14.61
N VAL A 42 28.72 25.03 -15.69
CA VAL A 42 29.89 24.94 -16.53
C VAL A 42 29.56 25.05 -17.99
N GLY A 43 30.52 25.57 -18.71
CA GLY A 43 30.47 25.70 -20.16
C GLY A 43 31.75 26.39 -20.63
N LYS A 44 31.74 26.82 -21.90
CA LYS A 44 32.91 27.47 -22.52
C LYS A 44 33.39 28.64 -21.69
N GLY A 45 34.68 28.65 -21.33
CA GLY A 45 35.26 29.69 -20.49
C GLY A 45 35.40 29.33 -19.04
N SER A 46 34.82 28.22 -18.62
CA SER A 46 35.05 27.73 -17.27
C SER A 46 36.24 26.75 -17.26
N PRO A 47 37.14 26.85 -16.24
CA PRO A 47 38.23 25.84 -16.20
C PRO A 47 37.72 24.42 -15.86
N LEU A 48 36.44 24.30 -15.45
CA LEU A 48 35.83 23.00 -15.19
C LEU A 48 35.31 22.35 -16.46
N PHE A 49 35.18 23.09 -17.56
CA PHE A 49 34.67 22.58 -18.81
C PHE A 49 35.77 21.94 -19.65
N ILE A 50 35.53 20.72 -20.10
CA ILE A 50 36.47 19.96 -20.90
C ILE A 50 36.24 20.22 -22.39
N ASP A 51 37.17 20.96 -22.99
CA ASP A 51 37.21 21.23 -24.42
C ASP A 51 38.67 21.12 -24.85
N LYS A 52 38.98 21.43 -26.12
CA LYS A 52 40.37 21.36 -26.68
C LYS A 52 41.49 21.98 -25.84
N LYS A 53 41.18 23.04 -25.09
CA LYS A 53 42.16 23.71 -24.21
C LYS A 53 42.42 22.97 -22.90
N HIS A 54 41.59 22.00 -22.55
CA HIS A 54 41.60 21.44 -21.20
C HIS A 54 42.60 20.26 -21.15
N PRO A 55 43.41 20.15 -20.05
CA PRO A 55 44.33 19.01 -19.84
C PRO A 55 43.73 17.62 -20.13
N ASP A 56 42.55 17.36 -19.58
CA ASP A 56 41.80 16.11 -19.77
C ASP A 56 41.04 15.93 -21.10
N PHE A 57 41.20 16.82 -22.07
CA PHE A 57 40.50 16.63 -23.35
C PHE A 57 40.85 15.28 -23.97
N GLY A 58 39.84 14.55 -24.43
CA GLY A 58 40.04 13.21 -24.94
C GLY A 58 40.14 12.10 -23.90
N LYS A 59 40.45 12.43 -22.65
CA LYS A 59 40.64 11.44 -21.60
C LYS A 59 39.40 11.34 -20.69
N LYS A 60 38.83 12.48 -20.30
CA LYS A 60 37.60 12.54 -19.49
C LYS A 60 36.54 13.41 -20.16
N LYS A 61 35.28 13.15 -19.84
CA LYS A 61 34.14 13.85 -20.47
C LYS A 61 33.42 14.73 -19.49
N ASN A 62 32.79 15.77 -20.01
CA ASN A 62 31.80 16.55 -19.28
C ASN A 62 30.57 15.69 -18.86
N MET A 63 29.96 16.04 -17.75
CA MET A 63 28.80 15.30 -17.25
C MET A 63 27.63 15.33 -18.25
N THR A 64 26.95 14.21 -18.38
CA THR A 64 25.71 14.09 -19.15
C THR A 64 24.54 14.64 -18.34
N LEU A 65 23.42 14.84 -18.99
CA LEU A 65 22.16 15.18 -18.29
C LEU A 65 21.84 14.21 -17.12
N GLU A 66 21.98 12.90 -17.37
CA GLU A 66 21.73 11.90 -16.33
C GLU A 66 22.67 12.08 -15.13
N GLU A 67 23.96 12.35 -15.39
CA GLU A 67 24.93 12.52 -14.34
C GLU A 67 24.67 13.79 -13.56
N ILE A 68 24.33 14.86 -14.25
CA ILE A 68 23.96 16.11 -13.56
C ILE A 68 22.74 15.96 -12.67
N LEU A 69 21.70 15.30 -13.19
CA LEU A 69 20.50 15.00 -12.43
C LEU A 69 20.82 14.17 -11.20
N ALA A 70 21.65 13.13 -11.36
CA ALA A 70 22.06 12.31 -10.19
C ALA A 70 22.85 13.16 -9.14
N THR A 71 23.76 14.01 -9.59
CA THR A 71 24.55 14.85 -8.66
C THR A 71 23.63 15.83 -7.95
N THR A 72 22.62 16.34 -8.68
CA THR A 72 21.69 17.31 -8.11
C THR A 72 20.76 16.67 -7.07
N VAL A 73 20.19 15.54 -7.40
CA VAL A 73 19.25 14.85 -6.50
C VAL A 73 20.02 14.45 -5.26
N GLN A 74 21.20 13.84 -5.45
CA GLN A 74 21.97 13.33 -4.29
C GLN A 74 22.44 14.50 -3.39
N GLY A 75 22.94 15.57 -4.01
CA GLY A 75 23.42 16.72 -3.24
C GLY A 75 22.29 17.40 -2.49
N THR A 76 21.12 17.49 -3.13
CA THR A 76 19.92 18.07 -2.49
C THR A 76 19.48 17.24 -1.26
N MET A 77 19.40 15.93 -1.40
CA MET A 77 19.05 15.06 -0.30
C MET A 77 20.08 15.20 0.82
N GLU A 78 21.36 15.18 0.46
CA GLU A 78 22.45 15.27 1.45
C GLU A 78 22.43 16.59 2.22
N HIS A 79 22.34 17.74 1.54
CA HIS A 79 22.30 19.08 2.16
C HIS A 79 21.01 19.28 2.99
N SER A 80 19.92 18.58 2.68
CA SER A 80 18.67 18.72 3.40
C SER A 80 18.53 17.83 4.66
N GLY A 81 19.53 17.02 4.98
CA GLY A 81 19.42 16.06 6.06
C GLY A 81 18.62 14.78 5.75
N LEU A 82 18.42 14.46 4.48
CA LEU A 82 17.60 13.28 4.11
C LEU A 82 18.39 12.05 3.71
N SER A 83 19.73 12.11 3.75
CA SER A 83 20.56 10.95 3.40
C SER A 83 20.22 9.85 4.35
N GLY A 84 20.00 8.67 3.81
CA GLY A 84 19.54 7.55 4.63
C GLY A 84 18.06 7.51 4.95
N ARG A 85 17.28 8.55 4.64
CA ARG A 85 15.85 8.49 4.86
C ARG A 85 15.08 9.13 3.68
N GLU A 86 15.54 8.87 2.46
CA GLU A 86 14.98 9.50 1.28
C GLU A 86 13.56 9.02 0.99
N GLY A 87 13.19 7.88 1.57
CA GLY A 87 11.82 7.40 1.55
C GLY A 87 10.75 8.29 2.15
N ILE A 88 11.11 9.25 2.98
CA ILE A 88 10.11 10.23 3.45
C ILE A 88 9.75 11.35 2.44
N VAL A 89 10.50 11.48 1.35
CA VAL A 89 10.10 12.36 0.26
C VAL A 89 8.89 11.76 -0.40
N ASP A 90 7.83 12.55 -0.59
CA ASP A 90 6.55 12.03 -1.11
C ASP A 90 6.48 12.14 -2.62
N GLN A 91 7.12 13.16 -3.18
CA GLN A 91 7.11 13.34 -4.62
C GLN A 91 8.24 14.20 -5.15
N VAL A 92 8.50 14.06 -6.46
CA VAL A 92 9.60 14.70 -7.12
C VAL A 92 9.06 15.42 -8.35
N VAL A 93 9.51 16.66 -8.56
CA VAL A 93 9.21 17.45 -9.75
C VAL A 93 10.52 17.93 -10.35
N VAL A 94 10.66 17.73 -11.66
CA VAL A 94 11.82 18.09 -12.40
C VAL A 94 11.48 19.26 -13.39
N GLY A 95 12.23 20.33 -13.32
CA GLY A 95 12.18 21.38 -14.33
C GLY A 95 13.26 21.15 -15.34
N ASN A 96 12.88 21.20 -16.59
CA ASN A 96 13.81 21.05 -17.65
C ASN A 96 13.18 21.56 -18.91
N PHE A 97 13.96 22.29 -19.73
CA PHE A 97 13.40 22.82 -20.94
C PHE A 97 13.63 21.97 -22.20
N LEU A 98 14.89 21.65 -22.48
CA LEU A 98 15.29 21.15 -23.78
C LEU A 98 16.11 19.87 -23.81
N GLY A 99 15.94 19.04 -22.79
CA GLY A 99 16.67 17.77 -22.75
C GLY A 99 16.35 16.84 -23.96
N GLU A 100 15.11 16.88 -24.42
CA GLU A 100 14.68 16.08 -25.58
CA GLU A 100 14.64 16.11 -25.58
C GLU A 100 15.42 16.48 -26.84
N LEU A 101 15.93 17.70 -26.90
CA LEU A 101 16.74 18.16 -28.02
C LEU A 101 18.23 18.06 -27.77
N PHE A 102 18.74 18.65 -26.70
CA PHE A 102 20.21 18.57 -26.43
C PHE A 102 20.73 17.17 -26.03
N SER A 103 19.92 16.36 -25.36
CA SER A 103 20.30 15.03 -24.88
C SER A 103 19.45 13.90 -25.38
N SER A 104 18.52 14.17 -26.29
CA SER A 104 17.56 13.19 -26.82
C SER A 104 16.76 12.44 -25.74
N GLN A 105 16.52 13.11 -24.62
CA GLN A 105 15.99 12.45 -23.42
C GLN A 105 14.86 13.28 -22.82
N GLY A 106 13.65 12.72 -22.90
CA GLY A 106 12.49 13.27 -22.19
C GLY A 106 12.26 12.43 -20.94
N HIS A 107 11.03 12.47 -20.44
CA HIS A 107 10.59 11.56 -19.40
C HIS A 107 11.47 11.57 -18.16
N LEU A 108 11.79 12.78 -17.70
CA LEU A 108 12.77 12.93 -16.66
C LEU A 108 12.26 12.55 -15.26
N GLY A 109 10.95 12.36 -15.13
CA GLY A 109 10.36 11.87 -13.92
C GLY A 109 11.02 10.57 -13.47
N PRO A 110 10.93 9.54 -14.31
CA PRO A 110 11.58 8.29 -13.93
C PRO A 110 13.12 8.32 -13.91
N ALA A 111 13.72 9.28 -14.61
CA ALA A 111 15.18 9.50 -14.50
C ALA A 111 15.51 10.01 -13.09
N ALA A 112 14.69 10.92 -12.57
CA ALA A 112 14.86 11.38 -11.20
C ALA A 112 14.64 10.24 -10.18
N ILE A 113 13.64 9.39 -10.40
CA ILE A 113 13.43 8.20 -9.53
C ILE A 113 14.69 7.30 -9.51
N GLY A 114 15.34 7.14 -10.63
CA GLY A 114 16.59 6.42 -10.70
C GLY A 114 17.84 7.15 -10.29
N SER A 115 17.74 8.37 -9.81
CA SER A 115 18.94 9.25 -9.65
C SER A 115 19.67 9.09 -8.35
N LEU A 116 18.98 8.49 -7.38
CA LEU A 116 19.54 8.30 -6.08
C LEU A 116 20.61 7.24 -6.14
N THR A 117 20.36 6.23 -6.97
CA THR A 117 21.19 5.04 -7.08
C THR A 117 21.92 4.98 -8.43
N TYR A 118 22.04 6.11 -9.14
CA TYR A 118 22.54 6.12 -10.52
C TYR A 118 23.94 5.47 -10.61
N GLY A 119 24.06 4.49 -11.52
CA GLY A 119 25.28 3.68 -11.67
C GLY A 119 25.46 2.51 -10.69
N GLN A 120 24.55 2.33 -9.73
CA GLN A 120 24.54 1.18 -8.82
C GLN A 120 23.31 0.36 -9.15
N ALA A 121 23.35 -0.32 -10.29
CA ALA A 121 22.18 -1.02 -10.82
C ALA A 121 21.70 -2.14 -9.87
N GLY A 122 20.41 -2.24 -9.61
CA GLY A 122 19.85 -3.21 -8.65
C GLY A 122 19.96 -2.86 -7.16
N SER A 123 20.56 -1.72 -6.80
CA SER A 123 20.60 -1.23 -5.39
C SER A 123 19.18 -0.96 -4.91
N LYS A 124 18.98 -0.85 -3.59
CA LYS A 124 17.64 -0.50 -3.08
C LYS A 124 17.36 0.99 -3.15
N ASN A 125 16.16 1.26 -3.65
CA ASN A 125 15.79 2.56 -4.12
C ASN A 125 14.54 2.99 -3.37
N PRO A 126 14.71 3.80 -2.33
CA PRO A 126 13.56 4.25 -1.57
C PRO A 126 12.57 5.18 -2.33
N LEU A 127 12.93 5.71 -3.51
CA LEU A 127 12.00 6.53 -4.32
C LEU A 127 11.10 5.75 -5.27
N MET A 128 11.32 4.43 -5.39
CA MET A 128 10.47 3.64 -6.26
C MET A 128 8.97 3.84 -6.02
N TYR A 129 8.25 4.09 -7.10
CA TYR A 129 6.79 4.18 -7.16
C TYR A 129 6.21 5.49 -6.66
N LYS A 130 7.05 6.44 -6.34
CA LYS A 130 6.56 7.74 -5.87
C LYS A 130 6.09 8.52 -7.08
N PRO A 131 5.20 9.50 -6.89
CA PRO A 131 4.89 10.40 -8.00
C PRO A 131 6.11 11.23 -8.45
N ALA A 132 6.22 11.41 -9.76
CA ALA A 132 7.22 12.24 -10.39
C ALA A 132 6.74 12.73 -11.74
N MET A 133 7.16 13.95 -12.08
CA MET A 133 6.90 14.48 -13.40
C MET A 133 7.89 15.61 -13.71
N ARG A 134 7.87 15.98 -14.98
CA ARG A 134 8.67 17.08 -15.49
C ARG A 134 7.71 18.19 -15.85
N VAL A 135 8.10 19.44 -15.54
CA VAL A 135 7.30 20.60 -15.91
C VAL A 135 8.15 21.46 -16.78
N GLU A 136 7.50 22.19 -17.67
CA GLU A 136 8.21 23.05 -18.58
C GLU A 136 7.50 24.37 -18.85
N GLY A 137 8.29 25.43 -18.84
CA GLY A 137 7.83 26.74 -19.34
C GLY A 137 9.05 27.54 -19.67
N ALA A 138 9.82 27.01 -20.58
CA ALA A 138 11.03 27.60 -21.03
C ALA A 138 11.95 27.88 -19.84
N ALA A 139 12.54 29.07 -19.74
CA ALA A 139 13.49 29.35 -18.62
C ALA A 139 12.80 29.52 -17.25
N ALA A 140 11.46 29.46 -17.23
CA ALA A 140 10.67 29.44 -16.02
C ALA A 140 10.34 28.02 -15.53
N SER A 141 10.88 27.01 -16.21
CA SER A 141 10.66 25.64 -15.83
C SER A 141 11.00 25.34 -14.37
N GLY A 142 12.13 25.81 -13.86
CA GLY A 142 12.49 25.65 -12.43
C GLY A 142 11.49 26.26 -11.46
N GLY A 143 11.03 27.47 -11.77
CA GLY A 143 10.02 28.13 -10.94
C GLY A 143 8.70 27.37 -11.00
N LEU A 144 8.32 26.88 -12.17
CA LEU A 144 7.06 26.12 -12.29
C LEU A 144 7.15 24.78 -11.50
N ALA A 145 8.36 24.23 -11.40
CA ALA A 145 8.60 23.04 -10.63
C ALA A 145 8.33 23.33 -9.12
N VAL A 146 8.79 24.48 -8.61
CA VAL A 146 8.56 24.87 -7.25
C VAL A 146 7.05 25.09 -7.00
N ILE A 147 6.36 25.75 -7.90
CA ILE A 147 4.90 25.88 -7.82
C ILE A 147 4.11 24.56 -7.74
N SER A 148 4.47 23.60 -8.59
CA SER A 148 3.86 22.30 -8.57
C SER A 148 4.07 21.58 -7.27
N ALA A 149 5.31 21.60 -6.80
CA ALA A 149 5.70 21.02 -5.52
C ALA A 149 4.90 21.65 -4.36
N MET A 150 4.72 22.96 -4.39
CA MET A 150 3.95 23.66 -3.36
C MET A 150 2.48 23.36 -3.38
N ASN A 151 1.89 23.25 -4.57
CA ASN A 151 0.48 22.81 -4.67
C ASN A 151 0.31 21.41 -4.09
N ALA A 152 1.26 20.53 -4.32
CA ALA A 152 1.18 19.19 -3.80
C ALA A 152 1.21 19.24 -2.25
N LEU A 153 2.03 20.15 -1.69
CA LEU A 153 2.19 20.30 -0.22
C LEU A 153 0.96 20.87 0.41
N LYS A 154 0.31 21.78 -0.28
CA LYS A 154 -0.86 22.46 0.24
C LYS A 154 -2.12 21.65 -0.05
N SER A 155 -2.09 20.67 -0.93
CA SER A 155 -3.29 19.92 -1.26
C SER A 155 -3.48 18.71 -0.39
N GLY A 156 -2.48 18.38 0.42
CA GLY A 156 -2.48 17.17 1.22
C GLY A 156 -1.95 15.92 0.53
N SER A 157 -1.62 15.97 -0.75
CA SER A 157 -1.11 14.74 -1.32
C SER A 157 0.39 14.54 -1.02
N ALA A 158 1.10 15.55 -0.50
CA ALA A 158 2.50 15.38 -0.08
C ALA A 158 2.83 16.22 1.13
N ASP A 159 3.73 15.76 1.96
CA ASP A 159 4.26 16.57 3.05
C ASP A 159 5.76 17.00 2.89
N ILE A 160 6.52 16.26 2.10
CA ILE A 160 7.88 16.61 1.70
C ILE A 160 7.99 16.40 0.21
N THR A 161 8.53 17.39 -0.50
CA THR A 161 8.70 17.34 -1.97
C THR A 161 10.10 17.76 -2.35
N LEU A 162 10.62 17.11 -3.38
CA LEU A 162 11.89 17.44 -3.97
C LEU A 162 11.60 18.12 -5.29
N ALA A 163 12.12 19.35 -5.48
CA ALA A 163 12.06 20.04 -6.80
C ALA A 163 13.48 20.25 -7.31
N VAL A 164 13.76 19.72 -8.52
CA VAL A 164 15.07 19.77 -9.10
C VAL A 164 14.93 20.27 -10.53
N GLY A 165 15.90 21.08 -10.94
CA GLY A 165 15.96 21.66 -12.26
C GLY A 165 17.35 21.36 -12.81
N VAL A 166 17.40 20.89 -14.05
CA VAL A 166 18.67 20.52 -14.67
C VAL A 166 18.65 20.91 -16.18
N GLU A 167 19.82 21.15 -16.74
CA GLU A 167 19.95 21.42 -18.14
C GLU A 167 21.36 21.10 -18.59
N VAL A 168 21.47 20.51 -19.77
CA VAL A 168 22.72 20.41 -20.50
C VAL A 168 22.54 21.02 -21.89
N GLN A 169 23.27 22.09 -22.16
CA GLN A 169 23.21 22.80 -23.47
C GLN A 169 24.53 22.85 -24.20
N THR A 170 25.59 22.30 -23.64
CA THR A 170 26.93 22.45 -24.25
C THR A 170 27.18 21.39 -25.36
N THR A 171 26.22 20.50 -25.59
CA THR A 171 26.36 19.41 -26.53
C THR A 171 26.11 19.81 -27.98
N ALA A 172 25.66 21.03 -28.23
CA ALA A 172 25.52 21.51 -29.60
C ALA A 172 26.26 22.83 -29.71
N SER A 173 26.50 23.23 -30.95
CA SER A 173 27.09 24.55 -31.21
C SER A 173 26.18 25.67 -30.74
N ALA A 174 26.74 26.86 -30.57
CA ALA A 174 25.91 27.98 -30.14
C ALA A 174 24.75 28.25 -31.10
N ARG A 175 24.98 28.02 -32.39
CA ARG A 175 23.99 28.30 -33.42
C ARG A 175 22.85 27.26 -33.51
N VAL A 176 23.18 25.96 -33.41
CA VAL A 176 22.17 24.91 -33.22
C VAL A 176 21.41 25.12 -31.90
N GLY A 177 22.14 25.47 -30.85
CA GLY A 177 21.56 25.77 -29.55
C GLY A 177 20.56 26.91 -29.62
N GLY A 178 20.83 27.91 -30.48
CA GLY A 178 19.93 29.04 -30.69
C GLY A 178 18.60 28.64 -31.31
N ASP A 179 18.65 27.69 -32.22
CA ASP A 179 17.43 27.14 -32.79
C ASP A 179 16.63 26.29 -31.80
N TYR A 180 17.32 25.55 -30.95
CA TYR A 180 16.67 24.87 -29.86
C TYR A 180 15.99 25.84 -28.89
N LEU A 181 16.71 26.86 -28.44
CA LEU A 181 16.12 27.85 -27.54
C LEU A 181 14.92 28.54 -28.13
N ALA A 182 14.89 28.66 -29.46
CA ALA A 182 13.78 29.30 -30.14
C ALA A 182 12.41 28.58 -29.94
N ARG A 183 12.42 27.34 -29.42
CA ARG A 183 11.26 26.67 -28.88
C ARG A 183 10.53 27.45 -27.78
N ALA A 184 11.19 28.39 -27.14
CA ALA A 184 10.53 29.29 -26.19
C ALA A 184 9.77 30.42 -26.82
N ALA A 185 10.06 30.72 -28.09
CA ALA A 185 9.41 31.79 -28.81
C ALA A 185 8.21 31.24 -29.54
N ASP A 186 7.47 32.12 -30.22
CA ASP A 186 6.44 31.67 -31.16
C ASP A 186 7.25 31.29 -32.43
N TYR A 187 7.61 30.02 -32.55
CA TYR A 187 8.61 29.55 -33.50
C TYR A 187 8.19 29.91 -34.94
N GLN A 188 6.97 29.58 -35.33
CA GLN A 188 6.43 29.94 -36.65
C GLN A 188 6.56 31.39 -36.96
N ARG A 189 6.25 32.23 -35.98
CA ARG A 189 6.23 33.68 -36.19
C ARG A 189 7.64 34.33 -36.07
N GLN A 190 8.50 33.81 -35.21
CA GLN A 190 9.67 34.55 -34.77
C GLN A 190 10.99 33.92 -35.08
N ARG A 191 11.01 32.64 -35.41
CA ARG A 191 12.28 31.99 -35.71
C ARG A 191 13.07 32.74 -36.82
N GLN A 192 12.35 33.19 -37.82
CA GLN A 192 12.95 33.94 -38.96
C GLN A 192 13.73 35.23 -38.57
N LEU A 193 13.59 35.75 -37.35
CA LEU A 193 14.33 36.96 -36.98
C LEU A 193 15.82 36.76 -37.10
N ASP A 194 16.31 35.60 -36.68
CA ASP A 194 17.76 35.37 -36.53
C ASP A 194 17.99 33.96 -36.04
N ASP A 195 19.14 33.42 -36.41
CA ASP A 195 19.57 32.13 -35.88
C ASP A 195 19.62 32.17 -34.31
N PHE A 196 20.08 33.28 -33.75
CA PHE A 196 20.06 33.51 -32.32
C PHE A 196 18.77 34.25 -32.03
N THR A 197 17.64 33.52 -32.12
CA THR A 197 16.30 34.10 -32.01
C THR A 197 16.11 34.88 -30.70
N PHE A 198 16.48 34.29 -29.55
CA PHE A 198 16.28 35.00 -28.30
C PHE A 198 17.11 36.23 -28.11
N PRO A 199 18.41 36.15 -28.34
CA PRO A 199 19.22 37.36 -28.34
C PRO A 199 18.63 38.44 -29.26
N CYS A 200 18.12 38.04 -30.44
CA CYS A 200 17.45 38.97 -31.33
C CYS A 200 16.19 39.58 -30.77
N LEU A 201 15.34 38.81 -30.11
CA LEU A 201 14.15 39.39 -29.43
C LEU A 201 14.47 40.45 -28.37
N PHE A 202 15.56 40.27 -27.64
CA PHE A 202 16.01 41.24 -26.65
C PHE A 202 16.78 42.42 -27.23
N ALA A 203 17.51 42.20 -28.31
CA ALA A 203 18.07 43.29 -29.11
C ALA A 203 16.97 44.21 -29.65
N LYS A 204 15.87 43.59 -30.08
CA LYS A 204 14.67 44.28 -30.52
C LYS A 204 14.04 45.14 -29.43
N ARG A 205 13.89 44.59 -28.23
CA ARG A 205 13.49 45.41 -27.08
C ARG A 205 14.46 46.56 -26.83
N MET A 206 15.76 46.26 -26.78
CA MET A 206 16.77 47.27 -26.49
C MET A 206 16.79 48.42 -27.48
N LYS A 207 16.57 48.10 -28.76
CA LYS A 207 16.37 49.15 -29.78
C LYS A 207 15.23 50.13 -29.40
N TYR A 208 14.08 49.59 -29.04
CA TYR A 208 12.93 50.42 -28.66
C TYR A 208 13.23 51.20 -27.35
N ILE A 209 13.82 50.51 -26.40
CA ILE A 209 14.26 51.09 -25.16
C ILE A 209 15.19 52.30 -25.39
N ALA A 210 16.22 52.11 -26.22
CA ALA A 210 17.22 53.16 -26.53
C ALA A 210 16.60 54.36 -27.28
N GLU A 211 15.70 54.05 -28.21
CA GLU A 211 14.89 55.08 -28.92
C GLU A 211 14.03 55.92 -27.98
N HIS A 212 13.55 55.33 -26.89
CA HIS A 212 12.77 56.11 -25.90
C HIS A 212 13.59 56.69 -24.77
N ASN A 213 14.90 56.48 -24.80
CA ASN A 213 15.83 56.83 -23.75
C ASN A 213 15.34 56.29 -22.36
N HIS A 214 14.81 55.07 -22.33
CA HIS A 214 14.33 54.48 -21.11
C HIS A 214 15.51 54.10 -20.25
N PHE A 215 16.50 53.46 -20.87
CA PHE A 215 17.85 53.34 -20.33
C PHE A 215 18.78 53.14 -21.51
N THR A 216 20.08 53.07 -21.26
CA THR A 216 21.07 53.09 -22.31
C THR A 216 21.94 51.82 -22.35
N MET A 217 22.69 51.69 -23.43
CA MET A 217 23.68 50.61 -23.54
C MET A 217 24.82 50.71 -22.55
N GLU A 218 25.11 51.92 -22.10
CA GLU A 218 26.00 52.13 -20.97
C GLU A 218 25.46 51.47 -19.69
N ASP A 219 24.19 51.68 -19.42
CA ASP A 219 23.54 51.11 -18.25
C ASP A 219 23.57 49.58 -18.29
N THR A 220 23.33 48.99 -19.46
CA THR A 220 23.40 47.55 -19.58
C THR A 220 24.86 47.06 -19.39
N ALA A 221 25.85 47.87 -19.82
CA ALA A 221 27.26 47.57 -19.58
C ALA A 221 27.56 47.58 -18.08
N ARG A 222 26.93 48.49 -17.31
CA ARG A 222 27.05 48.51 -15.85
C ARG A 222 26.46 47.26 -15.14
N VAL A 223 25.37 46.72 -15.67
CA VAL A 223 24.79 45.47 -15.21
C VAL A 223 25.79 44.34 -15.40
N ALA A 224 26.33 44.23 -16.62
CA ALA A 224 27.32 43.17 -16.88
C ALA A 224 28.53 43.30 -15.96
N ALA A 225 29.02 44.54 -15.72
CA ALA A 225 30.23 44.78 -14.84
C ALA A 225 29.93 44.27 -13.42
N LYS A 226 28.72 44.55 -12.95
CA LYS A 226 28.28 44.09 -11.61
C LYS A 226 28.21 42.54 -11.54
N ALA A 227 27.57 41.95 -12.53
CA ALA A 227 27.43 40.48 -12.60
C ALA A 227 28.80 39.80 -12.57
N TYR A 228 29.71 40.26 -13.39
CA TYR A 228 31.05 39.65 -13.44
C TYR A 228 31.89 39.85 -12.20
N ALA A 229 31.79 41.01 -11.55
CA ALA A 229 32.44 41.24 -10.26
C ALA A 229 31.87 40.31 -9.17
N ASN A 230 30.54 40.13 -9.17
CA ASN A 230 29.92 39.19 -8.26
C ASN A 230 30.32 37.74 -8.53
N GLY A 231 30.30 37.33 -9.80
CA GLY A 231 30.75 35.98 -10.16
C GLY A 231 32.19 35.69 -9.80
N ASN A 232 33.03 36.73 -9.81
CA ASN A 232 34.47 36.58 -9.41
C ASN A 232 34.62 36.22 -7.93
N LYS A 233 33.58 36.47 -7.14
CA LYS A 233 33.51 36.01 -5.76
C LYS A 233 32.83 34.63 -5.53
N ASN A 234 32.45 33.94 -6.62
CA ASN A 234 31.58 32.77 -6.57
C ASN A 234 32.18 31.60 -7.32
N PRO A 235 32.78 30.66 -6.58
CA PRO A 235 33.45 29.51 -7.27
C PRO A 235 32.56 28.61 -8.08
N LEU A 236 31.23 28.59 -7.84
CA LEU A 236 30.27 27.84 -8.68
C LEU A 236 29.94 28.51 -10.03
N ALA A 237 30.30 29.79 -10.20
CA ALA A 237 29.97 30.56 -11.39
C ALA A 237 30.74 30.12 -12.63
N HIS A 238 29.98 29.90 -13.70
CA HIS A 238 30.52 29.63 -15.05
C HIS A 238 31.67 30.59 -15.40
N MET A 239 31.46 31.91 -15.18
CA MET A 239 32.45 32.94 -15.49
C MET A 239 33.29 33.42 -14.28
N HIS A 240 33.36 32.60 -13.25
CA HIS A 240 34.15 32.91 -12.09
C HIS A 240 35.53 33.51 -12.39
N THR A 241 36.22 32.94 -13.35
CA THR A 241 37.61 33.36 -13.60
C THR A 241 37.69 34.52 -14.58
N ARG A 242 36.57 34.94 -15.17
CA ARG A 242 36.56 36.02 -16.17
C ARG A 242 36.32 37.39 -15.49
N LYS A 243 37.30 38.27 -15.62
CA LYS A 243 37.27 39.62 -15.08
C LYS A 243 36.96 40.61 -16.20
N LEU A 244 35.86 41.36 -16.07
CA LEU A 244 35.47 42.37 -17.07
C LEU A 244 35.22 43.75 -16.43
N THR A 245 35.83 44.77 -16.98
CA THR A 245 35.60 46.14 -16.54
C THR A 245 34.38 46.69 -17.25
N PHE A 246 33.86 47.80 -16.69
CA PHE A 246 32.81 48.55 -17.34
C PHE A 246 33.14 48.87 -18.80
N GLU A 247 34.38 49.29 -19.06
CA GLU A 247 34.88 49.61 -20.40
C GLU A 247 34.79 48.45 -21.37
N GLN A 248 35.19 47.26 -20.92
CA GLN A 248 35.07 46.03 -21.74
C GLN A 248 33.59 45.73 -22.03
N CYS A 249 32.74 45.86 -21.02
CA CYS A 249 31.34 45.55 -21.19
C CYS A 249 30.66 46.58 -22.08
N ASN A 250 31.22 47.79 -22.12
CA ASN A 250 30.64 48.83 -22.92
C ASN A 250 31.11 48.87 -24.39
N GLY A 251 31.85 47.85 -24.85
CA GLY A 251 32.24 47.70 -26.27
C GLY A 251 33.67 48.06 -26.68
N GLU A 252 34.53 48.34 -25.70
CA GLU A 252 35.88 48.87 -25.93
C GLU A 252 36.90 47.73 -26.06
N ASP A 253 36.57 46.54 -25.54
CA ASP A 253 37.25 45.29 -25.91
C ASP A 253 36.72 44.78 -27.28
N PRO A 254 37.60 44.69 -28.32
CA PRO A 254 37.13 44.23 -29.65
C PRO A 254 36.75 42.74 -29.71
N SER A 255 37.13 41.94 -28.71
CA SER A 255 36.51 40.62 -28.56
C SER A 255 34.99 40.65 -28.16
N ASN A 256 34.49 41.82 -27.72
CA ASN A 256 33.08 41.98 -27.31
C ASN A 256 32.17 42.37 -28.48
N VAL A 257 31.86 41.37 -29.28
CA VAL A 257 31.33 41.60 -30.60
C VAL A 257 29.82 41.81 -30.58
N LYS A 258 29.36 42.65 -31.51
CA LYS A 258 27.96 42.69 -31.89
C LYS A 258 27.70 41.61 -32.92
N PHE A 259 27.28 40.47 -32.42
CA PHE A 259 27.28 39.17 -33.18
C PHE A 259 26.04 38.82 -33.95
N LEU A 260 24.94 39.52 -33.77
CA LEU A 260 23.69 39.12 -34.46
C LEU A 260 23.83 39.32 -35.97
N GLY A 261 23.13 38.47 -36.72
CA GLY A 261 22.98 38.58 -38.19
C GLY A 261 21.94 39.59 -38.65
N ASN A 262 20.92 39.81 -37.83
CA ASN A 262 19.80 40.66 -38.24
C ASN A 262 20.26 42.14 -38.20
N GLU A 263 20.38 42.74 -39.39
CA GLU A 263 20.95 44.12 -39.54
C GLU A 263 20.09 45.19 -38.85
N THR A 264 18.81 44.93 -38.69
CA THR A 264 17.90 45.87 -38.00
C THR A 264 18.26 46.02 -36.51
N TYR A 265 18.70 44.93 -35.88
CA TYR A 265 18.82 44.88 -34.40
C TYR A 265 20.23 44.68 -33.91
N LYS A 266 21.15 44.46 -34.83
CA LYS A 266 22.46 43.98 -34.42
C LYS A 266 23.29 44.98 -33.60
N GLU A 267 23.04 46.29 -33.78
CA GLU A 267 23.74 47.31 -33.02
C GLU A 267 23.41 47.35 -31.52
N TYR A 268 22.37 46.64 -31.08
CA TYR A 268 21.89 46.75 -29.67
C TYR A 268 22.22 45.57 -28.74
N LEU A 269 23.13 44.67 -29.14
CA LEU A 269 23.46 43.53 -28.29
C LEU A 269 24.92 43.14 -28.50
N ARG A 270 25.68 43.20 -27.43
CA ARG A 270 27.06 42.74 -27.42
C ARG A 270 27.06 41.33 -26.82
N MET A 271 28.17 40.63 -27.01
CA MET A 271 28.33 39.31 -26.35
C MET A 271 28.19 39.36 -24.81
N THR A 272 28.80 40.35 -24.15
CA THR A 272 28.75 40.48 -22.69
C THR A 272 27.38 40.83 -22.15
N ASP A 273 26.47 41.23 -23.04
CA ASP A 273 25.09 41.40 -22.66
C ASP A 273 24.31 40.09 -22.51
N CYS A 274 24.88 38.95 -22.87
CA CYS A 274 24.15 37.67 -22.95
C CYS A 274 24.45 36.72 -21.81
N SER A 275 23.42 36.01 -21.36
CA SER A 275 23.60 34.89 -20.42
C SER A 275 24.45 33.81 -21.02
N GLN A 276 25.01 32.96 -20.17
CA GLN A 276 25.91 31.90 -20.64
C GLN A 276 25.14 30.65 -21.06
N VAL A 277 25.73 29.87 -21.95
CA VAL A 277 25.24 28.54 -22.37
C VAL A 277 25.90 27.61 -21.35
N SER A 278 25.15 27.12 -20.41
CA SER A 278 25.74 26.40 -19.25
C SER A 278 25.07 25.05 -19.06
N ASP A 279 25.79 24.16 -18.38
CA ASP A 279 25.25 22.93 -17.86
C ASP A 279 25.27 23.04 -16.34
N GLY A 280 24.22 22.56 -15.71
CA GLY A 280 24.19 22.46 -14.26
C GLY A 280 22.82 22.08 -13.75
N GLY A 281 22.74 22.01 -12.42
CA GLY A 281 21.52 21.65 -11.73
C GLY A 281 21.42 22.35 -10.40
N ALA A 282 20.17 22.43 -9.96
CA ALA A 282 19.80 22.96 -8.65
C ALA A 282 18.58 22.26 -8.13
N GLY A 283 18.60 22.01 -6.84
CA GLY A 283 17.55 21.32 -6.14
C GLY A 283 17.19 21.90 -4.81
N VAL A 284 15.96 21.66 -4.39
CA VAL A 284 15.48 22.18 -3.13
C VAL A 284 14.47 21.11 -2.58
N VAL A 285 14.52 20.92 -1.26
CA VAL A 285 13.55 20.13 -0.50
C VAL A 285 12.59 21.07 0.17
N LEU A 286 11.32 20.85 -0.10
CA LEU A 286 10.23 21.68 0.44
C LEU A 286 9.40 20.83 1.36
N ALA A 287 8.91 21.41 2.43
CA ALA A 287 8.10 20.67 3.42
C ALA A 287 6.98 21.54 3.93
N ASN A 288 5.85 20.92 4.25
CA ASN A 288 4.84 21.56 5.05
C ASN A 288 5.06 21.26 6.56
N GLU A 289 4.15 21.70 7.41
CA GLU A 289 4.31 21.50 8.88
C GLU A 289 4.34 20.01 9.27
N GLU A 290 3.53 19.20 8.59
CA GLU A 290 3.59 17.75 8.76
C GLU A 290 4.92 17.14 8.29
N GLY A 291 5.44 17.59 7.15
CA GLY A 291 6.79 17.20 6.73
C GLY A 291 7.89 17.49 7.73
N LEU A 292 7.84 18.71 8.32
CA LEU A 292 8.84 19.08 9.34
C LEU A 292 8.77 18.10 10.53
N ARG A 293 7.54 17.86 11.00
CA ARG A 293 7.29 16.89 12.08
C ARG A 293 7.91 15.53 11.74
N LYS A 294 7.77 15.07 10.50
CA LYS A 294 8.36 13.78 10.12
C LYS A 294 9.85 13.80 10.12
N MET A 295 10.41 14.95 9.80
CA MET A 295 11.86 15.10 9.78
C MET A 295 12.41 15.36 11.15
N GLY A 296 11.57 15.57 12.14
CA GLY A 296 12.03 15.90 13.48
C GLY A 296 12.43 17.37 13.67
N LEU A 297 11.86 18.28 12.86
CA LEU A 297 12.24 19.69 12.90
C LEU A 297 11.05 20.51 13.36
N SER A 298 11.39 21.56 14.10
CA SER A 298 10.44 22.60 14.49
C SER A 298 10.32 23.63 13.40
N PRO A 299 9.15 24.30 13.27
CA PRO A 299 9.04 25.41 12.32
C PRO A 299 9.97 26.60 12.57
N ASN A 300 10.60 26.68 13.73
CA ASN A 300 11.57 27.75 13.97
C ASN A 300 12.99 27.31 13.85
N ASP A 301 13.22 26.11 13.36
CA ASP A 301 14.59 25.64 13.17
C ASP A 301 15.41 26.55 12.27
N SER A 302 16.65 26.83 12.69
CA SER A 302 17.49 27.83 12.02
C SER A 302 17.97 27.47 10.60
N ARG A 303 17.80 26.21 10.21
CA ARG A 303 18.03 25.80 8.84
C ARG A 303 16.84 26.11 7.85
N LEU A 304 15.69 26.60 8.32
CA LEU A 304 14.52 26.80 7.43
C LEU A 304 14.40 28.23 6.87
N VAL A 305 13.79 28.30 5.69
CA VAL A 305 13.28 29.58 5.13
C VAL A 305 11.83 29.29 4.77
N GLU A 306 10.93 30.21 5.10
CA GLU A 306 9.57 30.08 4.73
C GLU A 306 9.37 30.69 3.31
N ILE A 307 8.63 29.98 2.45
CA ILE A 307 8.16 30.56 1.22
C ILE A 307 6.83 31.19 1.57
N LYS A 308 6.80 32.51 1.70
CA LYS A 308 5.58 33.20 2.12
C LYS A 308 4.54 33.20 1.05
N SER A 309 4.98 33.31 -0.20
CA SER A 309 4.06 33.31 -1.34
C SER A 309 4.81 32.93 -2.57
N ILE A 310 4.06 32.41 -3.51
CA ILE A 310 4.57 32.17 -4.88
C ILE A 310 3.44 32.41 -5.85
N ALA A 311 3.75 32.97 -7.02
CA ALA A 311 2.70 33.23 -7.99
C ALA A 311 3.25 33.05 -9.41
N CYS A 312 2.34 32.75 -10.32
CA CYS A 312 2.64 32.52 -11.74
C CYS A 312 1.70 33.33 -12.61
N ALA A 313 2.21 34.01 -13.62
CA ALA A 313 1.44 34.70 -14.60
C ALA A 313 1.98 34.39 -15.97
N VAL A 314 1.04 34.16 -16.88
CA VAL A 314 1.36 33.81 -18.24
C VAL A 314 0.55 34.66 -19.23
N SER A 315 1.22 35.14 -20.25
CA SER A 315 0.63 35.96 -21.29
C SER A 315 0.58 35.17 -22.60
N ASN A 316 0.34 35.85 -23.72
CA ASN A 316 -0.01 35.23 -25.00
C ASN A 316 1.25 35.06 -25.82
N LEU A 317 1.59 33.81 -26.11
CA LEU A 317 2.77 33.50 -26.92
C LEU A 317 2.72 34.16 -28.31
N TYR A 318 1.53 34.33 -28.86
CA TYR A 318 1.33 34.75 -30.25
C TYR A 318 1.30 36.24 -30.50
N GLU A 319 1.25 37.03 -29.44
CA GLU A 319 1.10 38.51 -29.56
C GLU A 319 2.01 39.16 -28.55
N ASP A 320 2.65 40.24 -28.96
CA ASP A 320 3.60 40.97 -28.11
C ASP A 320 3.02 42.36 -27.79
N PRO A 321 3.16 42.82 -26.54
CA PRO A 321 2.77 44.21 -26.31
C PRO A 321 3.69 45.21 -27.07
N ASP A 322 3.13 46.38 -27.43
CA ASP A 322 3.87 47.43 -28.09
C ASP A 322 4.99 47.99 -27.21
N ASP A 323 4.74 48.12 -25.91
CA ASP A 323 5.70 48.72 -25.04
C ASP A 323 6.80 47.75 -24.59
N ALA A 324 7.89 47.76 -25.34
CA ALA A 324 9.04 46.93 -25.03
C ALA A 324 9.81 47.38 -23.77
N CYS A 325 9.51 48.58 -23.24
CA CYS A 325 10.11 49.06 -22.01
C CYS A 325 9.52 48.42 -20.76
N CYS A 326 8.50 47.58 -20.88
CA CYS A 326 7.85 46.99 -19.75
C CYS A 326 7.71 45.47 -19.93
N MET A 327 8.07 44.72 -18.88
CA MET A 327 7.82 43.31 -18.82
C MET A 327 6.53 43.06 -18.02
N PHE A 328 5.40 43.16 -18.75
CA PHE A 328 4.08 43.17 -18.14
C PHE A 328 3.79 41.89 -17.35
N THR A 329 4.19 40.75 -17.89
CA THR A 329 3.88 39.43 -17.27
C THR A 329 4.68 39.22 -16.00
N SER A 330 5.97 39.52 -16.04
CA SER A 330 6.86 39.51 -14.87
C SER A 330 6.35 40.45 -13.77
N ARG A 331 5.90 41.61 -14.18
CA ARG A 331 5.34 42.53 -13.22
C ARG A 331 4.08 41.99 -12.56
N GLN A 332 3.18 41.38 -13.34
CA GLN A 332 1.95 40.75 -12.79
C GLN A 332 2.28 39.68 -11.73
N ALA A 333 3.24 38.83 -12.06
CA ALA A 333 3.63 37.76 -11.10
C ALA A 333 4.26 38.34 -9.83
N ALA A 334 5.13 39.34 -9.96
CA ALA A 334 5.76 39.93 -8.79
C ALA A 334 4.72 40.63 -7.92
N GLN A 335 3.82 41.37 -8.54
CA GLN A 335 2.71 42.04 -7.80
C GLN A 335 1.83 41.05 -7.08
N LYS A 336 1.45 39.94 -7.71
CA LYS A 336 0.64 38.88 -7.06
C LYS A 336 1.38 38.30 -5.83
N ALA A 337 2.68 37.97 -6.00
CA ALA A 337 3.46 37.42 -4.91
C ALA A 337 3.63 38.39 -3.73
N LEU A 338 3.98 39.65 -4.02
CA LEU A 338 4.18 40.62 -2.96
C LEU A 338 2.89 40.92 -2.18
N SER A 339 1.80 41.06 -2.91
CA SER A 339 0.46 41.18 -2.33
C SER A 339 0.07 40.00 -1.46
N MET A 340 0.24 38.77 -1.94
CA MET A 340 -0.05 37.60 -1.13
C MET A 340 0.82 37.57 0.11
N ALA A 341 2.06 38.02 0.03
CA ALA A 341 2.95 38.04 1.21
C ALA A 341 2.74 39.30 2.07
N ASN A 342 1.93 40.24 1.58
CA ASN A 342 1.61 41.47 2.28
C ASN A 342 2.86 42.30 2.51
N ILE A 343 3.76 42.38 1.52
CA ILE A 343 4.94 43.24 1.65
C ILE A 343 4.98 44.15 0.45
N LYS A 344 5.83 45.17 0.53
CA LYS A 344 6.11 46.07 -0.57
C LYS A 344 7.50 45.79 -1.05
N PRO A 345 7.79 46.15 -2.31
CA PRO A 345 9.14 46.01 -2.82
C PRO A 345 10.23 46.65 -1.96
N SER A 346 9.95 47.79 -1.34
CA SER A 346 10.94 48.45 -0.49
C SER A 346 11.27 47.65 0.80
N ASP A 347 10.41 46.70 1.18
CA ASP A 347 10.70 45.75 2.29
C ASP A 347 11.78 44.69 1.98
N LEU A 348 12.09 44.47 0.70
CA LEU A 348 13.03 43.41 0.34
C LEU A 348 14.48 43.73 0.76
N ASN A 349 15.20 42.76 1.29
CA ASN A 349 16.60 42.90 1.62
C ASN A 349 17.50 42.30 0.58
N VAL A 350 16.96 41.41 -0.25
CA VAL A 350 17.73 40.74 -1.32
C VAL A 350 16.77 40.28 -2.43
N ALA A 351 17.28 40.22 -3.65
CA ALA A 351 16.53 39.66 -4.74
C ALA A 351 17.37 38.91 -5.75
N GLU A 352 16.73 37.95 -6.41
CA GLU A 352 17.27 37.24 -7.59
C GLU A 352 16.28 37.48 -8.75
N VAL A 353 16.79 37.98 -9.89
CA VAL A 353 15.96 38.28 -11.01
C VAL A 353 16.54 37.61 -12.23
N HIS A 354 15.67 37.45 -13.21
CA HIS A 354 15.98 36.73 -14.44
C HIS A 354 16.75 37.57 -15.46
N ASP A 355 18.06 37.68 -15.23
CA ASP A 355 18.96 38.45 -16.11
C ASP A 355 19.48 37.64 -17.32
N CYS A 356 18.58 37.18 -18.16
CA CYS A 356 19.00 36.38 -19.34
C CYS A 356 19.76 37.24 -20.35
N PHE A 357 19.50 38.55 -20.29
CA PHE A 357 20.37 39.56 -20.89
C PHE A 357 20.50 40.70 -19.84
N THR A 358 21.55 41.47 -19.93
CA THR A 358 21.67 42.73 -19.13
C THR A 358 20.41 43.61 -19.28
N ILE A 359 19.84 43.57 -20.48
CA ILE A 359 18.62 44.25 -20.84
C ILE A 359 17.45 43.80 -19.92
N ALA A 360 17.34 42.49 -19.71
CA ALA A 360 16.32 41.92 -18.85
C ALA A 360 16.46 42.25 -17.36
N GLU A 361 17.68 42.31 -16.79
CA GLU A 361 17.86 42.71 -15.42
C GLU A 361 17.30 44.10 -15.13
N MET A 362 17.59 45.04 -16.01
CA MET A 362 17.11 46.42 -15.90
C MET A 362 15.61 46.43 -15.87
N LEU A 363 14.98 45.72 -16.81
CA LEU A 363 13.52 45.64 -16.86
C LEU A 363 12.96 44.89 -15.64
N MET A 364 13.72 43.95 -15.11
CA MET A 364 13.28 43.20 -13.96
C MET A 364 13.29 44.06 -12.68
N TYR A 365 14.19 45.01 -12.56
CA TYR A 365 14.11 45.95 -11.46
C TYR A 365 12.74 46.63 -11.39
N GLU A 366 12.27 47.08 -12.53
CA GLU A 366 10.98 47.74 -12.67
C GLU A 366 9.78 46.77 -12.57
N ALA A 367 9.92 45.52 -13.06
CA ALA A 367 8.86 44.53 -12.91
C ALA A 367 8.66 44.15 -11.44
N LEU A 368 9.76 44.00 -10.72
CA LEU A 368 9.71 43.66 -9.29
C LEU A 368 9.20 44.83 -8.42
N GLY A 369 9.45 46.05 -8.89
CA GLY A 369 8.99 47.26 -8.23
C GLY A 369 10.04 47.90 -7.35
N ILE A 370 11.30 47.43 -7.37
CA ILE A 370 12.36 48.12 -6.61
C ILE A 370 12.78 49.43 -7.30
N ALA A 371 12.44 49.58 -8.57
CA ALA A 371 12.44 50.88 -9.25
C ALA A 371 11.10 51.16 -9.88
N GLU A 372 10.71 52.41 -9.94
CA GLU A 372 9.59 52.83 -10.79
C GLU A 372 9.93 52.71 -12.30
N TYR A 373 8.87 52.66 -13.12
CA TYR A 373 9.02 52.71 -14.57
C TYR A 373 9.96 53.89 -15.01
N GLY A 374 10.97 53.59 -15.81
CA GLY A 374 11.98 54.56 -16.20
C GLY A 374 13.07 54.89 -15.20
N HIS A 375 13.06 54.25 -14.03
CA HIS A 375 14.08 54.52 -13.00
C HIS A 375 15.04 53.38 -12.65
N ALA A 376 14.96 52.25 -13.35
CA ALA A 376 16.02 51.23 -13.18
C ALA A 376 17.41 51.84 -13.37
N LYS A 377 17.53 52.75 -14.34
CA LYS A 377 18.79 53.42 -14.59
C LYS A 377 19.39 54.15 -13.39
N ASP A 378 18.51 54.71 -12.55
CA ASP A 378 18.95 55.31 -11.29
C ASP A 378 19.59 54.27 -10.39
N LEU A 379 18.96 53.10 -10.28
CA LEU A 379 19.49 52.07 -9.38
C LEU A 379 20.89 51.64 -9.83
N ILE A 380 21.08 51.41 -11.14
CA ILE A 380 22.35 50.90 -11.64
C ILE A 380 23.47 51.95 -11.61
N ARG A 381 23.13 53.21 -11.89
CA ARG A 381 24.11 54.32 -11.89
C ARG A 381 24.59 54.64 -10.48
N ASN A 382 23.74 54.41 -9.48
CA ASN A 382 24.09 54.65 -8.07
C ASN A 382 24.60 53.45 -7.26
N GLY A 383 24.60 52.27 -7.82
CA GLY A 383 25.12 51.09 -7.12
C GLY A 383 24.17 50.46 -6.12
N ASP A 384 22.89 50.84 -6.18
CA ASP A 384 21.84 50.32 -5.28
C ASP A 384 21.62 48.78 -5.28
N THR A 385 22.01 48.12 -6.38
CA THR A 385 21.85 46.68 -6.48
C THR A 385 23.14 45.90 -6.40
N THR A 386 24.25 46.61 -6.12
CA THR A 386 25.53 45.92 -5.84
C THR A 386 25.47 45.30 -4.44
N LEU A 387 26.45 44.45 -4.15
CA LEU A 387 26.55 43.84 -2.85
C LEU A 387 26.53 44.89 -1.72
N GLU A 388 27.10 46.07 -1.94
CA GLU A 388 27.13 47.14 -0.94
C GLU A 388 25.88 48.00 -0.95
N GLY A 389 24.96 47.77 -1.87
CA GLY A 389 23.80 48.62 -2.01
C GLY A 389 22.69 48.28 -1.10
N ARG A 390 21.68 49.15 -1.09
CA ARG A 390 20.52 48.91 -0.23
C ARG A 390 19.64 47.73 -0.65
N ILE A 391 19.73 47.28 -1.92
CA ILE A 391 18.94 46.10 -2.34
C ILE A 391 19.78 45.26 -3.30
N PRO A 392 20.72 44.47 -2.76
CA PRO A 392 21.53 43.64 -3.65
C PRO A 392 20.66 42.69 -4.48
N VAL A 393 20.99 42.59 -5.77
CA VAL A 393 20.33 41.73 -6.74
C VAL A 393 21.39 40.85 -7.40
N ASN A 394 21.12 39.53 -7.51
CA ASN A 394 21.97 38.60 -8.24
C ASN A 394 23.42 38.61 -7.71
N THR A 395 23.48 38.34 -6.39
CA THR A 395 24.69 38.53 -5.59
C THR A 395 25.82 37.61 -6.04
N GLY A 396 25.49 36.42 -6.59
CA GLY A 396 26.48 35.43 -7.06
C GLY A 396 26.80 35.44 -8.55
N GLY A 397 26.28 36.41 -9.30
CA GLY A 397 26.63 36.57 -10.72
C GLY A 397 25.45 36.53 -11.70
N GLY A 398 24.32 36.10 -11.22
CA GLY A 398 23.13 35.93 -12.04
C GLY A 398 23.32 34.99 -13.24
N LEU A 399 22.41 35.06 -14.18
CA LEU A 399 22.53 34.31 -15.42
C LEU A 399 23.72 34.69 -16.28
N LEU A 400 24.17 35.94 -16.18
CA LEU A 400 25.30 36.46 -16.97
C LEU A 400 26.64 35.84 -16.57
N SER A 401 26.86 35.69 -15.27
CA SER A 401 28.14 35.21 -14.77
C SER A 401 28.01 33.84 -14.09
N PHE A 402 27.00 33.68 -13.24
CA PHE A 402 26.80 32.37 -12.56
C PHE A 402 26.53 31.33 -13.71
N GLY A 403 25.66 31.69 -14.63
CA GLY A 403 25.43 30.92 -15.86
C GLY A 403 23.97 30.58 -15.92
N HIS A 404 23.55 29.96 -17.01
CA HIS A 404 22.11 29.77 -17.25
C HIS A 404 21.80 28.38 -17.87
N PRO A 405 21.93 27.31 -17.06
CA PRO A 405 21.34 26.02 -17.45
C PRO A 405 19.80 26.15 -17.27
N VAL A 406 19.10 26.33 -18.36
CA VAL A 406 17.78 26.92 -18.35
C VAL A 406 16.81 26.36 -17.27
N GLY A 407 16.59 25.06 -17.25
CA GLY A 407 15.70 24.44 -16.25
C GLY A 407 16.10 24.59 -14.80
N ALA A 408 17.38 24.71 -14.53
CA ALA A 408 17.90 24.86 -13.18
C ALA A 408 17.68 26.28 -12.62
N THR A 409 17.63 27.27 -13.51
CA THR A 409 17.70 28.66 -13.07
C THR A 409 16.64 29.09 -12.01
N GLY A 410 15.38 28.74 -12.18
CA GLY A 410 14.36 29.09 -11.20
C GLY A 410 14.57 28.53 -9.79
N ILE A 411 15.17 27.34 -9.69
CA ILE A 411 15.51 26.75 -8.44
C ILE A 411 16.83 27.29 -7.91
N LYS A 412 17.83 27.57 -8.77
CA LYS A 412 19.04 28.28 -8.36
C LYS A 412 18.70 29.62 -7.68
N GLN A 413 17.76 30.38 -8.25
CA GLN A 413 17.38 31.67 -7.66
C GLN A 413 16.90 31.52 -6.19
N ILE A 414 15.97 30.58 -5.95
CA ILE A 414 15.47 30.23 -4.65
C ILE A 414 16.60 29.84 -3.71
N MET A 415 17.47 28.96 -4.14
CA MET A 415 18.60 28.53 -3.33
C MET A 415 19.65 29.61 -3.06
N GLU A 416 19.79 30.57 -3.96
CA GLU A 416 20.70 31.71 -3.74
C GLU A 416 20.24 32.60 -2.60
N VAL A 417 18.92 32.84 -2.58
CA VAL A 417 18.31 33.60 -1.51
C VAL A 417 18.41 32.82 -0.19
N TYR A 418 18.12 31.51 -0.22
CA TYR A 418 18.31 30.64 0.92
C TYR A 418 19.74 30.70 1.43
N ARG A 419 20.71 30.54 0.54
CA ARG A 419 22.12 30.62 0.94
C ARG A 419 22.53 31.96 1.63
N GLN A 420 22.09 33.09 1.08
CA GLN A 420 22.33 34.38 1.74
C GLN A 420 21.69 34.44 3.15
N MET A 421 20.45 33.95 3.25
CA MET A 421 19.67 33.98 4.50
C MET A 421 20.30 33.09 5.55
N LYS A 422 20.97 32.00 5.13
CA LYS A 422 21.68 31.12 6.03
C LYS A 422 23.22 31.46 6.19
N GLY A 423 23.72 32.53 5.59
CA GLY A 423 25.12 32.89 5.76
C GLY A 423 26.11 32.02 5.01
N GLN A 424 25.69 31.39 3.92
CA GLN A 424 26.49 30.31 3.30
C GLN A 424 27.27 30.73 2.04
N CYS A 425 27.21 32.01 1.67
CA CYS A 425 27.77 32.52 0.40
C CYS A 425 29.25 32.93 0.42
N GLU A 426 29.92 32.74 1.55
CA GLU A 426 31.39 32.94 1.65
C GLU A 426 31.82 34.33 1.13
N ALA A 427 32.59 34.42 0.04
CA ALA A 427 33.09 35.71 -0.45
C ALA A 427 32.02 36.68 -0.97
N TYR A 428 30.83 36.19 -1.36
CA TYR A 428 29.75 37.08 -1.72
C TYR A 428 28.60 37.17 -0.72
N GLN A 429 28.84 36.76 0.54
CA GLN A 429 27.88 36.85 1.60
C GLN A 429 27.62 38.29 1.93
N MET A 430 26.33 38.61 2.03
CA MET A 430 25.91 39.94 2.42
C MET A 430 26.18 39.99 3.93
N LYS A 431 26.62 41.15 4.36
CA LYS A 431 27.03 41.40 5.75
C LYS A 431 25.87 41.49 6.71
N LYS A 432 24.74 41.97 6.20
CA LYS A 432 23.50 42.08 6.95
C LYS A 432 22.69 40.90 6.37
N ILE A 433 22.51 39.86 7.20
CA ILE A 433 21.71 38.72 6.82
C ILE A 433 20.30 39.20 6.37
N PRO A 434 19.88 38.87 5.14
CA PRO A 434 18.59 39.34 4.69
C PRO A 434 17.40 38.62 5.39
N ALA A 435 16.46 39.38 5.87
CA ALA A 435 15.23 38.87 6.47
C ALA A 435 14.16 38.47 5.40
N LEU A 436 14.02 39.28 4.34
CA LEU A 436 13.05 39.06 3.29
C LEU A 436 13.75 39.08 1.93
N GLY A 437 13.38 38.11 1.08
CA GLY A 437 13.86 38.04 -0.28
C GLY A 437 12.80 37.72 -1.31
N ALA A 438 13.08 38.05 -2.57
CA ALA A 438 12.20 37.71 -3.67
C ALA A 438 12.97 37.19 -4.84
N THR A 439 12.29 36.36 -5.62
CA THR A 439 12.82 35.84 -6.88
C THR A 439 11.83 36.15 -7.97
N LEU A 440 12.35 36.35 -9.17
CA LEU A 440 11.53 36.52 -10.35
C LEU A 440 12.20 35.78 -11.51
N ASN A 441 11.50 34.83 -12.05
CA ASN A 441 11.96 33.83 -13.00
C ASN A 441 11.04 33.97 -14.23
N MET A 442 11.64 34.06 -15.40
CA MET A 442 10.90 34.38 -16.60
C MET A 442 11.21 33.36 -17.67
N GLY A 443 10.16 33.03 -18.42
CA GLY A 443 10.25 32.14 -19.58
C GLY A 443 9.92 32.90 -20.82
N GLY A 444 10.75 32.73 -21.83
CA GLY A 444 10.53 33.28 -23.15
C GLY A 444 10.64 34.80 -23.07
N ASP A 445 10.00 35.47 -24.01
CA ASP A 445 10.09 36.94 -24.04
C ASP A 445 8.97 37.42 -23.15
N ASP A 446 9.18 37.29 -21.83
CA ASP A 446 8.19 37.67 -20.82
C ASP A 446 6.83 37.05 -21.04
N LYS A 447 6.80 35.77 -21.41
CA LYS A 447 5.50 35.10 -21.61
C LYS A 447 5.10 34.29 -20.39
N THR A 448 6.08 33.75 -19.67
CA THR A 448 5.84 33.12 -18.37
C THR A 448 6.67 33.78 -17.29
N ALA A 449 6.05 34.01 -16.15
CA ALA A 449 6.74 34.50 -15.00
C ALA A 449 6.32 33.82 -13.72
N VAL A 450 7.30 33.56 -12.90
CA VAL A 450 7.07 33.00 -11.56
C VAL A 450 7.81 33.84 -10.56
N SER A 451 7.13 34.21 -9.50
CA SER A 451 7.78 35.02 -8.48
C SER A 451 7.44 34.51 -7.07
N ALA A 452 8.43 34.48 -6.19
CA ALA A 452 8.27 33.99 -4.84
C ALA A 452 8.84 34.93 -3.83
N VAL A 453 8.20 34.99 -2.66
CA VAL A 453 8.73 35.80 -1.52
C VAL A 453 9.14 34.82 -0.43
N LEU A 454 10.38 35.00 0.02
CA LEU A 454 10.99 34.18 1.00
C LEU A 454 11.19 34.98 2.29
N GLN A 455 11.00 34.31 3.43
CA GLN A 455 11.22 34.94 4.73
C GLN A 455 12.10 34.03 5.57
N ASN A 456 13.15 34.63 6.09
CA ASN A 456 14.14 33.91 6.84
C ASN A 456 13.55 33.49 8.22
N ILE A 457 13.98 32.34 8.73
CA ILE A 457 13.61 31.86 10.07
C ILE A 457 14.87 31.84 11.02
N ALA B 28 -11.01 17.25 2.77
CA ALA B 28 -10.87 16.89 1.32
C ALA B 28 -11.98 17.53 0.47
N SER B 29 -11.56 18.41 -0.43
CA SER B 29 -12.43 19.04 -1.42
C SER B 29 -12.67 17.98 -2.51
N ARG B 30 -13.92 17.83 -2.89
CA ARG B 30 -14.30 16.95 -3.94
C ARG B 30 -13.97 17.63 -5.27
N VAL B 31 -13.69 16.81 -6.29
CA VAL B 31 -13.36 17.27 -7.63
C VAL B 31 -14.33 16.67 -8.65
N PHE B 32 -14.84 17.57 -9.49
CA PHE B 32 -15.87 17.23 -10.47
C PHE B 32 -15.40 17.59 -11.89
N ILE B 33 -15.68 16.68 -12.83
CA ILE B 33 -15.57 16.95 -14.24
C ILE B 33 -16.86 17.60 -14.63
N VAL B 34 -16.75 18.82 -15.16
CA VAL B 34 -17.90 19.60 -15.56
C VAL B 34 -18.20 19.39 -17.02
N GLY B 35 -17.18 19.09 -17.79
CA GLY B 35 -17.35 18.85 -19.21
C GLY B 35 -16.01 18.80 -19.88
N GLY B 36 -16.03 18.60 -21.19
CA GLY B 36 -14.80 18.50 -21.99
C GLY B 36 -15.10 18.29 -23.45
N HIS B 37 -14.02 18.04 -24.20
CA HIS B 37 -14.06 17.98 -25.61
C HIS B 37 -12.93 17.07 -26.10
N ILE B 38 -13.23 16.23 -27.07
CA ILE B 38 -12.21 15.49 -27.79
C ILE B 38 -12.32 15.88 -29.26
N THR B 39 -11.18 16.22 -29.88
CA THR B 39 -11.16 16.48 -31.30
C THR B 39 -11.22 15.16 -32.08
N PRO B 40 -11.57 15.21 -33.35
CA PRO B 40 -11.24 14.03 -34.15
C PRO B 40 -9.71 13.77 -34.07
N PHE B 41 -9.31 12.50 -34.02
CA PHE B 41 -7.92 12.16 -34.05
C PHE B 41 -7.60 11.77 -35.46
N VAL B 42 -6.56 12.38 -36.04
CA VAL B 42 -6.33 12.25 -37.48
C VAL B 42 -4.89 11.86 -37.81
N GLY B 43 -4.75 11.13 -38.90
CA GLY B 43 -3.47 10.74 -39.42
C GLY B 43 -3.70 9.90 -40.65
N LYS B 44 -2.61 9.30 -41.14
CA LYS B 44 -2.70 8.46 -42.35
C LYS B 44 -3.80 7.44 -42.18
N GLY B 45 -4.67 7.35 -43.18
CA GLY B 45 -5.78 6.38 -43.18
C GLY B 45 -7.11 6.96 -42.75
N SER B 46 -7.10 8.18 -42.25
CA SER B 46 -8.34 8.89 -41.96
C SER B 46 -8.76 9.75 -43.18
N PRO B 47 -10.07 9.75 -43.55
CA PRO B 47 -10.51 10.70 -44.60
C PRO B 47 -10.46 12.16 -44.17
N LEU B 48 -10.25 12.42 -42.89
CA LEU B 48 -10.05 13.80 -42.42
C LEU B 48 -8.61 14.31 -42.58
N PHE B 49 -7.67 13.40 -42.82
CA PHE B 49 -6.30 13.75 -42.98
C PHE B 49 -6.08 14.20 -44.43
N ILE B 50 -5.50 15.38 -44.60
CA ILE B 50 -5.26 15.92 -45.90
C ILE B 50 -3.97 15.28 -46.41
N ASP B 51 -4.16 14.38 -47.37
CA ASP B 51 -3.11 13.70 -48.10
C ASP B 51 -3.59 13.63 -49.56
N LYS B 52 -2.85 12.94 -50.43
CA LYS B 52 -3.17 12.80 -51.86
C LYS B 52 -4.63 12.41 -52.18
N LYS B 53 -5.27 11.63 -51.31
CA LYS B 53 -6.63 11.20 -51.49
C LYS B 53 -7.68 12.28 -51.15
N HIS B 54 -7.27 13.37 -50.53
CA HIS B 54 -8.23 14.33 -49.96
C HIS B 54 -8.56 15.47 -50.95
N PRO B 55 -9.84 15.90 -51.02
CA PRO B 55 -10.28 16.98 -51.93
C PRO B 55 -9.41 18.23 -51.86
N ASP B 56 -9.10 18.65 -50.64
CA ASP B 56 -8.24 19.81 -50.37
C ASP B 56 -6.74 19.63 -50.47
N PHE B 57 -6.24 18.49 -50.95
CA PHE B 57 -4.78 18.30 -51.07
C PHE B 57 -4.16 19.40 -51.91
N GLY B 58 -3.06 19.99 -51.45
CA GLY B 58 -2.44 21.12 -52.10
C GLY B 58 -3.07 22.48 -51.82
N LYS B 59 -4.32 22.52 -51.39
CA LYS B 59 -5.04 23.79 -51.20
C LYS B 59 -5.05 24.18 -49.71
N LYS B 60 -5.33 23.22 -48.82
CA LYS B 60 -5.34 23.43 -47.35
C LYS B 60 -4.40 22.44 -46.66
N LYS B 61 -3.92 22.82 -45.49
CA LYS B 61 -2.99 22.00 -44.75
C LYS B 61 -3.67 21.45 -43.52
N ASN B 62 -3.18 20.31 -43.06
CA ASN B 62 -3.55 19.74 -41.78
C ASN B 62 -3.33 20.75 -40.66
N MET B 63 -4.14 20.63 -39.60
CA MET B 63 -4.04 21.54 -38.46
C MET B 63 -2.68 21.48 -37.83
N THR B 64 -2.13 22.63 -37.47
CA THR B 64 -0.85 22.72 -36.75
C THR B 64 -1.13 22.45 -35.27
N LEU B 65 -0.08 22.26 -34.49
CA LEU B 65 -0.21 22.13 -33.04
C LEU B 65 -0.97 23.31 -32.41
N GLU B 66 -0.69 24.52 -32.89
CA GLU B 66 -1.39 25.71 -32.42
C GLU B 66 -2.86 25.67 -32.71
N GLU B 67 -3.22 25.22 -33.90
CA GLU B 67 -4.61 25.15 -34.31
C GLU B 67 -5.35 24.07 -33.53
N ILE B 68 -4.71 22.93 -33.32
CA ILE B 68 -5.31 21.88 -32.52
C ILE B 68 -5.52 22.31 -31.04
N LEU B 69 -4.51 22.94 -30.45
CA LEU B 69 -4.65 23.50 -29.11
C LEU B 69 -5.79 24.53 -29.06
N ALA B 70 -5.87 25.45 -30.04
CA ALA B 70 -6.99 26.39 -30.06
C ALA B 70 -8.37 25.70 -30.17
N THR B 71 -8.50 24.71 -31.05
CA THR B 71 -9.76 23.97 -31.19
C THR B 71 -10.09 23.25 -29.89
N THR B 72 -9.07 22.71 -29.22
CA THR B 72 -9.30 21.97 -27.98
C THR B 72 -9.71 22.86 -26.81
N VAL B 73 -9.02 23.99 -26.65
CA VAL B 73 -9.35 24.93 -25.57
C VAL B 73 -10.77 25.48 -25.82
N GLN B 74 -11.05 25.92 -27.03
CA GLN B 74 -12.36 26.51 -27.34
C GLN B 74 -13.52 25.50 -27.20
N GLY B 75 -13.32 24.28 -27.70
CA GLY B 75 -14.33 23.26 -27.58
C GLY B 75 -14.59 22.84 -26.14
N THR B 76 -13.53 22.74 -25.35
CA THR B 76 -13.65 22.41 -23.93
C THR B 76 -14.45 23.47 -23.17
N MET B 77 -14.12 24.75 -23.39
CA MET B 77 -14.85 25.86 -22.75
C MET B 77 -16.31 25.82 -23.17
N GLU B 78 -16.55 25.63 -24.46
CA GLU B 78 -17.90 25.58 -25.00
C GLU B 78 -18.73 24.44 -24.39
N HIS B 79 -18.23 23.21 -24.41
CA HIS B 79 -19.01 22.10 -23.86
C HIS B 79 -19.19 22.20 -22.36
N SER B 80 -18.30 22.85 -21.67
CA SER B 80 -18.41 22.96 -20.21
C SER B 80 -19.29 24.11 -19.73
N GLY B 81 -19.89 24.89 -20.62
CA GLY B 81 -20.75 25.99 -20.25
C GLY B 81 -20.00 27.25 -19.89
N LEU B 82 -18.73 27.37 -20.27
CA LEU B 82 -17.92 28.54 -19.92
C LEU B 82 -17.79 29.61 -21.00
N SER B 83 -18.40 29.41 -22.16
CA SER B 83 -18.32 30.40 -23.25
C SER B 83 -18.89 31.70 -22.73
N GLY B 84 -18.15 32.77 -22.93
CA GLY B 84 -18.55 34.05 -22.39
C GLY B 84 -18.16 34.33 -20.96
N ARG B 85 -17.66 33.34 -20.22
CA ARG B 85 -17.23 33.57 -18.84
C ARG B 85 -15.92 32.85 -18.52
N GLU B 86 -15.03 32.81 -19.50
CA GLU B 86 -13.80 32.01 -19.41
C GLU B 86 -12.87 32.57 -18.37
N GLY B 87 -13.04 33.84 -18.02
CA GLY B 87 -12.38 34.43 -16.90
C GLY B 87 -12.53 33.77 -15.54
N ILE B 88 -13.58 32.96 -15.33
CA ILE B 88 -13.70 32.20 -14.06
C ILE B 88 -12.76 30.97 -13.97
N VAL B 89 -12.16 30.56 -15.08
CA VAL B 89 -11.08 29.56 -15.04
C VAL B 89 -9.88 30.17 -14.31
N ASP B 90 -9.37 29.50 -13.30
CA ASP B 90 -8.25 30.02 -12.51
C ASP B 90 -6.90 29.62 -13.08
N GLN B 91 -6.82 28.44 -13.73
CA GLN B 91 -5.56 27.96 -14.23
C GLN B 91 -5.67 26.95 -15.35
N VAL B 92 -4.61 26.83 -16.14
CA VAL B 92 -4.57 25.96 -17.27
C VAL B 92 -3.30 25.09 -17.19
N VAL B 93 -3.44 23.80 -17.46
CA VAL B 93 -2.31 22.87 -17.53
C VAL B 93 -2.40 22.11 -18.85
N VAL B 94 -1.28 22.05 -19.55
CA VAL B 94 -1.19 21.45 -20.87
C VAL B 94 -0.31 20.19 -20.79
N GLY B 95 -0.86 19.07 -21.23
CA GLY B 95 -0.05 17.85 -21.42
C GLY B 95 0.43 17.80 -22.86
N ASN B 96 1.74 17.62 -23.04
CA ASN B 96 2.29 17.44 -24.33
C ASN B 96 3.65 16.81 -24.22
N PHE B 97 3.94 15.85 -25.07
CA PHE B 97 5.18 15.15 -24.96
C PHE B 97 6.29 15.72 -25.87
N LEU B 98 6.02 15.83 -27.19
CA LEU B 98 7.06 16.05 -28.19
C LEU B 98 6.84 17.20 -29.17
N GLY B 99 6.11 18.23 -28.77
CA GLY B 99 5.91 19.39 -29.59
C GLY B 99 7.20 20.09 -29.98
N GLU B 100 8.18 20.05 -29.08
CA GLU B 100 9.49 20.64 -29.32
CA GLU B 100 9.50 20.66 -29.36
C GLU B 100 10.23 19.96 -30.50
N LEU B 101 9.89 18.71 -30.77
CA LEU B 101 10.50 17.96 -31.88
C LEU B 101 9.62 17.99 -33.08
N PHE B 102 8.35 17.56 -32.96
CA PHE B 102 7.45 17.52 -34.13
C PHE B 102 7.02 18.89 -34.68
N SER B 103 6.91 19.90 -33.82
CA SER B 103 6.47 21.25 -34.21
C SER B 103 7.47 22.35 -33.89
N SER B 104 8.68 22.02 -33.47
CA SER B 104 9.68 22.99 -33.03
C SER B 104 9.15 24.00 -31.99
N GLN B 105 8.17 23.59 -31.19
CA GLN B 105 7.47 24.49 -30.27
C GLN B 105 7.37 23.87 -28.86
N GLY B 106 8.02 24.52 -27.93
CA GLY B 106 7.81 24.28 -26.49
C GLY B 106 6.93 25.37 -25.91
N HIS B 107 6.97 25.53 -24.61
CA HIS B 107 6.37 26.69 -23.96
C HIS B 107 4.92 26.79 -24.30
N LEU B 108 4.23 25.66 -24.13
CA LEU B 108 2.81 25.63 -24.49
C LEU B 108 1.84 26.31 -23.49
N GLY B 109 2.32 26.66 -22.30
CA GLY B 109 1.53 27.45 -21.35
C GLY B 109 0.99 28.73 -21.94
N PRO B 110 1.90 29.57 -22.42
CA PRO B 110 1.43 30.81 -23.11
C PRO B 110 0.76 30.61 -24.46
N ALA B 111 1.01 29.48 -25.12
CA ALA B 111 0.19 29.11 -26.29
C ALA B 111 -1.24 28.83 -25.90
N ALA B 112 -1.44 28.10 -24.79
CA ALA B 112 -2.79 27.88 -24.24
C ALA B 112 -3.48 29.20 -23.82
N ILE B 113 -2.75 30.10 -23.22
CA ILE B 113 -3.31 31.45 -22.89
C ILE B 113 -3.78 32.17 -24.13
N GLY B 114 -3.05 32.03 -25.24
CA GLY B 114 -3.44 32.63 -26.49
C GLY B 114 -4.44 31.84 -27.31
N SER B 115 -4.96 30.74 -26.81
CA SER B 115 -5.74 29.80 -27.61
C SER B 115 -7.24 30.15 -27.74
N LEU B 116 -7.72 30.95 -26.82
CA LEU B 116 -9.14 31.35 -26.81
C LEU B 116 -9.43 32.29 -27.96
N THR B 117 -8.45 33.14 -28.27
CA THR B 117 -8.57 34.18 -29.27
C THR B 117 -7.68 33.92 -30.50
N TYR B 118 -7.25 32.66 -30.72
CA TYR B 118 -6.26 32.35 -31.73
C TYR B 118 -6.69 32.86 -33.11
N GLY B 119 -5.80 33.61 -33.77
CA GLY B 119 -6.10 34.24 -35.08
C GLY B 119 -6.93 35.52 -35.05
N GLN B 120 -7.33 35.99 -33.87
CA GLN B 120 -8.04 37.28 -33.71
C GLN B 120 -7.15 38.21 -32.96
N ALA B 121 -6.18 38.77 -33.69
CA ALA B 121 -5.17 39.68 -33.14
C ALA B 121 -5.83 40.91 -32.51
N GLY B 122 -5.34 41.29 -31.33
CA GLY B 122 -5.90 42.40 -30.58
C GLY B 122 -7.17 42.14 -29.77
N SER B 123 -7.78 40.96 -29.88
CA SER B 123 -9.05 40.67 -29.18
C SER B 123 -8.84 40.63 -27.69
N LYS B 124 -9.91 40.78 -26.95
CA LYS B 124 -9.85 40.74 -25.50
C LYS B 124 -9.77 39.29 -25.04
N ASN B 125 -8.85 39.07 -24.09
CA ASN B 125 -8.47 37.73 -23.67
C ASN B 125 -8.66 37.56 -22.18
N PRO B 126 -9.79 36.93 -21.76
CA PRO B 126 -9.99 36.78 -20.32
C PRO B 126 -8.97 35.87 -19.59
N LEU B 127 -8.10 35.14 -20.30
CA LEU B 127 -7.11 34.28 -19.65
C LEU B 127 -5.76 34.97 -19.38
N MET B 128 -5.58 36.20 -19.88
CA MET B 128 -4.32 36.94 -19.66
C MET B 128 -3.90 36.94 -18.20
N TYR B 129 -2.64 36.58 -18.00
CA TYR B 129 -1.96 36.59 -16.69
C TYR B 129 -2.35 35.47 -15.73
N LYS B 130 -3.14 34.49 -16.18
CA LYS B 130 -3.49 33.31 -15.31
C LYS B 130 -2.32 32.35 -15.31
N PRO B 131 -2.25 31.47 -14.30
CA PRO B 131 -1.15 30.51 -14.30
C PRO B 131 -1.36 29.52 -15.41
N ALA B 132 -0.26 29.10 -16.01
CA ALA B 132 -0.29 28.02 -17.00
C ALA B 132 1.06 27.36 -17.05
N MET B 133 1.04 26.08 -17.37
CA MET B 133 2.29 25.36 -17.61
C MET B 133 2.02 24.12 -18.44
N ARG B 134 3.11 23.53 -18.90
CA ARG B 134 3.11 22.26 -19.59
C ARG B 134 3.72 21.21 -18.67
N VAL B 135 3.10 20.04 -18.61
CA VAL B 135 3.65 18.91 -17.85
C VAL B 135 3.90 17.78 -18.82
N GLU B 136 4.87 16.96 -18.47
CA GLU B 136 5.33 15.91 -19.39
C GLU B 136 5.76 14.64 -18.64
N GLY B 137 5.28 13.53 -19.12
CA GLY B 137 5.74 12.25 -18.66
C GLY B 137 5.39 11.26 -19.76
N ALA B 138 5.97 11.55 -20.93
CA ALA B 138 5.77 10.73 -22.10
C ALA B 138 4.28 10.57 -22.38
N ALA B 139 3.76 9.38 -22.62
CA ALA B 139 2.33 9.22 -22.91
C ALA B 139 1.40 9.36 -21.73
N ALA B 140 1.99 9.55 -20.54
CA ALA B 140 1.27 9.85 -19.35
C ALA B 140 1.14 11.36 -19.09
N SER B 141 1.56 12.18 -20.05
CA SER B 141 1.49 13.64 -19.96
C SER B 141 0.09 14.15 -19.69
N GLY B 142 -0.94 13.60 -20.36
CA GLY B 142 -2.33 14.01 -20.15
C GLY B 142 -2.87 13.67 -18.78
N GLY B 143 -2.52 12.48 -18.29
CA GLY B 143 -2.85 12.12 -16.93
C GLY B 143 -2.15 13.01 -15.88
N LEU B 144 -0.86 13.28 -16.07
CA LEU B 144 -0.15 14.18 -15.19
C LEU B 144 -0.72 15.61 -15.20
N ALA B 145 -1.28 16.03 -16.32
CA ALA B 145 -1.94 17.31 -16.40
C ALA B 145 -3.17 17.34 -15.50
N VAL B 146 -3.93 16.24 -15.48
CA VAL B 146 -5.10 16.15 -14.65
C VAL B 146 -4.71 16.17 -13.17
N ILE B 147 -3.68 15.42 -12.79
CA ILE B 147 -3.16 15.48 -11.43
C ILE B 147 -2.74 16.88 -10.99
N SER B 148 -2.02 17.62 -11.84
CA SER B 148 -1.57 18.97 -11.51
C SER B 148 -2.77 19.90 -11.30
N ALA B 149 -3.73 19.84 -12.18
CA ALA B 149 -5.01 20.55 -12.03
C ALA B 149 -5.74 20.22 -10.75
N MET B 150 -5.83 18.94 -10.41
CA MET B 150 -6.47 18.54 -9.14
C MET B 150 -5.74 18.99 -7.91
N ASN B 151 -4.42 18.96 -7.91
CA ASN B 151 -3.63 19.54 -6.78
C ASN B 151 -3.90 21.01 -6.60
N ALA B 152 -4.01 21.74 -7.69
CA ALA B 152 -4.35 23.16 -7.62
C ALA B 152 -5.77 23.38 -7.02
N LEU B 153 -6.75 22.51 -7.38
CA LEU B 153 -8.10 22.58 -6.84
C LEU B 153 -8.20 22.24 -5.37
N LYS B 154 -7.39 21.30 -4.90
CA LYS B 154 -7.41 20.88 -3.56
C LYS B 154 -6.51 21.77 -2.70
N SER B 155 -5.66 22.59 -3.27
CA SER B 155 -4.72 23.39 -2.48
C SER B 155 -5.27 24.76 -2.15
N GLY B 156 -6.43 25.09 -2.71
CA GLY B 156 -6.99 26.42 -2.57
C GLY B 156 -6.44 27.46 -3.51
N SER B 157 -5.45 27.16 -4.36
CA SER B 157 -5.07 28.18 -5.31
C SER B 157 -6.03 28.28 -6.53
N ALA B 158 -6.92 27.31 -6.75
CA ALA B 158 -7.86 27.36 -7.88
C ALA B 158 -9.18 26.72 -7.52
N ASP B 159 -10.27 27.22 -8.07
CA ASP B 159 -11.57 26.54 -7.97
C ASP B 159 -12.09 25.91 -9.27
N ILE B 160 -11.65 26.43 -10.43
CA ILE B 160 -11.95 25.87 -11.74
C ILE B 160 -10.61 25.82 -12.50
N THR B 161 -10.34 24.66 -13.10
CA THR B 161 -9.15 24.46 -13.86
C THR B 161 -9.47 23.84 -15.21
N LEU B 162 -8.63 24.13 -16.18
CA LEU B 162 -8.69 23.54 -17.49
C LEU B 162 -7.46 22.70 -17.66
N ALA B 163 -7.64 21.39 -17.94
CA ALA B 163 -6.56 20.54 -18.35
C ALA B 163 -6.73 20.12 -19.81
N VAL B 164 -5.71 20.39 -20.62
CA VAL B 164 -5.75 20.07 -22.09
C VAL B 164 -4.48 19.33 -22.48
N GLY B 165 -4.65 18.34 -23.36
CA GLY B 165 -3.56 17.53 -23.87
C GLY B 165 -3.65 17.57 -25.40
N VAL B 166 -2.50 17.75 -26.03
CA VAL B 166 -2.46 17.93 -27.48
C VAL B 166 -1.17 17.34 -28.02
N GLU B 167 -1.23 16.86 -29.26
CA GLU B 167 -0.06 16.31 -29.93
C GLU B 167 -0.24 16.38 -31.44
N VAL B 168 0.84 16.68 -32.14
CA VAL B 168 0.92 16.55 -33.57
C VAL B 168 2.17 15.69 -33.84
N GLN B 169 1.96 14.51 -34.40
CA GLN B 169 3.04 13.63 -34.80
C GLN B 169 3.08 13.33 -36.31
N THR B 170 2.19 13.89 -37.13
CA THR B 170 2.09 13.49 -38.57
C THR B 170 3.03 14.30 -39.42
N THR B 171 3.77 15.26 -38.81
CA THR B 171 4.75 16.08 -39.48
C THR B 171 6.08 15.38 -39.77
N ALA B 172 6.31 14.17 -39.27
CA ALA B 172 7.49 13.38 -39.64
C ALA B 172 7.05 11.99 -40.03
N SER B 173 7.91 11.26 -40.71
CA SER B 173 7.59 9.87 -41.04
C SER B 173 7.39 9.04 -39.75
N ALA B 174 6.76 7.89 -39.87
CA ALA B 174 6.68 6.96 -38.74
C ALA B 174 8.06 6.58 -38.15
N ARG B 175 9.08 6.46 -38.97
CA ARG B 175 10.47 6.13 -38.49
C ARG B 175 11.20 7.25 -37.76
N VAL B 176 11.11 8.47 -38.28
CA VAL B 176 11.65 9.64 -37.56
C VAL B 176 10.88 9.80 -36.25
N GLY B 177 9.54 9.64 -36.33
CA GLY B 177 8.66 9.73 -35.22
C GLY B 177 9.03 8.73 -34.13
N GLY B 178 9.48 7.54 -34.53
CA GLY B 178 9.97 6.53 -33.64
C GLY B 178 11.20 6.96 -32.85
N ASP B 179 12.13 7.67 -33.50
CA ASP B 179 13.26 8.22 -32.79
C ASP B 179 12.83 9.32 -31.80
N TYR B 180 11.85 10.11 -32.19
CA TYR B 180 11.32 11.10 -31.29
C TYR B 180 10.63 10.46 -30.06
N LEU B 181 9.81 9.46 -30.30
CA LEU B 181 9.16 8.72 -29.23
C LEU B 181 10.13 8.02 -28.32
N ALA B 182 11.29 7.65 -28.83
CA ALA B 182 12.34 7.05 -28.01
C ALA B 182 12.88 7.95 -26.86
N ARG B 183 12.60 9.24 -26.89
CA ARG B 183 12.73 10.13 -25.74
C ARG B 183 12.05 9.66 -24.48
N ALA B 184 11.04 8.81 -24.60
CA ALA B 184 10.38 8.21 -23.46
C ALA B 184 11.17 7.05 -22.87
N ALA B 185 12.09 6.48 -23.63
CA ALA B 185 12.91 5.35 -23.16
C ALA B 185 14.15 5.90 -22.50
N ASP B 186 14.98 5.00 -21.99
CA ASP B 186 16.35 5.36 -21.60
C ASP B 186 17.11 5.39 -22.89
N TYR B 187 17.25 6.61 -23.44
CA TYR B 187 17.68 6.76 -24.81
C TYR B 187 19.09 6.18 -25.06
N GLN B 188 20.06 6.57 -24.25
CA GLN B 188 21.43 6.00 -24.32
C GLN B 188 21.44 4.49 -24.27
N ARG B 189 20.60 3.90 -23.43
CA ARG B 189 20.61 2.44 -23.23
C ARG B 189 19.81 1.67 -24.31
N GLN B 190 18.68 2.23 -24.75
CA GLN B 190 17.67 1.48 -25.46
C GLN B 190 17.42 1.91 -26.91
N ARG B 191 17.90 3.08 -27.31
CA ARG B 191 17.67 3.56 -28.68
C ARG B 191 18.18 2.53 -29.74
N GLN B 192 19.34 1.95 -29.47
CA GLN B 192 19.96 0.96 -30.33
C GLN B 192 19.13 -0.29 -30.65
N LEU B 193 18.10 -0.64 -29.84
CA LEU B 193 17.27 -1.81 -30.15
C LEU B 193 16.71 -1.78 -31.54
N ASP B 194 16.22 -0.62 -31.99
CA ASP B 194 15.50 -0.49 -33.24
C ASP B 194 15.12 0.95 -33.48
N ASP B 195 15.04 1.33 -34.73
CA ASP B 195 14.55 2.66 -35.07
C ASP B 195 13.14 2.87 -34.46
N PHE B 196 12.31 1.84 -34.49
CA PHE B 196 11.02 1.90 -33.85
C PHE B 196 11.18 1.37 -32.43
N THR B 197 11.78 2.19 -31.58
CA THR B 197 12.25 1.78 -30.24
C THR B 197 11.13 1.29 -29.39
N PHE B 198 10.03 2.04 -29.34
CA PHE B 198 8.92 1.58 -28.53
C PHE B 198 8.27 0.29 -29.03
N PRO B 199 7.95 0.19 -30.34
CA PRO B 199 7.39 -1.07 -30.84
C PRO B 199 8.32 -2.22 -30.53
N CYS B 200 9.62 -1.97 -30.62
CA CYS B 200 10.60 -3.01 -30.25
C CYS B 200 10.59 -3.40 -28.76
N LEU B 201 10.46 -2.41 -27.84
CA LEU B 201 10.37 -2.73 -26.39
C LEU B 201 9.16 -3.64 -26.09
N PHE B 202 8.04 -3.38 -26.75
CA PHE B 202 6.84 -4.19 -26.55
C PHE B 202 6.88 -5.56 -27.27
N ALA B 203 7.52 -5.61 -28.44
CA ALA B 203 7.86 -6.90 -29.07
C ALA B 203 8.73 -7.78 -28.14
N LYS B 204 9.71 -7.14 -27.47
CA LYS B 204 10.60 -7.79 -26.51
C LYS B 204 9.82 -8.35 -25.30
N ARG B 205 8.90 -7.58 -24.76
CA ARG B 205 7.95 -8.11 -23.79
C ARG B 205 7.20 -9.32 -24.35
N MET B 206 6.62 -9.19 -25.56
CA MET B 206 5.80 -10.21 -26.15
C MET B 206 6.57 -11.52 -26.32
N LYS B 207 7.86 -11.42 -26.66
CA LYS B 207 8.68 -12.61 -26.76
C LYS B 207 8.76 -13.37 -25.40
N TYR B 208 8.98 -12.65 -24.31
CA TYR B 208 9.03 -13.26 -22.99
C TYR B 208 7.64 -13.81 -22.61
N ILE B 209 6.59 -13.01 -22.87
CA ILE B 209 5.21 -13.38 -22.66
C ILE B 209 4.85 -14.71 -23.38
N ALA B 210 5.16 -14.80 -24.66
CA ALA B 210 4.93 -15.99 -25.47
C ALA B 210 5.70 -17.24 -25.03
N GLU B 211 6.97 -17.06 -24.67
CA GLU B 211 7.80 -18.13 -24.08
C GLU B 211 7.21 -18.67 -22.75
N HIS B 212 6.57 -17.81 -21.95
CA HIS B 212 5.98 -18.25 -20.73
C HIS B 212 4.51 -18.68 -20.90
N ASN B 213 3.98 -18.64 -22.12
CA ASN B 213 2.57 -18.90 -22.43
C ASN B 213 1.62 -18.04 -21.56
N HIS B 214 1.99 -16.79 -21.28
CA HIS B 214 1.20 -15.92 -20.40
C HIS B 214 -0.03 -15.47 -21.19
N PHE B 215 0.17 -15.07 -22.46
CA PHE B 215 -0.89 -15.04 -23.47
C PHE B 215 -0.21 -15.13 -24.82
N THR B 216 -1.00 -15.16 -25.90
CA THR B 216 -0.48 -15.49 -27.23
C THR B 216 -0.67 -14.36 -28.23
N MET B 217 -0.05 -14.52 -29.41
CA MET B 217 -0.29 -13.59 -30.54
C MET B 217 -1.72 -13.63 -31.06
N GLU B 218 -2.39 -14.76 -30.90
CA GLU B 218 -3.82 -14.79 -31.15
C GLU B 218 -4.65 -13.94 -30.27
N ASP B 219 -4.29 -13.95 -28.99
CA ASP B 219 -4.95 -13.08 -28.03
C ASP B 219 -4.79 -11.60 -28.36
N THR B 220 -3.60 -11.21 -28.75
CA THR B 220 -3.33 -9.80 -29.13
C THR B 220 -4.07 -9.43 -30.41
N ALA B 221 -4.23 -10.40 -31.31
CA ALA B 221 -5.07 -10.23 -32.50
C ALA B 221 -6.50 -9.95 -32.11
N ARG B 222 -6.99 -10.65 -31.08
CA ARG B 222 -8.40 -10.44 -30.61
C ARG B 222 -8.61 -9.03 -30.02
N VAL B 223 -7.54 -8.50 -29.43
CA VAL B 223 -7.55 -7.12 -28.91
C VAL B 223 -7.72 -6.17 -30.07
N ALA B 224 -6.93 -6.38 -31.10
CA ALA B 224 -7.01 -5.48 -32.26
C ALA B 224 -8.40 -5.56 -32.94
N ALA B 225 -8.93 -6.77 -33.13
CA ALA B 225 -10.31 -6.99 -33.72
C ALA B 225 -11.36 -6.22 -32.93
N LYS B 226 -11.30 -6.32 -31.61
CA LYS B 226 -12.17 -5.53 -30.73
C LYS B 226 -12.01 -4.02 -30.94
N ALA B 227 -10.76 -3.55 -30.94
CA ALA B 227 -10.48 -2.11 -31.06
C ALA B 227 -11.00 -1.54 -32.35
N TYR B 228 -10.76 -2.24 -33.45
CA TYR B 228 -11.22 -1.75 -34.75
C TYR B 228 -12.73 -1.79 -34.90
N ALA B 229 -13.40 -2.79 -34.30
CA ALA B 229 -14.86 -2.87 -34.40
C ALA B 229 -15.46 -1.71 -33.58
N ASN B 230 -14.82 -1.40 -32.44
CA ASN B 230 -15.23 -0.26 -31.63
C ASN B 230 -15.04 1.05 -32.36
N GLY B 231 -13.85 1.25 -32.95
CA GLY B 231 -13.57 2.44 -33.74
C GLY B 231 -14.49 2.68 -34.93
N ASN B 232 -15.02 1.59 -35.52
CA ASN B 232 -16.01 1.66 -36.64
C ASN B 232 -17.33 2.25 -36.22
N LYS B 233 -17.60 2.24 -34.93
CA LYS B 233 -18.71 2.93 -34.34
C LYS B 233 -18.45 4.36 -33.85
N ASN B 234 -17.23 4.87 -34.04
CA ASN B 234 -16.77 6.12 -33.47
C ASN B 234 -16.24 7.10 -34.54
N PRO B 235 -17.04 8.09 -34.91
CA PRO B 235 -16.62 9.02 -35.96
C PRO B 235 -15.41 9.90 -35.66
N LEU B 236 -15.01 10.03 -34.40
CA LEU B 236 -13.76 10.74 -34.03
C LEU B 236 -12.50 9.90 -34.22
N ALA B 237 -12.66 8.60 -34.37
CA ALA B 237 -11.54 7.67 -34.44
C ALA B 237 -10.73 7.79 -35.72
N HIS B 238 -9.38 7.79 -35.54
CA HIS B 238 -8.41 7.80 -36.61
C HIS B 238 -8.71 6.69 -37.61
N MET B 239 -9.02 5.51 -37.11
CA MET B 239 -9.32 4.33 -37.95
C MET B 239 -10.78 4.01 -38.12
N HIS B 240 -11.64 4.99 -37.86
CA HIS B 240 -13.06 4.84 -38.04
C HIS B 240 -13.50 4.06 -39.32
N THR B 241 -12.92 4.43 -40.45
CA THR B 241 -13.32 3.87 -41.74
C THR B 241 -12.54 2.59 -42.08
N ARG B 242 -11.57 2.16 -41.25
CA ARG B 242 -10.82 0.94 -41.47
C ARG B 242 -11.50 -0.29 -40.78
N LYS B 243 -11.97 -1.23 -41.58
CA LYS B 243 -12.57 -2.45 -41.09
C LYS B 243 -11.58 -3.60 -41.21
N LEU B 244 -11.34 -4.29 -40.10
CA LEU B 244 -10.39 -5.40 -40.09
C LEU B 244 -11.07 -6.64 -39.62
N THR B 245 -10.91 -7.73 -40.37
CA THR B 245 -11.34 -9.03 -39.86
C THR B 245 -10.27 -9.58 -38.94
N PHE B 246 -10.70 -10.52 -38.12
CA PHE B 246 -9.75 -11.14 -37.21
C PHE B 246 -8.53 -11.66 -38.02
N GLU B 247 -8.81 -12.23 -39.18
CA GLU B 247 -7.81 -12.83 -40.06
C GLU B 247 -6.74 -11.82 -40.56
N GLN B 248 -7.19 -10.60 -40.83
CA GLN B 248 -6.32 -9.45 -41.07
C GLN B 248 -5.55 -8.88 -39.84
N CYS B 249 -6.03 -9.18 -38.62
CA CYS B 249 -5.29 -8.97 -37.32
C CYS B 249 -4.32 -10.09 -36.83
N ASN B 250 -4.65 -11.35 -37.15
CA ASN B 250 -3.92 -12.52 -36.68
C ASN B 250 -2.76 -13.07 -37.51
N GLY B 251 -2.34 -12.32 -38.50
CA GLY B 251 -1.18 -12.72 -39.29
C GLY B 251 -1.52 -13.65 -40.43
N GLU B 252 -2.81 -13.89 -40.68
CA GLU B 252 -3.22 -14.81 -41.75
C GLU B 252 -3.07 -14.05 -43.06
N ASP B 253 -3.45 -12.77 -43.04
CA ASP B 253 -3.13 -11.81 -44.11
C ASP B 253 -1.67 -11.36 -44.03
N PRO B 254 -0.84 -11.71 -45.04
CA PRO B 254 0.59 -11.29 -45.00
C PRO B 254 0.83 -9.78 -45.14
N SER B 255 -0.15 -9.02 -45.61
CA SER B 255 -0.01 -7.56 -45.71
C SER B 255 0.01 -6.88 -44.31
N ASN B 256 -0.39 -7.59 -43.29
CA ASN B 256 -0.23 -7.02 -41.94
C ASN B 256 1.20 -7.35 -41.57
N VAL B 257 2.14 -6.46 -41.86
CA VAL B 257 3.58 -6.84 -41.88
C VAL B 257 4.23 -6.81 -40.50
N LYS B 258 5.13 -7.75 -40.32
CA LYS B 258 6.06 -7.74 -39.20
C LYS B 258 7.20 -6.86 -39.58
N PHE B 259 7.08 -5.59 -39.19
CA PHE B 259 7.89 -4.50 -39.74
C PHE B 259 9.19 -4.16 -39.00
N LEU B 260 9.46 -4.76 -37.85
CA LEU B 260 10.67 -4.37 -37.10
C LEU B 260 11.91 -4.85 -37.80
N GLY B 261 12.98 -4.09 -37.67
CA GLY B 261 14.34 -4.48 -38.10
C GLY B 261 15.09 -5.45 -37.18
N ASN B 262 14.81 -5.40 -35.87
CA ASN B 262 15.51 -6.23 -34.93
C ASN B 262 15.05 -7.69 -35.08
N GLU B 263 15.95 -8.54 -35.59
CA GLU B 263 15.63 -9.96 -35.88
C GLU B 263 15.26 -10.78 -34.65
N THR B 264 15.75 -10.36 -33.48
CA THR B 264 15.48 -11.06 -32.25
C THR B 264 13.97 -10.93 -31.89
N TYR B 265 13.33 -9.80 -32.24
CA TYR B 265 11.99 -9.52 -31.74
C TYR B 265 10.95 -9.36 -32.83
N LYS B 266 11.39 -9.39 -34.08
CA LYS B 266 10.56 -9.00 -35.19
C LYS B 266 9.33 -9.91 -35.39
N GLU B 267 9.42 -11.19 -35.03
CA GLU B 267 8.27 -12.09 -35.15
C GLU B 267 7.10 -11.80 -34.22
N TYR B 268 7.27 -10.93 -33.22
CA TYR B 268 6.26 -10.79 -32.17
C TYR B 268 5.38 -9.52 -32.28
N LEU B 269 5.46 -8.79 -33.39
CA LEU B 269 4.72 -7.55 -33.54
C LEU B 269 4.29 -7.32 -35.00
N ARG B 270 2.97 -7.26 -35.24
CA ARG B 270 2.41 -6.93 -36.52
C ARG B 270 2.01 -5.46 -36.53
N MET B 271 1.81 -4.89 -37.69
CA MET B 271 1.33 -3.52 -37.80
C MET B 271 0.04 -3.25 -37.05
N THR B 272 -0.91 -4.16 -37.18
CA THR B 272 -2.22 -4.00 -36.49
C THR B 272 -2.10 -4.06 -34.93
N ASP B 273 -0.96 -4.52 -34.43
CA ASP B 273 -0.70 -4.53 -32.98
C ASP B 273 -0.37 -3.13 -32.43
N CYS B 274 -0.18 -2.12 -33.30
CA CYS B 274 0.44 -0.86 -32.87
C CYS B 274 -0.59 0.25 -32.80
N SER B 275 -0.44 1.12 -31.79
CA SER B 275 -1.17 2.40 -31.75
C SER B 275 -0.83 3.28 -32.96
N GLN B 276 -1.75 4.19 -33.29
CA GLN B 276 -1.62 5.05 -34.47
C GLN B 276 -0.77 6.26 -34.19
N VAL B 277 -0.16 6.79 -35.23
CA VAL B 277 0.56 8.05 -35.22
C VAL B 277 -0.53 9.10 -35.54
N SER B 278 -1.01 9.85 -34.54
CA SER B 278 -2.18 10.70 -34.70
C SER B 278 -1.89 12.10 -34.27
N ASP B 279 -2.75 13.01 -34.72
CA ASP B 279 -2.82 14.37 -34.26
C ASP B 279 -4.20 14.57 -33.64
N GLY B 280 -4.23 15.22 -32.48
CA GLY B 280 -5.50 15.56 -31.87
C GLY B 280 -5.30 16.17 -30.49
N GLY B 281 -6.43 16.44 -29.87
CA GLY B 281 -6.47 17.06 -28.58
C GLY B 281 -7.69 16.62 -27.80
N ALA B 282 -7.55 16.73 -26.48
CA ALA B 282 -8.60 16.49 -25.55
C ALA B 282 -8.48 17.43 -24.38
N GLY B 283 -9.63 17.90 -23.91
CA GLY B 283 -9.68 18.81 -22.78
C GLY B 283 -10.78 18.51 -21.79
N VAL B 284 -10.57 18.95 -20.56
CA VAL B 284 -11.53 18.73 -19.50
C VAL B 284 -11.50 19.97 -18.60
N VAL B 285 -12.67 20.40 -18.18
CA VAL B 285 -12.83 21.40 -17.12
C VAL B 285 -13.10 20.69 -15.80
N LEU B 286 -12.30 21.01 -14.80
CA LEU B 286 -12.41 20.41 -13.50
C LEU B 286 -12.76 21.50 -12.51
N ALA B 287 -13.56 21.15 -11.51
CA ALA B 287 -14.02 22.15 -10.51
C ALA B 287 -14.09 21.54 -9.15
N ASN B 288 -13.82 22.34 -8.13
CA ASN B 288 -14.14 21.94 -6.76
C ASN B 288 -15.55 22.46 -6.39
N GLU B 289 -15.99 22.24 -5.17
CA GLU B 289 -17.32 22.69 -4.73
C GLU B 289 -17.52 24.22 -4.88
N GLU B 290 -16.49 24.99 -4.61
CA GLU B 290 -16.51 26.42 -4.81
C GLU B 290 -16.64 26.76 -6.29
N GLY B 291 -15.90 26.07 -7.16
CA GLY B 291 -16.02 26.25 -8.59
C GLY B 291 -17.42 26.00 -9.07
N LEU B 292 -18.06 24.93 -8.59
CA LEU B 292 -19.45 24.64 -8.99
C LEU B 292 -20.40 25.78 -8.60
N ARG B 293 -20.27 26.24 -7.36
CA ARG B 293 -20.98 27.43 -6.88
C ARG B 293 -20.80 28.63 -7.78
N LYS B 294 -19.57 28.92 -8.22
CA LYS B 294 -19.34 30.02 -9.15
C LYS B 294 -20.00 29.83 -10.46
N MET B 295 -20.09 28.59 -10.90
CA MET B 295 -20.70 28.28 -12.18
C MET B 295 -22.23 28.22 -12.07
N GLY B 296 -22.78 28.29 -10.89
CA GLY B 296 -24.21 28.12 -10.71
C GLY B 296 -24.70 26.67 -10.70
N LEU B 297 -23.81 25.73 -10.37
CA LEU B 297 -24.17 24.33 -10.39
C LEU B 297 -24.16 23.75 -8.98
N SER B 298 -25.05 22.78 -8.76
CA SER B 298 -25.07 21.95 -7.57
C SER B 298 -24.18 20.71 -7.74
N PRO B 299 -23.60 20.17 -6.64
CA PRO B 299 -22.81 18.91 -6.74
C PRO B 299 -23.58 17.68 -7.16
N ASN B 300 -24.92 17.72 -7.18
CA ASN B 300 -25.71 16.62 -7.73
C ASN B 300 -26.23 16.92 -9.14
N ASP B 301 -25.72 17.94 -9.82
CA ASP B 301 -26.08 18.19 -11.21
C ASP B 301 -25.75 17.00 -12.14
N SER B 302 -26.71 16.62 -12.98
CA SER B 302 -26.56 15.44 -13.85
C SER B 302 -25.46 15.53 -14.96
N ARG B 303 -24.94 16.71 -15.23
CA ARG B 303 -23.77 16.87 -16.12
C ARG B 303 -22.40 16.49 -15.47
N LEU B 304 -22.36 16.23 -14.16
CA LEU B 304 -21.11 16.05 -13.45
C LEU B 304 -20.70 14.60 -13.33
N VAL B 305 -19.38 14.41 -13.22
CA VAL B 305 -18.79 13.16 -12.80
C VAL B 305 -17.77 13.52 -11.74
N GLU B 306 -17.77 12.77 -10.63
CA GLU B 306 -16.81 12.99 -9.61
C GLU B 306 -15.54 12.21 -9.93
N ILE B 307 -14.39 12.83 -9.78
CA ILE B 307 -13.13 12.08 -9.75
C ILE B 307 -12.91 11.69 -8.29
N LYS B 308 -13.19 10.45 -7.94
CA LYS B 308 -13.08 10.00 -6.55
C LYS B 308 -11.63 9.97 -6.10
N SER B 309 -10.72 9.63 -7.01
CA SER B 309 -9.32 9.49 -6.68
C SER B 309 -8.49 9.55 -7.95
N ILE B 310 -7.25 9.95 -7.77
CA ILE B 310 -6.27 9.86 -8.83
C ILE B 310 -4.89 9.63 -8.18
N ALA B 311 -4.06 8.84 -8.85
CA ALA B 311 -2.79 8.50 -8.28
C ALA B 311 -1.78 8.36 -9.35
N CYS B 312 -0.52 8.58 -8.95
CA CYS B 312 0.62 8.50 -9.85
C CYS B 312 1.68 7.64 -9.23
N ALA B 313 2.28 6.75 -10.01
CA ALA B 313 3.44 6.03 -9.63
C ALA B 313 4.48 6.06 -10.74
N VAL B 314 5.76 6.16 -10.31
CA VAL B 314 6.85 6.22 -11.25
C VAL B 314 7.97 5.31 -10.80
N SER B 315 8.52 4.56 -11.75
CA SER B 315 9.62 3.64 -11.50
C SER B 315 10.94 4.20 -12.07
N ASN B 316 11.98 3.36 -12.16
CA ASN B 316 13.34 3.79 -12.54
C ASN B 316 13.53 3.65 -14.06
N LEU B 317 13.77 4.78 -14.72
CA LEU B 317 14.02 4.76 -16.20
C LEU B 317 15.20 3.85 -16.64
N TYR B 318 16.22 3.74 -15.77
CA TYR B 318 17.48 3.12 -16.13
C TYR B 318 17.53 1.59 -15.90
N GLU B 319 16.49 1.01 -15.31
CA GLU B 319 16.47 -0.42 -14.94
C GLU B 319 15.11 -0.96 -15.17
N ASP B 320 15.06 -2.18 -15.70
CA ASP B 320 13.81 -2.82 -16.06
C ASP B 320 13.60 -4.02 -15.17
N PRO B 321 12.36 -4.28 -14.72
CA PRO B 321 12.17 -5.57 -14.03
C PRO B 321 12.35 -6.77 -14.97
N ASP B 322 12.70 -7.91 -14.41
CA ASP B 322 12.84 -9.16 -15.20
C ASP B 322 11.52 -9.69 -15.73
N ASP B 323 10.45 -9.54 -14.96
CA ASP B 323 9.16 -10.13 -15.36
C ASP B 323 8.39 -9.23 -16.31
N ALA B 324 8.58 -9.49 -17.62
CA ALA B 324 7.91 -8.73 -18.65
C ALA B 324 6.40 -9.04 -18.71
N CYS B 325 5.91 -10.10 -18.01
CA CYS B 325 4.48 -10.41 -17.94
C CYS B 325 3.74 -9.54 -16.94
N CYS B 326 4.43 -8.65 -16.23
CA CYS B 326 3.80 -7.76 -15.23
C CYS B 326 4.19 -6.28 -15.43
N MET B 327 3.18 -5.41 -15.44
CA MET B 327 3.43 -3.97 -15.47
C MET B 327 3.33 -3.45 -14.04
N PHE B 328 4.45 -3.51 -13.35
CA PHE B 328 4.51 -3.24 -11.93
C PHE B 328 4.07 -1.80 -11.58
N THR B 329 4.49 -0.83 -12.39
CA THR B 329 4.25 0.59 -12.08
C THR B 329 2.78 0.88 -12.26
N SER B 330 2.22 0.41 -13.36
CA SER B 330 0.77 0.53 -13.65
C SER B 330 -0.11 -0.12 -12.58
N ARG B 331 0.33 -1.28 -12.12
CA ARG B 331 -0.35 -1.90 -11.03
C ARG B 331 -0.30 -1.11 -9.71
N GLN B 332 0.85 -0.54 -9.35
CA GLN B 332 0.96 0.38 -8.21
C GLN B 332 0.01 1.58 -8.27
N ALA B 333 -0.04 2.26 -9.44
CA ALA B 333 -0.93 3.39 -9.58
C ALA B 333 -2.43 2.97 -9.49
N ALA B 334 -2.81 1.87 -10.12
CA ALA B 334 -4.22 1.43 -10.08
C ALA B 334 -4.60 1.07 -8.66
N GLN B 335 -3.69 0.38 -7.94
CA GLN B 335 -3.96 -0.03 -6.56
C GLN B 335 -4.13 1.17 -5.64
N LYS B 336 -3.26 2.16 -5.75
CA LYS B 336 -3.39 3.39 -4.98
C LYS B 336 -4.75 4.06 -5.27
N ALA B 337 -5.12 4.21 -6.54
CA ALA B 337 -6.40 4.89 -6.91
C ALA B 337 -7.63 4.13 -6.44
N LEU B 338 -7.66 2.82 -6.65
CA LEU B 338 -8.76 2.00 -6.13
C LEU B 338 -8.90 2.08 -4.58
N SER B 339 -7.79 1.95 -3.90
CA SER B 339 -7.77 2.03 -2.44
C SER B 339 -8.24 3.42 -1.96
N MET B 340 -7.75 4.50 -2.57
CA MET B 340 -8.18 5.84 -2.18
C MET B 340 -9.65 6.01 -2.44
N ALA B 341 -10.19 5.37 -3.47
CA ALA B 341 -11.64 5.44 -3.73
C ALA B 341 -12.43 4.43 -2.93
N ASN B 342 -11.74 3.54 -2.23
CA ASN B 342 -12.39 2.48 -1.46
C ASN B 342 -13.24 1.53 -2.32
N ILE B 343 -12.78 1.18 -3.52
CA ILE B 343 -13.52 0.21 -4.33
C ILE B 343 -12.58 -0.93 -4.71
N LYS B 344 -13.14 -2.01 -5.23
CA LYS B 344 -12.35 -3.11 -5.80
C LYS B 344 -12.49 -3.08 -7.34
N PRO B 345 -11.58 -3.74 -8.07
CA PRO B 345 -11.70 -3.82 -9.51
C PRO B 345 -13.05 -4.39 -9.96
N SER B 346 -13.59 -5.35 -9.22
CA SER B 346 -14.89 -5.98 -9.60
C SER B 346 -16.07 -5.00 -9.50
N ASP B 347 -15.91 -3.90 -8.75
CA ASP B 347 -16.88 -2.82 -8.76
C ASP B 347 -16.92 -1.98 -10.06
N LEU B 348 -15.91 -2.02 -10.93
CA LEU B 348 -15.86 -1.16 -12.14
C LEU B 348 -16.87 -1.58 -13.20
N ASN B 349 -17.55 -0.60 -13.81
CA ASN B 349 -18.51 -0.90 -14.89
C ASN B 349 -17.93 -0.58 -16.26
N VAL B 350 -16.85 0.22 -16.28
CA VAL B 350 -16.18 0.59 -17.49
C VAL B 350 -14.74 0.94 -17.17
N ALA B 351 -13.87 0.76 -18.16
CA ALA B 351 -12.50 1.23 -18.04
C ALA B 351 -11.89 1.70 -19.36
N GLU B 352 -10.93 2.60 -19.23
CA GLU B 352 -10.03 3.03 -20.35
C GLU B 352 -8.61 2.67 -19.92
N VAL B 353 -7.91 1.88 -20.74
CA VAL B 353 -6.54 1.52 -20.42
C VAL B 353 -5.61 1.87 -21.58
N HIS B 354 -4.32 1.93 -21.24
CA HIS B 354 -3.31 2.41 -22.15
C HIS B 354 -2.84 1.35 -23.14
N ASP B 355 -3.61 1.16 -24.21
CA ASP B 355 -3.32 0.12 -25.23
C ASP B 355 -2.39 0.64 -26.35
N CYS B 356 -1.17 1.04 -25.99
CA CYS B 356 -0.23 1.56 -26.96
C CYS B 356 0.20 0.46 -27.92
N PHE B 357 0.08 -0.80 -27.46
CA PHE B 357 0.08 -1.96 -28.32
C PHE B 357 -0.99 -2.88 -27.80
N THR B 358 -1.47 -3.82 -28.65
CA THR B 358 -2.38 -4.89 -28.21
C THR B 358 -1.81 -5.65 -26.99
N ILE B 359 -0.47 -5.78 -26.97
CA ILE B 359 0.28 -6.41 -25.93
C ILE B 359 0.06 -5.68 -24.57
N ALA B 360 0.07 -4.36 -24.61
CA ALA B 360 -0.15 -3.57 -23.42
C ALA B 360 -1.58 -3.66 -22.88
N GLU B 361 -2.61 -3.77 -23.73
CA GLU B 361 -4.00 -3.87 -23.25
C GLU B 361 -4.13 -5.08 -22.36
N MET B 362 -3.58 -6.19 -22.83
CA MET B 362 -3.65 -7.46 -22.10
C MET B 362 -3.02 -7.31 -20.71
N LEU B 363 -1.80 -6.74 -20.66
CA LEU B 363 -1.10 -6.50 -19.41
C LEU B 363 -1.84 -5.47 -18.51
N MET B 364 -2.49 -4.49 -19.12
CA MET B 364 -3.26 -3.49 -18.39
C MET B 364 -4.47 -4.14 -17.72
N TYR B 365 -5.07 -5.18 -18.31
CA TYR B 365 -6.19 -5.88 -17.62
C TYR B 365 -5.76 -6.41 -16.28
N GLU B 366 -4.58 -6.99 -16.25
CA GLU B 366 -4.00 -7.51 -15.05
C GLU B 366 -3.41 -6.43 -14.09
N ALA B 367 -2.88 -5.32 -14.61
CA ALA B 367 -2.42 -4.20 -13.76
C ALA B 367 -3.61 -3.55 -13.02
N LEU B 368 -4.69 -3.37 -13.73
CA LEU B 368 -5.93 -2.78 -13.15
C LEU B 368 -6.61 -3.72 -12.16
N GLY B 369 -6.46 -5.04 -12.39
CA GLY B 369 -6.99 -6.04 -11.52
C GLY B 369 -8.34 -6.62 -11.96
N ILE B 370 -8.83 -6.28 -13.16
CA ILE B 370 -10.04 -6.92 -13.68
C ILE B 370 -9.79 -8.36 -14.16
N ALA B 371 -8.51 -8.71 -14.38
CA ALA B 371 -8.08 -10.10 -14.48
C ALA B 371 -6.96 -10.41 -13.50
N GLU B 372 -6.92 -11.65 -13.01
CA GLU B 372 -5.73 -12.14 -12.28
C GLU B 372 -4.53 -12.34 -13.18
N TYR B 373 -3.35 -12.43 -12.58
CA TYR B 373 -2.12 -12.69 -13.31
C TYR B 373 -2.26 -13.96 -14.13
N GLY B 374 -1.98 -13.86 -15.41
CA GLY B 374 -2.15 -14.98 -16.35
C GLY B 374 -3.56 -15.20 -16.86
N HIS B 375 -4.52 -14.36 -16.49
CA HIS B 375 -5.92 -14.57 -16.92
C HIS B 375 -6.51 -13.49 -17.79
N ALA B 376 -5.70 -12.52 -18.23
CA ALA B 376 -6.19 -11.56 -19.21
C ALA B 376 -6.68 -12.32 -20.44
N LYS B 377 -5.97 -13.37 -20.80
CA LYS B 377 -6.37 -14.21 -21.93
C LYS B 377 -7.84 -14.79 -21.83
N ASP B 378 -8.29 -15.11 -20.61
CA ASP B 378 -9.67 -15.52 -20.40
C ASP B 378 -10.61 -14.40 -20.77
N LEU B 379 -10.30 -13.18 -20.34
CA LEU B 379 -11.18 -12.08 -20.62
C LEU B 379 -11.33 -11.86 -22.11
N ILE B 380 -10.22 -11.86 -22.82
CA ILE B 380 -10.26 -11.56 -24.27
C ILE B 380 -10.89 -12.70 -25.12
N ARG B 381 -10.65 -13.96 -24.73
CA ARG B 381 -11.25 -15.11 -25.41
C ARG B 381 -12.77 -15.21 -25.19
N ASN B 382 -13.27 -14.74 -24.05
CA ASN B 382 -14.71 -14.75 -23.72
C ASN B 382 -15.51 -13.48 -24.01
N GLY B 383 -14.86 -12.42 -24.46
CA GLY B 383 -15.57 -11.20 -24.84
C GLY B 383 -15.92 -10.29 -23.67
N ASP B 384 -15.33 -10.52 -22.51
CA ASP B 384 -15.67 -9.77 -21.27
C ASP B 384 -15.41 -8.25 -21.36
N THR B 385 -14.49 -7.84 -22.24
CA THR B 385 -14.11 -6.45 -22.38
C THR B 385 -14.65 -5.80 -23.62
N THR B 386 -15.47 -6.54 -24.40
CA THR B 386 -16.21 -5.96 -25.51
C THR B 386 -17.31 -5.05 -24.96
N LEU B 387 -17.90 -4.29 -25.87
CA LEU B 387 -19.08 -3.49 -25.53
C LEU B 387 -20.20 -4.28 -24.94
N GLU B 388 -20.37 -5.51 -25.37
CA GLU B 388 -21.44 -6.38 -24.84
C GLU B 388 -21.01 -7.15 -23.54
N GLY B 389 -19.77 -6.98 -23.09
CA GLY B 389 -19.26 -7.73 -21.97
C GLY B 389 -19.55 -7.14 -20.62
N ARG B 390 -19.23 -7.87 -19.57
CA ARG B 390 -19.44 -7.34 -18.21
C ARG B 390 -18.51 -6.17 -17.80
N ILE B 391 -17.36 -5.98 -18.46
CA ILE B 391 -16.48 -4.86 -18.15
C ILE B 391 -15.86 -4.31 -19.46
N PRO B 392 -16.64 -3.54 -20.26
CA PRO B 392 -16.15 -2.93 -21.47
C PRO B 392 -14.91 -2.02 -21.23
N VAL B 393 -13.88 -2.23 -22.03
CA VAL B 393 -12.61 -1.51 -21.98
C VAL B 393 -12.42 -0.89 -23.34
N ASN B 394 -12.10 0.40 -23.34
CA ASN B 394 -11.72 1.12 -24.57
C ASN B 394 -12.81 1.05 -25.63
N THR B 395 -13.99 1.51 -25.19
CA THR B 395 -15.24 1.36 -25.91
C THR B 395 -15.28 2.12 -27.25
N GLY B 396 -14.49 3.21 -27.40
CA GLY B 396 -14.39 3.96 -28.65
C GLY B 396 -13.20 3.66 -29.58
N GLY B 397 -12.43 2.57 -29.30
CA GLY B 397 -11.34 2.14 -30.17
C GLY B 397 -9.96 2.13 -29.52
N GLY B 398 -9.82 2.79 -28.38
CA GLY B 398 -8.53 2.89 -27.70
C GLY B 398 -7.43 3.55 -28.54
N LEU B 399 -6.18 3.39 -28.10
CA LEU B 399 -5.05 3.95 -28.81
C LEU B 399 -4.85 3.31 -30.19
N LEU B 400 -5.30 2.06 -30.35
CA LEU B 400 -5.19 1.31 -31.60
C LEU B 400 -6.05 1.84 -32.74
N SER B 401 -7.31 2.14 -32.44
CA SER B 401 -8.25 2.62 -33.45
C SER B 401 -8.65 4.10 -33.26
N PHE B 402 -8.94 4.51 -32.05
CA PHE B 402 -9.27 5.93 -31.80
C PHE B 402 -8.01 6.71 -32.23
N GLY B 403 -6.84 6.28 -31.77
CA GLY B 403 -5.59 6.86 -32.17
C GLY B 403 -4.85 7.33 -30.94
N HIS B 404 -3.61 7.77 -31.14
CA HIS B 404 -2.75 8.07 -30.02
C HIS B 404 -1.91 9.34 -30.24
N PRO B 405 -2.54 10.51 -30.20
CA PRO B 405 -1.78 11.72 -30.06
C PRO B 405 -1.31 11.73 -28.61
N VAL B 406 -0.04 11.46 -28.38
CA VAL B 406 0.44 11.06 -27.05
C VAL B 406 0.04 11.95 -25.86
N GLY B 407 0.24 13.26 -25.93
CA GLY B 407 -0.18 14.14 -24.83
C GLY B 407 -1.67 14.22 -24.53
N ALA B 408 -2.49 13.99 -25.53
CA ALA B 408 -3.96 14.04 -25.38
C ALA B 408 -4.51 12.82 -24.71
N THR B 409 -3.80 11.71 -24.83
CA THR B 409 -4.38 10.39 -24.50
C THR B 409 -4.92 10.28 -23.07
N GLY B 410 -4.15 10.73 -22.08
CA GLY B 410 -4.60 10.68 -20.68
C GLY B 410 -5.94 11.39 -20.45
N ILE B 411 -6.15 12.51 -21.16
CA ILE B 411 -7.36 13.30 -21.00
C ILE B 411 -8.48 12.69 -21.78
N LYS B 412 -8.17 12.18 -22.99
CA LYS B 412 -9.15 11.45 -23.78
C LYS B 412 -9.75 10.31 -22.97
N GLN B 413 -8.91 9.58 -22.25
CA GLN B 413 -9.40 8.45 -21.44
C GLN B 413 -10.47 8.88 -20.43
N ILE B 414 -10.15 9.96 -19.70
CA ILE B 414 -11.08 10.55 -18.71
C ILE B 414 -12.39 10.93 -19.41
N MET B 415 -12.29 11.59 -20.56
CA MET B 415 -13.44 12.09 -21.24
C MET B 415 -14.27 10.98 -21.86
N GLU B 416 -13.64 9.87 -22.20
CA GLU B 416 -14.35 8.73 -22.72
C GLU B 416 -15.25 8.05 -21.67
N VAL B 417 -14.69 7.94 -20.47
CA VAL B 417 -15.46 7.47 -19.30
C VAL B 417 -16.60 8.43 -19.00
N TYR B 418 -16.29 9.72 -18.98
CA TYR B 418 -17.33 10.74 -18.82
C TYR B 418 -18.43 10.58 -19.84
N ARG B 419 -18.04 10.48 -21.12
CA ARG B 419 -19.02 10.37 -22.17
C ARG B 419 -19.96 9.15 -22.03
N GLN B 420 -19.42 7.99 -21.73
CA GLN B 420 -20.24 6.84 -21.43
C GLN B 420 -21.20 7.04 -20.19
N MET B 421 -20.69 7.62 -19.14
CA MET B 421 -21.48 7.96 -17.98
C MET B 421 -22.61 8.92 -18.26
N LYS B 422 -22.41 9.83 -19.20
CA LYS B 422 -23.42 10.80 -19.59
C LYS B 422 -24.26 10.36 -20.82
N GLY B 423 -24.08 9.13 -21.32
CA GLY B 423 -24.87 8.66 -22.42
C GLY B 423 -24.56 9.28 -23.76
N GLN B 424 -23.34 9.77 -23.97
CA GLN B 424 -23.03 10.65 -25.10
C GLN B 424 -22.27 9.95 -26.26
N CYS B 425 -22.05 8.64 -26.14
CA CYS B 425 -21.23 7.87 -27.09
C CYS B 425 -21.97 7.31 -28.32
N GLU B 426 -23.29 7.60 -28.46
CA GLU B 426 -24.01 7.31 -29.69
C GLU B 426 -23.86 5.84 -30.08
N ALA B 427 -23.27 5.52 -31.22
CA ALA B 427 -23.20 4.14 -31.67
C ALA B 427 -22.38 3.22 -30.80
N TYR B 428 -21.45 3.75 -29.99
CA TYR B 428 -20.70 2.88 -29.07
C TYR B 428 -21.09 3.05 -27.60
N GLN B 429 -22.28 3.62 -27.36
CA GLN B 429 -22.80 3.77 -26.02
C GLN B 429 -23.03 2.39 -25.42
N MET B 430 -22.66 2.23 -24.16
CA MET B 430 -22.88 1.00 -23.40
C MET B 430 -24.34 0.64 -23.15
N LYS B 431 -24.62 -0.65 -22.92
CA LYS B 431 -25.98 -1.16 -22.76
C LYS B 431 -26.59 -0.65 -21.45
N LYS B 432 -25.73 -0.44 -20.46
CA LYS B 432 -26.11 0.03 -19.10
C LYS B 432 -25.20 1.22 -18.72
N ILE B 433 -25.77 2.35 -18.29
CA ILE B 433 -24.97 3.50 -17.92
C ILE B 433 -24.00 3.08 -16.78
N PRO B 434 -22.70 3.25 -16.97
CA PRO B 434 -21.77 2.89 -15.91
C PRO B 434 -21.82 3.82 -14.69
N ALA B 435 -21.89 3.26 -13.49
CA ALA B 435 -21.82 4.02 -12.23
C ALA B 435 -20.37 4.34 -11.78
N LEU B 436 -19.44 3.42 -12.02
CA LEU B 436 -18.04 3.55 -11.65
C LEU B 436 -17.12 3.21 -12.85
N GLY B 437 -16.11 4.04 -13.05
CA GLY B 437 -15.12 3.82 -14.07
C GLY B 437 -13.69 4.06 -13.60
N ALA B 438 -12.75 3.49 -14.32
CA ALA B 438 -11.36 3.75 -14.08
C ALA B 438 -10.60 3.98 -15.39
N THR B 439 -9.50 4.74 -15.26
CA THR B 439 -8.56 4.96 -16.30
C THR B 439 -7.17 4.55 -15.81
N LEU B 440 -6.35 4.14 -16.75
CA LEU B 440 -4.97 3.81 -16.49
C LEU B 440 -4.19 4.28 -17.72
N ASN B 441 -3.32 5.22 -17.52
CA ASN B 441 -2.55 5.93 -18.52
C ASN B 441 -1.08 5.66 -18.17
N MET B 442 -0.28 5.34 -19.15
CA MET B 442 1.09 4.92 -18.96
C MET B 442 2.02 5.73 -19.82
N GLY B 443 3.22 5.99 -19.28
CA GLY B 443 4.27 6.58 -19.98
C GLY B 443 5.49 5.67 -20.05
N GLY B 444 6.06 5.59 -21.23
CA GLY B 444 7.22 4.82 -21.51
C GLY B 444 6.91 3.33 -21.35
N ASP B 445 7.92 2.56 -21.03
CA ASP B 445 7.76 1.10 -20.88
C ASP B 445 7.41 0.90 -19.41
N ASP B 446 6.16 1.23 -19.05
CA ASP B 446 5.68 1.16 -17.71
C ASP B 446 6.58 1.88 -16.72
N LYS B 447 7.09 3.06 -17.06
CA LYS B 447 7.84 3.86 -16.13
C LYS B 447 7.04 4.93 -15.40
N THR B 448 6.02 5.45 -16.04
CA THR B 448 5.10 6.38 -15.40
C THR B 448 3.67 5.81 -15.57
N ALA B 449 2.89 5.87 -14.49
CA ALA B 449 1.48 5.48 -14.54
C ALA B 449 0.62 6.42 -13.76
N VAL B 450 -0.54 6.72 -14.34
CA VAL B 450 -1.52 7.55 -13.69
C VAL B 450 -2.85 6.87 -13.78
N SER B 451 -3.56 6.78 -12.66
CA SER B 451 -4.83 6.09 -12.63
C SER B 451 -5.83 6.89 -11.89
N ALA B 452 -7.08 6.90 -12.38
CA ALA B 452 -8.15 7.63 -11.73
C ALA B 452 -9.39 6.80 -11.62
N VAL B 453 -10.18 7.06 -10.58
CA VAL B 453 -11.46 6.41 -10.40
C VAL B 453 -12.54 7.49 -10.52
N LEU B 454 -13.51 7.24 -11.37
CA LEU B 454 -14.60 8.16 -11.67
C LEU B 454 -15.94 7.58 -11.17
N GLN B 455 -16.79 8.46 -10.66
CA GLN B 455 -18.09 8.06 -10.19
C GLN B 455 -19.11 8.98 -10.73
N ASN B 456 -20.12 8.36 -11.31
CA ASN B 456 -21.15 9.07 -12.00
C ASN B 456 -22.06 9.79 -11.00
N ILE B 457 -22.60 10.94 -11.40
CA ILE B 457 -23.56 11.71 -10.59
C ILE B 457 -24.96 11.77 -11.28
N ALA C 28 3.13 -26.06 -4.97
CA ALA C 28 3.34 -24.83 -5.80
C ALA C 28 2.99 -23.52 -5.07
N SER C 29 3.98 -22.65 -4.99
CA SER C 29 3.86 -21.19 -4.75
C SER C 29 4.80 -20.91 -3.65
N ARG C 30 5.81 -20.15 -4.01
CA ARG C 30 6.88 -19.81 -3.11
C ARG C 30 6.41 -18.74 -2.15
N VAL C 31 6.98 -18.76 -0.96
CA VAL C 31 6.60 -17.81 0.12
C VAL C 31 7.86 -17.07 0.54
N PHE C 32 7.70 -15.76 0.71
CA PHE C 32 8.76 -14.87 1.01
C PHE C 32 8.42 -14.07 2.25
N ILE C 33 9.45 -13.86 3.05
CA ILE C 33 9.43 -12.83 4.09
C ILE C 33 9.85 -11.54 3.47
N VAL C 34 8.99 -10.54 3.58
CA VAL C 34 9.25 -9.23 3.00
C VAL C 34 9.87 -8.28 4.02
N GLY C 35 9.54 -8.49 5.29
CA GLY C 35 10.05 -7.65 6.35
C GLY C 35 9.28 -7.92 7.64
N GLY C 36 9.61 -7.16 8.69
CA GLY C 36 9.04 -7.32 9.99
C GLY C 36 9.63 -6.37 11.02
N HIS C 37 9.26 -6.61 12.26
CA HIS C 37 9.59 -5.75 13.36
C HIS C 37 9.56 -6.54 14.66
N ILE C 38 10.52 -6.27 15.52
CA ILE C 38 10.52 -6.79 16.89
C ILE C 38 10.58 -5.62 17.83
N THR C 39 9.68 -5.58 18.81
CA THR C 39 9.71 -4.53 19.83
C THR C 39 10.81 -4.82 20.84
N PRO C 40 11.18 -3.80 21.66
CA PRO C 40 11.99 -4.17 22.83
C PRO C 40 11.18 -5.16 23.69
N PHE C 41 11.82 -6.15 24.26
CA PHE C 41 11.15 -7.07 25.15
C PHE C 41 11.45 -6.60 26.55
N VAL C 42 10.42 -6.39 27.37
CA VAL C 42 10.61 -5.72 28.66
C VAL C 42 9.99 -6.49 29.80
N GLY C 43 10.61 -6.37 30.97
CA GLY C 43 10.13 -6.95 32.21
C GLY C 43 11.14 -6.61 33.31
N LYS C 44 10.98 -7.28 34.45
CA LYS C 44 11.82 -7.04 35.64
C LYS C 44 13.27 -7.21 35.28
N GLY C 45 14.07 -6.20 35.61
CA GLY C 45 15.51 -6.20 35.27
C GLY C 45 15.85 -5.40 34.01
N SER C 46 14.85 -4.93 33.27
CA SER C 46 15.13 -4.06 32.16
C SER C 46 15.00 -2.60 32.62
N PRO C 47 15.95 -1.71 32.20
CA PRO C 47 15.72 -0.29 32.48
C PRO C 47 14.49 0.31 31.75
N LEU C 48 13.92 -0.39 30.77
CA LEU C 48 12.73 0.08 30.08
C LEU C 48 11.47 -0.26 30.85
N PHE C 49 11.55 -1.13 31.87
CA PHE C 49 10.39 -1.55 32.68
C PHE C 49 10.13 -0.59 33.84
N ILE C 50 8.91 -0.10 33.95
CA ILE C 50 8.51 0.89 34.96
C ILE C 50 8.01 0.13 36.17
N ASP C 51 8.84 0.13 37.21
CA ASP C 51 8.50 -0.40 38.51
C ASP C 51 8.97 0.62 39.54
N LYS C 52 8.83 0.26 40.81
CA LYS C 52 9.26 1.07 41.95
C LYS C 52 10.67 1.75 41.87
N LYS C 53 11.62 1.09 41.23
CA LYS C 53 12.98 1.64 41.02
C LYS C 53 13.08 2.70 39.88
N HIS C 54 12.07 2.81 39.03
CA HIS C 54 12.19 3.55 37.78
C HIS C 54 11.83 5.03 38.00
N PRO C 55 12.57 5.97 37.37
CA PRO C 55 12.29 7.41 37.47
C PRO C 55 10.83 7.80 37.27
N ASP C 56 10.23 7.25 36.21
CA ASP C 56 8.81 7.47 35.85
C ASP C 56 7.75 6.68 36.64
N PHE C 57 8.12 5.95 37.70
CA PHE C 57 7.12 5.22 38.48
C PHE C 57 6.04 6.18 39.00
N GLY C 58 4.78 5.80 38.84
CA GLY C 58 3.66 6.66 39.19
C GLY C 58 3.28 7.73 38.16
N LYS C 59 4.19 8.08 37.25
CA LYS C 59 3.93 9.12 36.25
C LYS C 59 3.56 8.53 34.89
N LYS C 60 4.28 7.49 34.45
CA LYS C 60 4.04 6.79 33.19
C LYS C 60 3.89 5.28 33.41
N LYS C 61 3.16 4.62 32.53
CA LYS C 61 2.85 3.19 32.68
C LYS C 61 3.54 2.39 31.59
N ASN C 62 3.78 1.11 31.88
CA ASN C 62 4.19 0.10 30.88
C ASN C 62 3.10 -0.05 29.80
N MET C 63 3.49 -0.39 28.57
CA MET C 63 2.54 -0.60 27.50
C MET C 63 1.56 -1.73 27.82
N THR C 64 0.28 -1.51 27.50
CA THR C 64 -0.75 -2.56 27.58
C THR C 64 -0.62 -3.52 26.36
N LEU C 65 -1.31 -4.66 26.43
CA LEU C 65 -1.42 -5.58 25.26
C LEU C 65 -1.85 -4.84 24.00
N GLU C 66 -2.82 -3.93 24.13
CA GLU C 66 -3.31 -3.17 22.99
C GLU C 66 -2.24 -2.29 22.41
N GLU C 67 -1.47 -1.62 23.28
CA GLU C 67 -0.39 -0.71 22.84
C GLU C 67 0.73 -1.44 22.22
N ILE C 68 1.09 -2.59 22.79
CA ILE C 68 2.11 -3.44 22.15
C ILE C 68 1.68 -3.95 20.75
N LEU C 69 0.43 -4.43 20.63
CA LEU C 69 -0.10 -4.88 19.37
C LEU C 69 -0.09 -3.75 18.35
N ALA C 70 -0.51 -2.55 18.75
CA ALA C 70 -0.45 -1.40 17.84
C ALA C 70 0.99 -1.05 17.42
N THR C 71 1.93 -1.07 18.35
CA THR C 71 3.34 -0.81 18.00
C THR C 71 3.86 -1.88 17.06
N THR C 72 3.45 -3.14 17.29
CA THR C 72 3.94 -4.25 16.46
C THR C 72 3.38 -4.22 15.05
N VAL C 73 2.08 -3.98 14.90
CA VAL C 73 1.44 -3.93 13.60
C VAL C 73 2.01 -2.77 12.84
N GLN C 74 2.09 -1.61 13.47
CA GLN C 74 2.61 -0.39 12.79
C GLN C 74 4.09 -0.49 12.40
N GLY C 75 4.91 -1.00 13.28
CA GLY C 75 6.32 -1.21 12.96
C GLY C 75 6.55 -2.26 11.85
N THR C 76 5.72 -3.31 11.85
CA THR C 76 5.82 -4.36 10.83
C THR C 76 5.46 -3.80 9.43
N MET C 77 4.37 -3.05 9.36
CA MET C 77 3.98 -2.43 8.12
C MET C 77 5.04 -1.47 7.64
N GLU C 78 5.57 -0.68 8.56
CA GLU C 78 6.62 0.31 8.22
C GLU C 78 7.90 -0.32 7.71
N HIS C 79 8.46 -1.30 8.42
CA HIS C 79 9.68 -1.94 7.94
C HIS C 79 9.47 -2.80 6.67
N SER C 80 8.26 -3.25 6.40
CA SER C 80 7.97 -4.04 5.20
C SER C 80 7.70 -3.24 3.93
N GLY C 81 7.73 -1.90 4.01
CA GLY C 81 7.39 -1.06 2.88
C GLY C 81 5.90 -0.92 2.61
N LEU C 82 5.05 -1.21 3.58
CA LEU C 82 3.62 -1.11 3.39
C LEU C 82 2.95 0.13 3.95
N SER C 83 3.71 1.05 4.50
CA SER C 83 3.12 2.32 5.03
C SER C 83 2.49 3.05 3.92
N GLY C 84 1.26 3.47 4.13
CA GLY C 84 0.52 4.10 3.05
C GLY C 84 -0.19 3.18 2.06
N ARG C 85 0.07 1.87 2.09
CA ARG C 85 -0.66 0.94 1.23
C ARG C 85 -0.99 -0.34 2.01
N GLU C 86 -1.40 -0.18 3.26
CA GLU C 86 -1.71 -1.33 4.10
C GLU C 86 -2.90 -2.13 3.59
N GLY C 87 -3.74 -1.50 2.79
CA GLY C 87 -4.85 -2.16 2.14
C GLY C 87 -4.50 -3.37 1.28
N ILE C 88 -3.27 -3.50 0.87
CA ILE C 88 -2.87 -4.66 0.04
C ILE C 88 -2.59 -5.91 0.90
N VAL C 89 -2.52 -5.76 2.22
CA VAL C 89 -2.52 -6.93 3.11
C VAL C 89 -3.90 -7.60 3.00
N ASP C 90 -3.93 -8.90 2.79
CA ASP C 90 -5.17 -9.61 2.62
C ASP C 90 -5.71 -10.13 3.92
N GLN C 91 -4.80 -10.51 4.82
CA GLN C 91 -5.26 -11.09 6.11
C GLN C 91 -4.23 -11.02 7.20
N VAL C 92 -4.73 -11.08 8.43
CA VAL C 92 -3.90 -10.91 9.63
C VAL C 92 -4.12 -12.11 10.54
N VAL C 93 -3.01 -12.66 11.08
CA VAL C 93 -3.07 -13.76 12.04
C VAL C 93 -2.25 -13.33 13.26
N VAL C 94 -2.82 -13.51 14.45
CA VAL C 94 -2.23 -13.11 15.72
C VAL C 94 -1.91 -14.34 16.54
N GLY C 95 -0.67 -14.51 16.94
CA GLY C 95 -0.29 -15.51 17.89
C GLY C 95 -0.30 -14.89 19.27
N ASN C 96 -1.02 -15.54 20.17
CA ASN C 96 -1.04 -15.07 21.55
C ASN C 96 -1.48 -16.23 22.39
N PHE C 97 -0.82 -16.41 23.54
CA PHE C 97 -1.15 -17.54 24.40
C PHE C 97 -2.16 -17.18 25.49
N LEU C 98 -1.88 -16.14 26.27
CA LEU C 98 -2.58 -15.93 27.54
C LEU C 98 -3.13 -14.52 27.80
N GLY C 99 -3.45 -13.80 26.74
CA GLY C 99 -4.04 -12.47 26.88
C GLY C 99 -5.35 -12.45 27.64
N GLU C 100 -6.13 -13.50 27.49
CA GLU C 100 -7.41 -13.67 28.17
CA GLU C 100 -7.42 -13.64 28.20
C GLU C 100 -7.25 -13.78 29.70
N LEU C 101 -6.07 -14.23 30.14
CA LEU C 101 -5.74 -14.27 31.55
C LEU C 101 -4.99 -13.01 31.99
N PHE C 102 -3.85 -12.70 31.39
CA PHE C 102 -3.04 -11.53 31.81
C PHE C 102 -3.66 -10.15 31.57
N SER C 103 -4.43 -10.00 30.52
CA SER C 103 -5.02 -8.70 30.11
C SER C 103 -6.53 -8.76 30.00
N SER C 104 -7.17 -9.86 30.42
CA SER C 104 -8.62 -10.00 30.29
C SER C 104 -9.18 -9.78 28.88
N GLN C 105 -8.40 -10.12 27.85
CA GLN C 105 -8.70 -9.78 26.48
C GLN C 105 -8.43 -10.96 25.55
N GLY C 106 -9.51 -11.50 25.00
CA GLY C 106 -9.46 -12.44 23.87
C GLY C 106 -9.73 -11.70 22.57
N HIS C 107 -10.13 -12.45 21.54
CA HIS C 107 -10.64 -11.82 20.33
C HIS C 107 -9.67 -10.82 19.75
N LEU C 108 -8.40 -11.23 19.63
CA LEU C 108 -7.36 -10.33 19.19
C LEU C 108 -7.38 -10.06 17.69
N GLY C 109 -8.17 -10.81 16.92
CA GLY C 109 -8.34 -10.56 15.52
C GLY C 109 -8.80 -9.11 15.28
N PRO C 110 -9.97 -8.76 15.82
CA PRO C 110 -10.42 -7.36 15.66
C PRO C 110 -9.58 -6.32 16.35
N ALA C 111 -8.83 -6.71 17.37
CA ALA C 111 -7.86 -5.80 17.98
C ALA C 111 -6.76 -5.47 16.97
N ALA C 112 -6.27 -6.50 16.26
CA ALA C 112 -5.31 -6.30 15.20
C ALA C 112 -5.87 -5.42 14.06
N ILE C 113 -7.13 -5.61 13.68
CA ILE C 113 -7.77 -4.75 12.69
C ILE C 113 -7.81 -3.28 13.15
N GLY C 114 -8.03 -3.03 14.43
CA GLY C 114 -7.98 -1.71 14.98
C GLY C 114 -6.61 -1.17 15.30
N SER C 115 -5.55 -1.90 15.04
CA SER C 115 -4.20 -1.54 15.53
C SER C 115 -3.42 -0.53 14.68
N LEU C 116 -3.83 -0.36 13.44
CA LEU C 116 -3.17 0.55 12.56
C LEU C 116 -3.46 1.99 12.99
N THR C 117 -4.67 2.21 13.47
CA THR C 117 -5.20 3.51 13.80
C THR C 117 -5.43 3.66 15.30
N TYR C 118 -4.78 2.84 16.12
CA TYR C 118 -5.06 2.78 17.54
C TYR C 118 -4.91 4.17 18.20
N GLY C 119 -5.96 4.62 18.92
CA GLY C 119 -5.99 5.96 19.52
C GLY C 119 -6.35 7.13 18.60
N GLN C 120 -6.59 6.88 17.31
CA GLN C 120 -7.06 7.89 16.37
C GLN C 120 -8.47 7.53 15.94
N ALA C 121 -9.41 7.79 16.84
CA ALA C 121 -10.81 7.41 16.65
C ALA C 121 -11.40 8.07 15.40
N GLY C 122 -12.14 7.30 14.59
CA GLY C 122 -12.70 7.80 13.33
C GLY C 122 -11.76 7.92 12.13
N SER C 123 -10.47 7.63 12.29
CA SER C 123 -9.52 7.67 11.18
C SER C 123 -9.88 6.60 10.17
N LYS C 124 -9.36 6.74 8.97
CA LYS C 124 -9.62 5.74 7.94
C LYS C 124 -8.72 4.54 8.16
N ASN C 125 -9.33 3.37 8.01
CA ASN C 125 -8.69 2.11 8.38
C ASN C 125 -8.70 1.16 7.17
N PRO C 126 -7.58 1.04 6.46
CA PRO C 126 -7.56 0.18 5.29
C PRO C 126 -7.66 -1.33 5.60
N LEU C 127 -7.60 -1.73 6.87
CA LEU C 127 -7.78 -3.17 7.24
C LEU C 127 -9.22 -3.57 7.55
N MET C 128 -10.13 -2.60 7.58
CA MET C 128 -11.50 -2.93 7.83
C MET C 128 -12.06 -4.05 6.96
N TYR C 129 -12.66 -5.00 7.60
CA TYR C 129 -13.38 -6.12 6.98
C TYR C 129 -12.49 -7.22 6.41
N LYS C 130 -11.19 -7.15 6.64
CA LYS C 130 -10.31 -8.21 6.20
C LYS C 130 -10.44 -9.41 7.13
N PRO C 131 -10.08 -10.61 6.66
CA PRO C 131 -9.99 -11.73 7.59
C PRO C 131 -8.91 -11.58 8.66
N ALA C 132 -9.22 -11.99 9.88
CA ALA C 132 -8.28 -12.00 11.00
C ALA C 132 -8.68 -13.02 12.04
N MET C 133 -7.69 -13.61 12.65
CA MET C 133 -7.94 -14.51 13.77
C MET C 133 -6.70 -14.57 14.67
N ARG C 134 -6.90 -15.20 15.81
CA ARG C 134 -5.87 -15.55 16.73
C ARG C 134 -5.66 -17.06 16.69
N VAL C 135 -4.42 -17.49 16.77
CA VAL C 135 -4.09 -18.91 16.89
C VAL C 135 -3.31 -19.11 18.15
N GLU C 136 -3.39 -20.32 18.68
CA GLU C 136 -2.74 -20.62 19.96
C GLU C 136 -2.23 -22.05 20.03
N GLY C 137 -1.01 -22.18 20.47
CA GLY C 137 -0.43 -23.50 20.84
C GLY C 137 0.71 -23.21 21.76
N ALA C 138 0.34 -22.63 22.92
CA ALA C 138 1.25 -22.31 23.96
C ALA C 138 2.41 -21.46 23.40
N ALA C 139 3.68 -21.79 23.71
CA ALA C 139 4.77 -20.99 23.21
C ALA C 139 5.08 -21.17 21.72
N ALA C 140 4.34 -22.06 21.06
CA ALA C 140 4.39 -22.24 19.61
C ALA C 140 3.33 -21.39 18.84
N SER C 141 2.57 -20.55 19.58
CA SER C 141 1.54 -19.72 19.02
C SER C 141 2.05 -18.85 17.89
N GLY C 142 3.25 -18.25 18.01
CA GLY C 142 3.83 -17.48 16.92
C GLY C 142 4.16 -18.27 15.67
N GLY C 143 4.72 -19.46 15.87
CA GLY C 143 5.03 -20.38 14.76
C GLY C 143 3.74 -20.85 14.07
N LEU C 144 2.72 -21.16 14.85
CA LEU C 144 1.43 -21.55 14.28
C LEU C 144 0.77 -20.40 13.51
N ALA C 145 0.98 -19.17 13.96
CA ALA C 145 0.55 -18.01 13.22
C ALA C 145 1.19 -17.97 11.81
N VAL C 146 2.50 -18.25 11.72
CA VAL C 146 3.21 -18.26 10.47
C VAL C 146 2.67 -19.37 9.56
N ILE C 147 2.48 -20.58 10.09
CA ILE C 147 1.88 -21.68 9.33
C ILE C 147 0.50 -21.37 8.79
N SER C 148 -0.37 -20.78 9.62
CA SER C 148 -1.70 -20.37 9.18
C SER C 148 -1.61 -19.36 8.04
N ALA C 149 -0.73 -18.38 8.19
CA ALA C 149 -0.49 -17.36 7.17
C ALA C 149 0.01 -17.99 5.86
N MET C 150 0.92 -18.93 5.96
CA MET C 150 1.41 -19.67 4.79
C MET C 150 0.38 -20.54 4.10
N ASN C 151 -0.49 -21.22 4.82
CA ASN C 151 -1.59 -21.97 4.23
C ASN C 151 -2.56 -21.04 3.49
N ALA C 152 -2.83 -19.88 4.05
CA ALA C 152 -3.63 -18.86 3.36
C ALA C 152 -2.93 -18.39 2.01
N LEU C 153 -1.59 -18.23 2.02
CA LEU C 153 -0.85 -17.81 0.88
C LEU C 153 -0.76 -18.87 -0.18
N LYS C 154 -0.66 -20.13 0.23
CA LYS C 154 -0.62 -21.24 -0.70
C LYS C 154 -2.01 -21.70 -1.12
N SER C 155 -3.06 -21.30 -0.46
CA SER C 155 -4.40 -21.71 -0.89
C SER C 155 -5.05 -20.78 -1.94
N GLY C 156 -4.40 -19.67 -2.22
CA GLY C 156 -4.98 -18.61 -3.01
C GLY C 156 -5.89 -17.63 -2.29
N SER C 157 -6.23 -17.83 -1.03
CA SER C 157 -7.18 -16.87 -0.42
C SER C 157 -6.45 -15.60 0.03
N ALA C 158 -5.12 -15.62 0.04
CA ALA C 158 -4.37 -14.37 0.33
C ALA C 158 -3.09 -14.34 -0.45
N ASP C 159 -2.66 -13.14 -0.80
CA ASP C 159 -1.35 -13.00 -1.42
C ASP C 159 -0.29 -12.31 -0.52
N ILE C 160 -0.75 -11.48 0.41
CA ILE C 160 0.06 -10.86 1.38
C ILE C 160 -0.62 -11.10 2.71
N THR C 161 0.16 -11.58 3.68
CA THR C 161 -0.35 -11.78 5.05
C THR C 161 0.54 -11.15 6.10
N LEU C 162 -0.07 -10.70 7.18
CA LEU C 162 0.62 -10.15 8.34
C LEU C 162 0.47 -11.12 9.46
N ALA C 163 1.57 -11.65 9.98
CA ALA C 163 1.57 -12.52 11.13
C ALA C 163 2.23 -11.80 12.30
N VAL C 164 1.49 -11.58 13.40
CA VAL C 164 1.97 -10.85 14.54
C VAL C 164 1.76 -11.68 15.77
N GLY C 165 2.72 -11.64 16.66
CA GLY C 165 2.67 -12.36 17.97
C GLY C 165 2.96 -11.35 19.07
N VAL C 166 2.14 -11.35 20.11
CA VAL C 166 2.24 -10.40 21.20
C VAL C 166 1.92 -11.10 22.51
N GLU C 167 2.50 -10.57 23.59
CA GLU C 167 2.25 -11.10 24.91
C GLU C 167 2.59 -10.03 25.96
N VAL C 168 1.73 -9.91 26.97
CA VAL C 168 2.00 -9.14 28.17
C VAL C 168 1.83 -10.11 29.35
N GLN C 169 2.91 -10.38 30.06
CA GLN C 169 2.91 -11.25 31.22
C GLN C 169 3.33 -10.53 32.52
N THR C 170 3.66 -9.25 32.47
CA THR C 170 4.24 -8.59 33.66
C THR C 170 3.16 -8.05 34.57
N THR C 171 1.89 -8.18 34.17
CA THR C 171 0.76 -7.73 34.91
C THR C 171 0.36 -8.65 36.06
N ALA C 172 0.98 -9.82 36.19
CA ALA C 172 0.77 -10.69 37.37
C ALA C 172 2.12 -11.11 37.94
N SER C 173 2.11 -11.57 39.19
CA SER C 173 3.33 -11.98 39.87
C SER C 173 3.90 -13.19 39.18
N ALA C 174 5.13 -13.57 39.52
CA ALA C 174 5.70 -14.78 38.97
C ALA C 174 4.87 -16.02 39.30
N ARG C 175 4.23 -16.06 40.48
CA ARG C 175 3.45 -17.25 40.91
C ARG C 175 2.15 -17.35 40.19
N VAL C 176 1.41 -16.25 40.11
CA VAL C 176 0.13 -16.24 39.41
C VAL C 176 0.40 -16.50 37.90
N GLY C 177 1.48 -15.91 37.40
CA GLY C 177 1.98 -16.16 36.04
C GLY C 177 2.28 -17.61 35.78
N GLY C 178 2.89 -18.30 36.76
CA GLY C 178 3.24 -19.75 36.68
C GLY C 178 2.00 -20.60 36.51
N ASP C 179 0.93 -20.21 37.19
CA ASP C 179 -0.30 -20.95 37.07
C ASP C 179 -0.96 -20.72 35.68
N TYR C 180 -0.85 -19.49 35.17
CA TYR C 180 -1.30 -19.17 33.85
C TYR C 180 -0.52 -19.95 32.79
N LEU C 181 0.80 -19.99 32.90
CA LEU C 181 1.62 -20.78 32.00
C LEU C 181 1.39 -22.26 32.03
N ALA C 182 0.96 -22.78 33.17
CA ALA C 182 0.53 -24.21 33.28
C ALA C 182 -0.64 -24.62 32.40
N ARG C 183 -1.38 -23.65 31.83
CA ARG C 183 -2.29 -23.91 30.75
C ARG C 183 -1.68 -24.62 29.57
N ALA C 184 -0.34 -24.58 29.43
CA ALA C 184 0.34 -25.31 28.36
C ALA C 184 0.57 -26.76 28.67
N ALA C 185 0.46 -27.12 29.95
CA ALA C 185 0.63 -28.51 30.36
C ALA C 185 -0.71 -29.21 30.32
N ASP C 186 -0.72 -30.51 30.66
CA ASP C 186 -1.94 -31.23 30.96
C ASP C 186 -2.31 -30.81 32.39
N TYR C 187 -3.14 -29.75 32.50
CA TYR C 187 -3.31 -29.05 33.74
C TYR C 187 -3.83 -29.99 34.88
N GLN C 188 -4.89 -30.75 34.61
CA GLN C 188 -5.40 -31.74 35.55
C GLN C 188 -4.33 -32.70 36.04
N ARG C 189 -3.48 -33.17 35.14
CA ARG C 189 -2.49 -34.20 35.47
C ARG C 189 -1.22 -33.63 36.12
N GLN C 190 -0.81 -32.43 35.71
CA GLN C 190 0.52 -31.95 35.97
C GLN C 190 0.63 -30.70 36.81
N ARG C 191 -0.46 -29.97 37.01
CA ARG C 191 -0.40 -28.74 37.78
C ARG C 191 0.18 -28.98 39.19
N GLN C 192 -0.22 -30.11 39.76
CA GLN C 192 0.27 -30.53 41.10
C GLN C 192 1.82 -30.77 41.28
N LEU C 193 2.59 -30.93 40.20
CA LEU C 193 4.05 -31.05 40.35
C LEU C 193 4.64 -29.86 41.12
N ASP C 194 4.16 -28.64 40.87
CA ASP C 194 4.78 -27.44 41.43
C ASP C 194 3.98 -26.22 41.00
N ASP C 195 4.04 -25.18 41.82
CA ASP C 195 3.47 -23.88 41.43
C ASP C 195 4.12 -23.31 40.12
N PHE C 196 5.41 -23.53 39.95
CA PHE C 196 6.10 -23.22 38.69
C PHE C 196 6.11 -24.53 37.92
N THR C 197 4.93 -24.90 37.43
CA THR C 197 4.74 -26.18 36.71
C THR C 197 5.73 -26.40 35.53
N PHE C 198 5.90 -25.41 34.65
CA PHE C 198 6.80 -25.61 33.53
C PHE C 198 8.25 -25.73 33.87
N PRO C 199 8.76 -24.80 34.68
CA PRO C 199 10.10 -25.01 35.18
C PRO C 199 10.28 -26.43 35.74
N CYS C 200 9.28 -26.90 36.48
CA CYS C 200 9.37 -28.23 37.11
C CYS C 200 9.42 -29.36 36.09
N LEU C 201 8.62 -29.28 35.03
CA LEU C 201 8.67 -30.29 33.94
C LEU C 201 10.06 -30.39 33.28
N PHE C 202 10.75 -29.26 33.16
CA PHE C 202 12.14 -29.24 32.64
C PHE C 202 13.22 -29.63 33.64
N ALA C 203 13.04 -29.27 34.90
CA ALA C 203 13.85 -29.83 35.99
C ALA C 203 13.76 -31.33 36.02
N LYS C 204 12.54 -31.85 35.80
CA LYS C 204 12.30 -33.32 35.75
C LYS C 204 13.02 -33.99 34.58
N ARG C 205 12.99 -33.35 33.40
CA ARG C 205 13.85 -33.82 32.33
C ARG C 205 15.35 -33.81 32.71
N MET C 206 15.81 -32.70 33.29
CA MET C 206 17.22 -32.51 33.61
C MET C 206 17.70 -33.56 34.60
N LYS C 207 16.84 -33.95 35.55
CA LYS C 207 17.16 -35.08 36.44
C LYS C 207 17.44 -36.39 35.69
N TYR C 208 16.60 -36.71 34.72
CA TYR C 208 16.78 -37.94 33.91
C TYR C 208 18.03 -37.81 32.98
N ILE C 209 18.19 -36.63 32.40
CA ILE C 209 19.34 -36.28 31.59
C ILE C 209 20.66 -36.43 32.37
N ALA C 210 20.73 -35.84 33.56
CA ALA C 210 21.91 -35.94 34.43
C ALA C 210 22.22 -37.39 34.86
N GLU C 211 21.18 -38.15 35.21
CA GLU C 211 21.31 -39.59 35.58
C GLU C 211 21.87 -40.42 34.43
N HIS C 212 21.53 -40.06 33.18
CA HIS C 212 22.05 -40.77 32.02
C HIS C 212 23.32 -40.12 31.47
N ASN C 213 23.78 -39.06 32.10
CA ASN C 213 24.97 -38.35 31.69
C ASN C 213 24.90 -37.86 30.23
N HIS C 214 23.72 -37.41 29.84
CA HIS C 214 23.47 -37.00 28.46
C HIS C 214 24.11 -35.64 28.26
N PHE C 215 23.94 -34.75 29.23
CA PHE C 215 24.78 -33.58 29.44
C PHE C 215 24.61 -33.16 30.90
N THR C 216 25.30 -32.08 31.30
CA THR C 216 25.42 -31.73 32.70
C THR C 216 24.88 -30.33 32.98
N MET C 217 24.78 -30.01 34.26
CA MET C 217 24.44 -28.67 34.68
C MET C 217 25.51 -27.62 34.36
N GLU C 218 26.77 -28.05 34.22
CA GLU C 218 27.83 -27.16 33.70
C GLU C 218 27.60 -26.76 32.24
N ASP C 219 27.20 -27.73 31.43
CA ASP C 219 26.80 -27.47 30.05
C ASP C 219 25.65 -26.45 29.97
N THR C 220 24.63 -26.59 30.82
CA THR C 220 23.50 -25.70 30.75
C THR C 220 23.94 -24.31 31.20
N ALA C 221 24.86 -24.24 32.17
CA ALA C 221 25.45 -22.96 32.59
C ALA C 221 26.17 -22.28 31.43
N ARG C 222 26.85 -23.05 30.59
CA ARG C 222 27.47 -22.53 29.34
C ARG C 222 26.48 -21.95 28.33
N VAL C 223 25.29 -22.57 28.22
CA VAL C 223 24.21 -22.04 27.40
C VAL C 223 23.81 -20.67 27.92
N ALA C 224 23.60 -20.57 29.23
CA ALA C 224 23.18 -19.30 29.79
C ALA C 224 24.24 -18.21 29.56
N ALA C 225 25.52 -18.53 29.76
CA ALA C 225 26.62 -17.56 29.58
C ALA C 225 26.63 -17.03 28.16
N LYS C 226 26.48 -17.93 27.21
CA LYS C 226 26.36 -17.55 25.78
C LYS C 226 25.17 -16.62 25.54
N ALA C 227 24.00 -16.99 26.06
CA ALA C 227 22.78 -16.19 25.88
C ALA C 227 22.97 -14.77 26.40
N TYR C 228 23.50 -14.66 27.62
CA TYR C 228 23.62 -13.32 28.24
C TYR C 228 24.67 -12.45 27.52
N ALA C 229 25.77 -13.07 27.06
CA ALA C 229 26.78 -12.33 26.30
C ALA C 229 26.16 -11.81 24.99
N ASN C 230 25.34 -12.65 24.36
CA ASN C 230 24.64 -12.25 23.11
C ASN C 230 23.62 -11.13 23.38
N GLY C 231 22.82 -11.27 24.45
CA GLY C 231 21.90 -10.23 24.84
C GLY C 231 22.52 -8.88 25.18
N ASN C 232 23.77 -8.91 25.68
CA ASN C 232 24.52 -7.66 25.97
C ASN C 232 24.83 -6.87 24.73
N LYS C 233 24.81 -7.53 23.58
CA LYS C 233 24.95 -6.85 22.29
C LYS C 233 23.66 -6.41 21.62
N ASN C 234 22.53 -6.61 22.30
CA ASN C 234 21.22 -6.48 21.70
C ASN C 234 20.34 -5.54 22.51
N PRO C 235 20.21 -4.28 22.08
CA PRO C 235 19.45 -3.31 22.85
C PRO C 235 17.96 -3.65 23.02
N LEU C 236 17.40 -4.57 22.19
CA LEU C 236 16.02 -5.01 22.35
C LEU C 236 15.84 -6.07 23.45
N ALA C 237 16.94 -6.69 23.88
CA ALA C 237 16.89 -7.76 24.83
C ALA C 237 16.47 -7.31 26.27
N HIS C 238 15.54 -8.08 26.87
CA HIS C 238 15.09 -7.91 28.25
C HIS C 238 16.31 -7.80 29.22
N MET C 239 17.28 -8.69 29.06
CA MET C 239 18.44 -8.75 29.89
C MET C 239 19.69 -8.07 29.29
N HIS C 240 19.48 -7.18 28.35
CA HIS C 240 20.54 -6.41 27.73
C HIS C 240 21.60 -5.90 28.75
N THR C 241 21.14 -5.31 29.84
CA THR C 241 22.05 -4.67 30.80
C THR C 241 22.53 -5.62 31.87
N ARG C 242 22.04 -6.86 31.91
CA ARG C 242 22.55 -7.87 32.83
C ARG C 242 23.76 -8.67 32.26
N LYS C 243 24.90 -8.58 32.94
CA LYS C 243 26.12 -9.33 32.59
C LYS C 243 26.34 -10.49 33.55
N LEU C 244 26.47 -11.69 33.02
CA LEU C 244 26.65 -12.92 33.82
C LEU C 244 27.81 -13.74 33.30
N THR C 245 28.71 -14.12 34.19
CA THR C 245 29.80 -15.03 33.83
C THR C 245 29.32 -16.47 33.86
N PHE C 246 30.10 -17.35 33.27
CA PHE C 246 29.88 -18.80 33.41
C PHE C 246 29.70 -19.20 34.88
N GLU C 247 30.58 -18.65 35.73
CA GLU C 247 30.59 -18.97 37.18
C GLU C 247 29.29 -18.60 37.86
N GLN C 248 28.75 -17.42 37.55
CA GLN C 248 27.44 -16.99 38.06
C GLN C 248 26.34 -17.94 37.54
N CYS C 249 26.39 -18.32 36.26
CA CYS C 249 25.37 -19.22 35.69
C CYS C 249 25.50 -20.65 36.21
N ASN C 250 26.71 -21.01 36.65
CA ASN C 250 26.93 -22.33 37.21
C ASN C 250 26.65 -22.47 38.74
N GLY C 251 26.07 -21.46 39.39
CA GLY C 251 25.59 -21.55 40.81
C GLY C 251 26.46 -20.91 41.89
N GLU C 252 27.48 -20.15 41.49
CA GLU C 252 28.49 -19.59 42.38
C GLU C 252 28.09 -18.18 42.86
N ASP C 253 27.19 -17.51 42.13
CA ASP C 253 26.42 -16.37 42.65
C ASP C 253 25.26 -16.90 43.51
N PRO C 254 25.25 -16.62 44.83
CA PRO C 254 24.14 -17.08 45.69
C PRO C 254 22.76 -16.44 45.39
N SER C 255 22.71 -15.33 44.64
CA SER C 255 21.44 -14.84 44.12
C SER C 255 20.83 -15.77 43.03
N ASN C 256 21.63 -16.73 42.52
CA ASN C 256 21.20 -17.70 41.51
C ASN C 256 20.57 -18.93 42.14
N VAL C 257 19.35 -18.75 42.57
CA VAL C 257 18.71 -19.70 43.46
C VAL C 257 18.08 -20.88 42.73
N LYS C 258 18.13 -22.03 43.41
CA LYS C 258 17.32 -23.18 43.06
C LYS C 258 15.94 -23.03 43.72
N PHE C 259 15.03 -22.45 42.96
CA PHE C 259 13.79 -21.87 43.47
C PHE C 259 12.55 -22.79 43.47
N LEU C 260 12.62 -23.99 42.91
CA LEU C 260 11.45 -24.87 42.88
C LEU C 260 11.11 -25.38 44.29
N GLY C 261 9.81 -25.59 44.53
CA GLY C 261 9.28 -26.22 45.75
C GLY C 261 9.38 -27.75 45.76
N ASN C 262 9.34 -28.37 44.59
CA ASN C 262 9.30 -29.83 44.50
C ASN C 262 10.68 -30.40 44.82
N GLU C 263 10.81 -31.07 45.97
CA GLU C 263 12.11 -31.55 46.50
C GLU C 263 12.76 -32.59 45.60
N THR C 264 11.95 -33.31 44.84
CA THR C 264 12.46 -34.33 43.93
C THR C 264 13.29 -33.68 42.78
N TYR C 265 12.94 -32.46 42.35
CA TYR C 265 13.52 -31.91 41.13
C TYR C 265 14.25 -30.60 41.36
N LYS C 266 14.18 -30.06 42.59
CA LYS C 266 14.57 -28.70 42.81
C LYS C 266 16.10 -28.48 42.61
N GLU C 267 16.89 -29.52 42.77
CA GLU C 267 18.33 -29.39 42.56
C GLU C 267 18.78 -29.21 41.09
N TYR C 268 17.87 -29.39 40.13
CA TYR C 268 18.24 -29.41 38.69
C TYR C 268 17.89 -28.16 37.91
N LEU C 269 17.53 -27.08 38.58
CA LEU C 269 17.15 -25.85 37.89
C LEU C 269 17.52 -24.62 38.71
N ARG C 270 18.35 -23.75 38.14
CA ARG C 270 18.68 -22.46 38.73
C ARG C 270 17.88 -21.37 38.02
N MET C 271 17.78 -20.21 38.65
CA MET C 271 17.08 -19.08 38.06
C MET C 271 17.62 -18.69 36.68
N THR C 272 18.95 -18.70 36.52
CA THR C 272 19.57 -18.35 35.23
C THR C 272 19.30 -19.39 34.13
N ASP C 273 18.82 -20.58 34.51
CA ASP C 273 18.44 -21.58 33.54
C ASP C 273 17.06 -21.27 32.86
N CYS C 274 16.36 -20.24 33.30
CA CYS C 274 14.97 -20.01 32.92
C CYS C 274 14.83 -18.83 31.99
N SER C 275 13.90 -18.97 31.04
CA SER C 275 13.49 -17.82 30.19
C SER C 275 12.87 -16.71 31.01
N GLN C 276 12.87 -15.48 30.48
CA GLN C 276 12.33 -14.33 31.16
C GLN C 276 10.81 -14.18 30.98
N VAL C 277 10.18 -13.51 31.93
CA VAL C 277 8.76 -13.16 31.92
C VAL C 277 8.78 -11.79 31.27
N SER C 278 8.39 -11.72 29.99
CA SER C 278 8.56 -10.49 29.22
C SER C 278 7.25 -10.04 28.60
N ASP C 279 7.21 -8.75 28.26
CA ASP C 279 6.19 -8.20 27.40
C ASP C 279 6.86 -7.80 26.09
N GLY C 280 6.20 -8.08 24.99
CA GLY C 280 6.71 -7.60 23.68
C GLY C 280 5.93 -8.17 22.53
N GLY C 281 6.35 -7.78 21.34
CA GLY C 281 5.72 -8.23 20.12
C GLY C 281 6.74 -8.42 19.03
N ALA C 282 6.33 -9.22 18.07
CA ALA C 282 7.05 -9.42 16.79
C ALA C 282 6.08 -9.67 15.65
N GLY C 283 6.42 -9.10 14.49
CA GLY C 283 5.58 -9.21 13.32
C GLY C 283 6.39 -9.49 12.05
N VAL C 284 5.73 -10.14 11.10
CA VAL C 284 6.34 -10.43 9.83
C VAL C 284 5.26 -10.29 8.76
N VAL C 285 5.68 -9.75 7.60
CA VAL C 285 4.87 -9.71 6.38
C VAL C 285 5.34 -10.83 5.47
N LEU C 286 4.40 -11.68 5.10
CA LEU C 286 4.67 -12.82 4.21
C LEU C 286 3.90 -12.63 2.93
N ALA C 287 4.53 -13.02 1.82
CA ALA C 287 3.94 -12.83 0.51
C ALA C 287 4.18 -14.03 -0.33
N ASN C 288 3.24 -14.32 -1.20
CA ASN C 288 3.51 -15.24 -2.31
C ASN C 288 3.97 -14.46 -3.56
N GLU C 289 4.17 -15.15 -4.68
CA GLU C 289 4.60 -14.48 -5.94
C GLU C 289 3.66 -13.37 -6.38
N GLU C 290 2.37 -13.59 -6.23
CA GLU C 290 1.40 -12.59 -6.58
C GLU C 290 1.49 -11.40 -5.62
N GLY C 291 1.69 -11.66 -4.34
CA GLY C 291 1.92 -10.61 -3.36
C GLY C 291 3.13 -9.76 -3.64
N LEU C 292 4.24 -10.40 -4.10
CA LEU C 292 5.39 -9.62 -4.53
C LEU C 292 5.04 -8.65 -5.69
N ARG C 293 4.35 -9.22 -6.68
CA ARG C 293 3.81 -8.43 -7.81
C ARG C 293 2.93 -7.20 -7.35
N LYS C 294 2.10 -7.49 -6.37
CA LYS C 294 1.21 -6.53 -5.79
C LYS C 294 1.97 -5.45 -4.95
N MET C 295 3.16 -5.79 -4.49
CA MET C 295 4.09 -4.83 -3.91
C MET C 295 5.09 -4.19 -4.84
N GLY C 296 5.13 -4.60 -6.10
CA GLY C 296 6.09 -4.04 -7.00
C GLY C 296 7.50 -4.58 -6.77
N LEU C 297 7.61 -5.79 -6.23
CA LEU C 297 8.91 -6.43 -6.01
C LEU C 297 9.11 -7.66 -6.91
N SER C 298 10.38 -7.92 -7.28
CA SER C 298 10.78 -9.12 -8.00
C SER C 298 11.20 -10.19 -6.97
N PRO C 299 11.02 -11.50 -7.30
CA PRO C 299 11.41 -12.57 -6.35
C PRO C 299 12.90 -12.65 -6.06
N ASN C 300 13.72 -11.91 -6.80
CA ASN C 300 15.14 -11.77 -6.45
C ASN C 300 15.51 -10.50 -5.69
N ASP C 301 14.53 -9.74 -5.25
CA ASP C 301 14.84 -8.52 -4.52
C ASP C 301 15.65 -8.82 -3.23
N SER C 302 16.69 -8.00 -3.00
CA SER C 302 17.63 -8.24 -1.89
C SER C 302 17.03 -8.06 -0.46
N ARG C 303 15.82 -7.49 -0.35
CA ARG C 303 15.10 -7.45 0.91
C ARG C 303 14.37 -8.79 1.30
N LEU C 304 14.33 -9.78 0.42
CA LEU C 304 13.55 -10.97 0.66
C LEU C 304 14.35 -12.13 1.25
N VAL C 305 13.60 -13.00 1.96
CA VAL C 305 14.07 -14.32 2.37
C VAL C 305 12.94 -15.25 2.00
N GLU C 306 13.30 -16.38 1.41
CA GLU C 306 12.35 -17.38 1.08
C GLU C 306 12.17 -18.31 2.23
N ILE C 307 10.91 -18.64 2.53
CA ILE C 307 10.65 -19.71 3.49
C ILE C 307 10.55 -20.96 2.63
N LYS C 308 11.61 -21.78 2.63
CA LYS C 308 11.66 -22.96 1.76
C LYS C 308 10.72 -24.04 2.21
N SER C 309 10.55 -24.17 3.52
CA SER C 309 9.62 -25.12 4.07
C SER C 309 9.22 -24.72 5.48
N ILE C 310 8.04 -25.17 5.87
CA ILE C 310 7.64 -25.09 7.26
C ILE C 310 6.88 -26.38 7.59
N ALA C 311 6.97 -26.83 8.83
CA ALA C 311 6.26 -28.01 9.26
C ALA C 311 5.87 -27.92 10.72
N CYS C 312 4.77 -28.60 11.04
CA CYS C 312 4.19 -28.63 12.38
C CYS C 312 3.94 -30.07 12.77
N ALA C 313 4.35 -30.44 13.97
CA ALA C 313 4.09 -31.75 14.52
C ALA C 313 3.57 -31.53 15.94
N VAL C 314 2.54 -32.32 16.27
CA VAL C 314 1.93 -32.28 17.57
C VAL C 314 1.77 -33.69 18.13
N SER C 315 2.11 -33.84 19.39
CA SER C 315 2.03 -35.11 20.09
C SER C 315 0.87 -35.07 21.09
N ASN C 316 0.84 -36.00 22.04
CA ASN C 316 -0.30 -36.21 22.93
C ASN C 316 -0.12 -35.48 24.25
N LEU C 317 -0.98 -34.50 24.51
CA LEU C 317 -0.88 -33.72 25.70
C LEU C 317 -0.94 -34.61 26.99
N TYR C 318 -1.69 -35.69 26.93
CA TYR C 318 -2.00 -36.50 28.09
C TYR C 318 -0.97 -37.61 28.44
N GLU C 319 0.05 -37.80 27.60
CA GLU C 319 1.03 -38.89 27.78
C GLU C 319 2.40 -38.39 27.41
N ASP C 320 3.41 -38.80 28.17
CA ASP C 320 4.78 -38.35 27.98
C ASP C 320 5.67 -39.52 27.56
N PRO C 321 6.60 -39.32 26.61
CA PRO C 321 7.54 -40.43 26.34
C PRO C 321 8.46 -40.70 27.57
N ASP C 322 8.96 -41.92 27.69
CA ASP C 322 9.92 -42.27 28.73
C ASP C 322 11.27 -41.59 28.57
N ASP C 323 11.73 -41.43 27.33
CA ASP C 323 13.07 -40.84 27.10
C ASP C 323 13.07 -39.30 27.13
N ALA C 324 13.37 -38.77 28.31
CA ALA C 324 13.48 -37.34 28.51
C ALA C 324 14.70 -36.68 27.82
N CYS C 325 15.65 -37.51 27.35
CA CYS C 325 16.82 -36.99 26.63
C CYS C 325 16.51 -36.69 25.16
N CYS C 326 15.28 -36.97 24.69
CA CYS C 326 14.89 -36.69 23.31
C CYS C 326 13.58 -35.88 23.23
N MET C 327 13.60 -34.80 22.45
CA MET C 327 12.39 -34.04 22.17
C MET C 327 11.84 -34.55 20.85
N PHE C 328 11.04 -35.63 20.94
CA PHE C 328 10.59 -36.39 19.79
C PHE C 328 9.72 -35.56 18.84
N THR C 329 8.87 -34.70 19.39
CA THR C 329 7.96 -33.87 18.55
C THR C 329 8.76 -32.82 17.79
N SER C 330 9.65 -32.11 18.49
CA SER C 330 10.56 -31.13 17.87
C SER C 330 11.40 -31.74 16.76
N ARG C 331 11.88 -32.95 17.01
CA ARG C 331 12.69 -33.63 16.03
C ARG C 331 11.90 -34.00 14.82
N GLN C 332 10.67 -34.47 14.98
CA GLN C 332 9.82 -34.73 13.81
C GLN C 332 9.57 -33.47 12.97
N ALA C 333 9.26 -32.35 13.59
CA ALA C 333 8.97 -31.14 12.85
C ALA C 333 10.24 -30.70 12.12
N ALA C 334 11.41 -30.72 12.78
CA ALA C 334 12.66 -30.31 12.12
C ALA C 334 13.03 -31.22 10.96
N GLN C 335 12.86 -32.51 11.14
CA GLN C 335 13.08 -33.47 10.06
C GLN C 335 12.16 -33.27 8.88
N LYS C 336 10.88 -33.06 9.12
CA LYS C 336 9.94 -32.78 8.01
C LYS C 336 10.37 -31.51 7.26
N ALA C 337 10.66 -30.44 7.98
CA ALA C 337 11.04 -29.20 7.34
C ALA C 337 12.35 -29.33 6.52
N LEU C 338 13.39 -29.96 7.08
CA LEU C 338 14.67 -30.13 6.37
C LEU C 338 14.51 -30.99 5.11
N SER C 339 13.74 -32.05 5.24
CA SER C 339 13.42 -32.94 4.14
C SER C 339 12.66 -32.19 3.04
N MET C 340 11.61 -31.46 3.40
CA MET C 340 10.85 -30.68 2.42
C MET C 340 11.74 -29.66 1.73
N ALA C 341 12.72 -29.10 2.44
CA ALA C 341 13.67 -28.13 1.85
C ALA C 341 14.85 -28.82 1.15
N ASN C 342 14.99 -30.13 1.34
CA ASN C 342 16.04 -30.93 0.76
C ASN C 342 17.41 -30.50 1.20
N ILE C 343 17.56 -30.18 2.48
CA ILE C 343 18.87 -29.85 3.00
C ILE C 343 19.13 -30.77 4.17
N LYS C 344 20.37 -30.78 4.62
CA LYS C 344 20.77 -31.47 5.85
C LYS C 344 21.06 -30.44 6.93
N PRO C 345 21.04 -30.86 8.19
CA PRO C 345 21.39 -29.95 9.26
C PRO C 345 22.80 -29.32 9.14
N SER C 346 23.77 -30.08 8.61
CA SER C 346 25.11 -29.52 8.40
C SER C 346 25.15 -28.37 7.34
N ASP C 347 24.14 -28.26 6.46
CA ASP C 347 24.00 -27.11 5.54
C ASP C 347 23.61 -25.79 6.23
N LEU C 348 23.12 -25.81 7.46
CA LEU C 348 22.61 -24.56 8.08
C LEU C 348 23.75 -23.63 8.49
N ASN C 349 23.57 -22.33 8.28
CA ASN C 349 24.56 -21.34 8.69
C ASN C 349 24.16 -20.61 9.95
N VAL C 350 22.87 -20.68 10.28
CA VAL C 350 22.34 -20.00 11.44
C VAL C 350 21.05 -20.71 11.89
N ALA C 351 20.77 -20.63 13.21
CA ALA C 351 19.53 -21.19 13.75
C ALA C 351 19.00 -20.42 14.95
N GLU C 352 17.68 -20.45 15.09
CA GLU C 352 16.98 -19.98 16.28
C GLU C 352 16.21 -21.16 16.84
N VAL C 353 16.43 -21.46 18.13
CA VAL C 353 15.78 -22.62 18.75
C VAL C 353 15.13 -22.17 20.05
N HIS C 354 14.18 -22.99 20.47
CA HIS C 354 13.28 -22.69 21.58
C HIS C 354 13.92 -22.95 22.93
N ASP C 355 14.75 -22.02 23.37
CA ASP C 355 15.48 -22.14 24.64
C ASP C 355 14.69 -21.64 25.86
N CYS C 356 13.54 -22.23 26.11
CA CYS C 356 12.71 -21.76 27.23
C CYS C 356 13.40 -22.06 28.54
N PHE C 357 14.27 -23.07 28.51
CA PHE C 357 15.28 -23.29 29.55
C PHE C 357 16.60 -23.62 28.83
N THR C 358 17.73 -23.41 29.50
CA THR C 358 19.06 -23.84 28.98
C THR C 358 19.01 -25.29 28.62
N ILE C 359 18.24 -26.04 29.40
CA ILE C 359 18.01 -27.49 29.19
C ILE C 359 17.40 -27.77 27.80
N ALA C 360 16.42 -26.95 27.43
CA ALA C 360 15.77 -27.09 26.14
C ALA C 360 16.68 -26.74 24.94
N GLU C 361 17.56 -25.74 25.05
CA GLU C 361 18.51 -25.38 23.99
C GLU C 361 19.40 -26.56 23.62
N MET C 362 19.94 -27.22 24.65
CA MET C 362 20.75 -28.40 24.45
C MET C 362 19.99 -29.47 23.67
N LEU C 363 18.76 -29.74 24.09
CA LEU C 363 17.92 -30.79 23.45
C LEU C 363 17.49 -30.39 22.06
N MET C 364 17.30 -29.10 21.89
CA MET C 364 16.98 -28.56 20.56
C MET C 364 18.15 -28.77 19.57
N TYR C 365 19.41 -28.69 20.01
CA TYR C 365 20.55 -28.94 19.10
C TYR C 365 20.40 -30.28 18.48
N GLU C 366 20.01 -31.23 19.28
CA GLU C 366 19.82 -32.62 18.83
C GLU C 366 18.50 -32.88 18.08
N ALA C 367 17.44 -32.18 18.44
CA ALA C 367 16.19 -32.27 17.69
C ALA C 367 16.38 -31.72 16.27
N LEU C 368 17.08 -30.61 16.18
CA LEU C 368 17.36 -29.97 14.87
C LEU C 368 18.35 -30.79 14.03
N GLY C 369 19.20 -31.55 14.69
CA GLY C 369 20.19 -32.42 14.04
C GLY C 369 21.56 -31.77 13.80
N ILE C 370 21.80 -30.55 14.30
CA ILE C 370 23.18 -29.99 14.27
C ILE C 370 24.16 -30.70 15.23
N ALA C 371 23.60 -31.43 16.21
CA ALA C 371 24.34 -32.43 16.95
C ALA C 371 23.64 -33.76 16.88
N GLU C 372 24.40 -34.83 16.89
CA GLU C 372 23.84 -36.20 17.11
C GLU C 372 23.34 -36.39 18.57
N TYR C 373 22.49 -37.37 18.77
CA TYR C 373 22.00 -37.74 20.10
C TYR C 373 23.19 -37.96 21.05
N GLY C 374 23.16 -37.27 22.19
CA GLY C 374 24.25 -37.27 23.16
C GLY C 374 25.43 -36.35 22.88
N HIS C 375 25.39 -35.56 21.80
CA HIS C 375 26.53 -34.72 21.40
C HIS C 375 26.28 -33.23 21.42
N ALA C 376 25.12 -32.79 21.91
CA ALA C 376 24.93 -31.37 22.13
C ALA C 376 26.02 -30.80 23.03
N LYS C 377 26.38 -31.56 24.05
CA LYS C 377 27.47 -31.16 24.92
C LYS C 377 28.79 -30.81 24.19
N ASP C 378 29.10 -31.53 23.12
CA ASP C 378 30.28 -31.22 22.27
C ASP C 378 30.18 -29.83 21.65
N LEU C 379 28.99 -29.51 21.12
CA LEU C 379 28.82 -28.20 20.55
C LEU C 379 29.02 -27.07 21.57
N ILE C 380 28.43 -27.21 22.76
CA ILE C 380 28.49 -26.14 23.74
C ILE C 380 29.90 -26.00 24.34
N ARG C 381 30.59 -27.13 24.54
CA ARG C 381 31.94 -27.11 25.15
C ARG C 381 32.98 -26.51 24.21
N ASN C 382 32.77 -26.69 22.90
CA ASN C 382 33.67 -26.14 21.88
C ASN C 382 33.30 -24.75 21.30
N GLY C 383 32.18 -24.16 21.71
CA GLY C 383 31.81 -22.83 21.20
C GLY C 383 31.22 -22.80 19.79
N ASP C 384 30.85 -23.96 19.26
CA ASP C 384 30.27 -24.08 17.91
C ASP C 384 28.99 -23.24 17.66
N THR C 385 28.23 -22.94 18.72
CA THR C 385 26.98 -22.20 18.57
C THR C 385 27.06 -20.77 19.01
N THR C 386 28.28 -20.32 19.38
CA THR C 386 28.50 -18.92 19.65
C THR C 386 28.45 -18.13 18.36
N LEU C 387 28.39 -16.81 18.49
CA LEU C 387 28.52 -15.91 17.33
C LEU C 387 29.72 -16.19 16.46
N GLU C 388 30.86 -16.55 17.03
CA GLU C 388 32.01 -16.81 16.12
C GLU C 388 32.15 -18.32 15.74
N GLY C 389 31.15 -19.15 16.09
CA GLY C 389 31.21 -20.60 15.82
C GLY C 389 30.74 -20.91 14.42
N ARG C 390 30.90 -22.17 14.04
CA ARG C 390 30.44 -22.59 12.73
C ARG C 390 28.92 -22.59 12.57
N ILE C 391 28.14 -22.68 13.64
CA ILE C 391 26.65 -22.68 13.54
C ILE C 391 26.06 -21.86 14.71
N PRO C 392 26.12 -20.53 14.63
CA PRO C 392 25.56 -19.66 15.65
C PRO C 392 24.04 -19.94 15.85
N VAL C 393 23.65 -20.08 17.13
CA VAL C 393 22.28 -20.32 17.55
C VAL C 393 21.89 -19.20 18.54
N ASN C 394 20.72 -18.59 18.32
CA ASN C 394 20.15 -17.60 19.23
C ASN C 394 21.08 -16.40 19.47
N THR C 395 21.42 -15.80 18.34
CA THR C 395 22.47 -14.82 18.25
C THR C 395 22.19 -13.56 19.08
N GLY C 396 20.91 -13.22 19.28
CA GLY C 396 20.52 -12.02 20.01
C GLY C 396 20.11 -12.25 21.47
N GLY C 397 20.34 -13.45 22.00
CA GLY C 397 20.07 -13.75 23.40
C GLY C 397 19.08 -14.87 23.68
N GLY C 398 18.31 -15.27 22.68
CA GLY C 398 17.28 -16.30 22.84
C GLY C 398 16.23 -15.94 23.90
N LEU C 399 15.46 -16.92 24.29
CA LEU C 399 14.42 -16.74 25.28
C LEU C 399 14.99 -16.41 26.65
N LEU C 400 16.23 -16.84 26.93
CA LEU C 400 16.93 -16.57 28.18
C LEU C 400 17.29 -15.09 28.40
N SER C 401 17.78 -14.43 27.36
CA SER C 401 18.23 -13.04 27.46
C SER C 401 17.40 -12.04 26.66
N PHE C 402 17.07 -12.41 25.45
CA PHE C 402 16.21 -11.56 24.62
C PHE C 402 14.86 -11.46 25.38
N GLY C 403 14.35 -12.58 25.83
CA GLY C 403 13.18 -12.63 26.67
C GLY C 403 12.15 -13.51 25.98
N HIS C 404 11.03 -13.73 26.62
CA HIS C 404 10.05 -14.65 26.10
C HIS C 404 8.60 -14.19 26.33
N PRO C 405 8.15 -13.19 25.57
CA PRO C 405 6.71 -12.87 25.50
C PRO C 405 6.09 -13.96 24.64
N VAL C 406 5.47 -14.90 25.28
CA VAL C 406 5.26 -16.21 24.69
C VAL C 406 4.73 -16.23 23.22
N GLY C 407 3.62 -15.54 22.94
CA GLY C 407 3.07 -15.51 21.61
C GLY C 407 3.94 -14.86 20.51
N ALA C 408 4.79 -13.94 20.91
CA ALA C 408 5.75 -13.28 20.02
C ALA C 408 6.93 -14.18 19.62
N THR C 409 7.28 -15.13 20.46
CA THR C 409 8.54 -15.88 20.27
C THR C 409 8.75 -16.57 18.91
N GLY C 410 7.76 -17.29 18.43
CA GLY C 410 7.88 -17.97 17.12
C GLY C 410 8.14 -17.04 15.95
N ILE C 411 7.59 -15.82 16.04
CA ILE C 411 7.78 -14.85 15.01
C ILE C 411 9.11 -14.13 15.20
N LYS C 412 9.49 -13.82 16.46
CA LYS C 412 10.82 -13.27 16.75
C LYS C 412 11.92 -14.17 16.15
N GLN C 413 11.78 -15.47 16.27
CA GLN C 413 12.77 -16.40 15.76
C GLN C 413 12.99 -16.26 14.23
N ILE C 414 11.88 -16.28 13.47
CA ILE C 414 11.89 -16.02 12.02
C ILE C 414 12.56 -14.69 11.71
N MET C 415 12.15 -13.64 12.40
CA MET C 415 12.71 -12.33 12.17
C MET C 415 14.20 -12.19 12.52
N GLU C 416 14.66 -12.98 13.48
CA GLU C 416 16.05 -12.94 13.90
C GLU C 416 16.96 -13.51 12.82
N VAL C 417 16.48 -14.59 12.20
CA VAL C 417 17.15 -15.19 11.07
C VAL C 417 17.15 -14.25 9.86
N TYR C 418 15.98 -13.65 9.57
CA TYR C 418 15.86 -12.62 8.56
C TYR C 418 16.86 -11.53 8.80
N ARG C 419 16.88 -10.99 10.02
CA ARG C 419 17.78 -9.86 10.34
C ARG C 419 19.25 -10.19 10.10
N GLN C 420 19.69 -11.35 10.52
CA GLN C 420 21.05 -11.79 10.22
C GLN C 420 21.32 -11.91 8.71
N MET C 421 20.37 -12.46 7.98
CA MET C 421 20.51 -12.65 6.51
C MET C 421 20.59 -11.32 5.78
N LYS C 422 19.94 -10.30 6.32
CA LYS C 422 19.96 -8.97 5.75
C LYS C 422 21.00 -8.05 6.38
N GLY C 423 21.85 -8.55 7.27
CA GLY C 423 22.89 -7.70 7.82
C GLY C 423 22.43 -6.65 8.84
N GLN C 424 21.30 -6.89 9.52
CA GLN C 424 20.60 -5.84 10.27
C GLN C 424 20.75 -5.94 11.80
N CYS C 425 21.56 -6.89 12.27
CA CYS C 425 21.76 -7.12 13.69
C CYS C 425 22.82 -6.25 14.44
N GLU C 426 23.43 -5.29 13.75
CA GLU C 426 24.32 -4.31 14.36
C GLU C 426 25.43 -4.99 15.18
N ALA C 427 25.48 -4.79 16.51
CA ALA C 427 26.56 -5.37 17.35
C ALA C 427 26.59 -6.89 17.40
N TYR C 428 25.44 -7.57 17.18
CA TYR C 428 25.46 -9.06 17.14
C TYR C 428 25.34 -9.66 15.74
N GLN C 429 25.61 -8.84 14.71
CA GLN C 429 25.65 -9.29 13.32
C GLN C 429 26.76 -10.29 13.10
N MET C 430 26.43 -11.38 12.43
CA MET C 430 27.36 -12.41 12.09
C MET C 430 28.16 -11.81 10.90
N LYS C 431 29.44 -12.13 10.89
CA LYS C 431 30.43 -11.58 9.96
C LYS C 431 30.28 -12.14 8.57
N LYS C 432 29.87 -13.40 8.50
CA LYS C 432 29.57 -14.08 7.27
C LYS C 432 28.04 -14.16 7.21
N ILE C 433 27.48 -13.49 6.22
CA ILE C 433 26.05 -13.47 6.02
C ILE C 433 25.56 -14.92 5.81
N PRO C 434 24.62 -15.38 6.63
CA PRO C 434 24.11 -16.76 6.44
C PRO C 434 23.26 -16.94 5.18
N ALA C 435 23.49 -18.02 4.46
CA ALA C 435 22.67 -18.38 3.29
C ALA C 435 21.41 -19.19 3.63
N LEU C 436 21.55 -20.10 4.58
CA LEU C 436 20.47 -20.99 5.01
C LEU C 436 20.31 -20.91 6.53
N GLY C 437 19.07 -20.79 6.97
CA GLY C 437 18.73 -20.79 8.38
C GLY C 437 17.54 -21.66 8.73
N ALA C 438 17.44 -22.02 10.01
CA ALA C 438 16.31 -22.79 10.51
C ALA C 438 15.82 -22.29 11.87
N THR C 439 14.51 -22.43 12.10
CA THR C 439 13.91 -22.09 13.34
C THR C 439 13.18 -23.32 13.87
N LEU C 440 13.08 -23.39 15.21
CA LEU C 440 12.40 -24.49 15.87
C LEU C 440 11.74 -23.89 17.11
N ASN C 441 10.41 -23.89 17.08
CA ASN C 441 9.51 -23.24 18.00
C ASN C 441 8.69 -24.36 18.69
N MET C 442 8.56 -24.33 20.00
CA MET C 442 8.00 -25.41 20.74
C MET C 442 6.99 -24.87 21.71
N GLY C 443 5.91 -25.62 21.81
CA GLY C 443 4.88 -25.35 22.78
C GLY C 443 4.81 -26.48 23.80
N GLY C 444 4.71 -26.09 25.07
CA GLY C 444 4.51 -27.00 26.16
C GLY C 444 5.77 -27.85 26.34
N ASP C 445 5.60 -29.03 26.87
CA ASP C 445 6.76 -29.90 27.08
C ASP C 445 6.89 -30.74 25.85
N ASP C 446 7.42 -30.11 24.79
CA ASP C 446 7.58 -30.74 23.47
C ASP C 446 6.29 -31.37 22.96
N LYS C 447 5.15 -30.72 23.15
CA LYS C 447 3.88 -31.22 22.61
C LYS C 447 3.50 -30.60 21.28
N THR C 448 3.91 -29.36 21.03
CA THR C 448 3.72 -28.75 19.74
C THR C 448 5.11 -28.29 19.27
N ALA C 449 5.41 -28.52 17.99
CA ALA C 449 6.59 -28.01 17.37
C ALA C 449 6.35 -27.48 15.96
N VAL C 450 6.96 -26.33 15.68
CA VAL C 450 6.93 -25.75 14.37
C VAL C 450 8.33 -25.46 13.96
N SER C 451 8.70 -25.90 12.75
CA SER C 451 10.06 -25.67 12.25
C SER C 451 10.00 -25.15 10.83
N ALA C 452 10.84 -24.19 10.54
CA ALA C 452 10.95 -23.60 9.18
C ALA C 452 12.41 -23.59 8.71
N VAL C 453 12.59 -23.73 7.40
CA VAL C 453 13.86 -23.52 6.76
C VAL C 453 13.80 -22.28 5.86
N LEU C 454 14.75 -21.37 6.10
CA LEU C 454 14.84 -20.07 5.43
C LEU C 454 16.06 -19.99 4.53
N GLN C 455 15.89 -19.37 3.36
CA GLN C 455 16.94 -19.22 2.38
C GLN C 455 17.02 -17.80 1.94
N ASN C 456 18.24 -17.28 2.04
CA ASN C 456 18.53 -15.88 1.79
C ASN C 456 18.44 -15.64 0.27
N ILE C 457 17.97 -14.47 -0.11
CA ILE C 457 17.91 -14.03 -1.53
C ILE C 457 18.88 -12.84 -1.81
N ALA D 28 -8.98 -24.15 -8.53
CA ALA D 28 -9.75 -24.29 -7.26
C ALA D 28 -10.09 -25.77 -6.95
N SER D 29 -9.54 -26.26 -5.86
CA SER D 29 -9.86 -27.57 -5.32
C SER D 29 -11.23 -27.39 -4.63
N ARG D 30 -12.15 -28.30 -4.90
CA ARG D 30 -13.44 -28.30 -4.26
C ARG D 30 -13.28 -28.86 -2.85
N VAL D 31 -14.13 -28.44 -1.97
CA VAL D 31 -14.14 -28.88 -0.59
C VAL D 31 -15.51 -29.50 -0.24
N PHE D 32 -15.44 -30.66 0.41
CA PHE D 32 -16.62 -31.44 0.80
C PHE D 32 -16.65 -31.72 2.26
N ILE D 33 -17.84 -31.61 2.83
CA ILE D 33 -18.15 -32.11 4.14
C ILE D 33 -18.49 -33.61 3.97
N VAL D 34 -17.73 -34.45 4.64
CA VAL D 34 -17.90 -35.91 4.56
C VAL D 34 -18.83 -36.40 5.69
N GLY D 35 -18.84 -35.69 6.83
CA GLY D 35 -19.62 -36.06 7.95
C GLY D 35 -19.17 -35.29 9.19
N GLY D 36 -19.81 -35.59 10.31
CA GLY D 36 -19.59 -34.91 11.58
C GLY D 36 -20.48 -35.38 12.68
N HIS D 37 -20.45 -34.63 13.78
CA HIS D 37 -21.06 -35.05 15.03
C HIS D 37 -21.32 -33.82 15.86
N ILE D 38 -22.49 -33.77 16.46
CA ILE D 38 -22.80 -32.77 17.52
C ILE D 38 -23.20 -33.53 18.82
N THR D 39 -22.57 -33.15 19.94
CA THR D 39 -22.88 -33.72 21.22
C THR D 39 -24.21 -33.11 21.71
N PRO D 40 -24.87 -33.76 22.67
CA PRO D 40 -25.88 -32.99 23.41
C PRO D 40 -25.26 -31.71 24.01
N PHE D 41 -26.00 -30.61 23.96
CA PHE D 41 -25.52 -29.37 24.62
C PHE D 41 -26.20 -29.26 25.96
N VAL D 42 -25.45 -29.06 27.03
CA VAL D 42 -25.99 -29.22 28.36
C VAL D 42 -25.62 -28.04 29.26
N GLY D 43 -26.54 -27.75 30.18
CA GLY D 43 -26.34 -26.72 31.21
C GLY D 43 -27.62 -26.68 32.06
N LYS D 44 -27.71 -25.63 32.89
CA LYS D 44 -28.85 -25.43 33.77
C LYS D 44 -30.14 -25.51 33.02
N GLY D 45 -31.07 -26.33 33.50
CA GLY D 45 -32.36 -26.53 32.84
C GLY D 45 -32.42 -27.75 31.93
N SER D 46 -31.30 -28.42 31.68
CA SER D 46 -31.32 -29.66 30.94
C SER D 46 -31.41 -30.83 31.92
N PRO D 47 -32.28 -31.84 31.64
CA PRO D 47 -32.18 -33.03 32.49
C PRO D 47 -30.85 -33.81 32.42
N LEU D 48 -30.01 -33.52 31.44
CA LEU D 48 -28.70 -34.16 31.32
C LEU D 48 -27.65 -33.51 32.24
N PHE D 49 -27.96 -32.34 32.77
CA PHE D 49 -27.02 -31.57 33.57
C PHE D 49 -27.14 -31.96 35.02
N ILE D 50 -26.00 -32.27 35.64
CA ILE D 50 -25.93 -32.69 37.03
C ILE D 50 -25.75 -31.44 37.92
N ASP D 51 -26.81 -31.09 38.62
CA ASP D 51 -26.81 -30.06 39.66
C ASP D 51 -27.64 -30.61 40.85
N LYS D 52 -27.88 -29.79 41.87
CA LYS D 52 -28.67 -30.17 43.08
C LYS D 52 -30.00 -30.90 42.85
N LYS D 53 -30.69 -30.58 41.76
CA LYS D 53 -31.95 -31.24 41.40
C LYS D 53 -31.79 -32.65 40.79
N HIS D 54 -30.57 -33.03 40.39
CA HIS D 54 -30.37 -34.21 39.56
C HIS D 54 -30.18 -35.46 40.46
N PRO D 55 -30.81 -36.61 40.10
CA PRO D 55 -30.63 -37.88 40.85
C PRO D 55 -29.18 -38.22 41.22
N ASP D 56 -28.29 -38.13 40.24
CA ASP D 56 -26.84 -38.39 40.41
C ASP D 56 -25.99 -37.28 41.06
N PHE D 57 -26.59 -36.20 41.58
CA PHE D 57 -25.80 -35.14 42.23
C PHE D 57 -24.96 -35.74 43.35
N GLY D 58 -23.68 -35.37 43.39
CA GLY D 58 -22.74 -35.95 44.34
C GLY D 58 -22.16 -37.32 43.97
N LYS D 59 -22.82 -38.07 43.08
CA LYS D 59 -22.40 -39.43 42.72
C LYS D 59 -21.63 -39.45 41.38
N LYS D 60 -22.15 -38.72 40.37
CA LYS D 60 -21.52 -38.56 39.05
C LYS D 60 -21.33 -37.09 38.67
N LYS D 61 -20.37 -36.82 37.80
CA LYS D 61 -19.99 -35.47 37.41
C LYS D 61 -20.33 -35.20 35.95
N ASN D 62 -20.58 -33.93 35.64
CA ASN D 62 -20.66 -33.44 34.28
C ASN D 62 -19.33 -33.68 33.52
N MET D 63 -19.39 -33.87 32.19
CA MET D 63 -18.17 -34.03 31.39
C MET D 63 -17.22 -32.82 31.51
N THR D 64 -15.93 -33.08 31.59
CA THR D 64 -14.89 -32.04 31.55
C THR D 64 -14.63 -31.65 30.07
N LEU D 65 -13.93 -30.55 29.86
CA LEU D 65 -13.51 -30.13 28.50
C LEU D 65 -12.79 -31.27 27.77
N GLU D 66 -11.92 -31.98 28.47
CA GLU D 66 -11.20 -33.10 27.89
C GLU D 66 -12.14 -34.21 27.42
N GLU D 67 -13.13 -34.53 28.24
CA GLU D 67 -14.07 -35.58 27.92
C GLU D 67 -14.97 -35.18 26.76
N ILE D 68 -15.40 -33.92 26.77
CA ILE D 68 -16.19 -33.42 25.64
C ILE D 68 -15.41 -33.45 24.30
N LEU D 69 -14.16 -33.00 24.34
CA LEU D 69 -13.26 -33.03 23.18
C LEU D 69 -13.05 -34.46 22.69
N ALA D 70 -12.81 -35.41 23.60
CA ALA D 70 -12.71 -36.81 23.21
C ALA D 70 -14.01 -37.36 22.60
N THR D 71 -15.16 -37.09 23.20
CA THR D 71 -16.45 -37.54 22.64
C THR D 71 -16.64 -36.93 21.27
N THR D 72 -16.25 -35.66 21.10
CA THR D 72 -16.44 -34.98 19.83
C THR D 72 -15.55 -35.50 18.70
N VAL D 73 -14.29 -35.71 18.99
CA VAL D 73 -13.34 -36.22 18.02
C VAL D 73 -13.73 -37.64 17.65
N GLN D 74 -13.99 -38.48 18.61
CA GLN D 74 -14.37 -39.88 18.33
C GLN D 74 -15.72 -40.00 17.58
N GLY D 75 -16.72 -39.22 17.97
CA GLY D 75 -17.99 -39.23 17.28
C GLY D 75 -17.86 -38.74 15.83
N THR D 76 -17.04 -37.71 15.61
CA THR D 76 -16.83 -37.15 14.29
C THR D 76 -16.16 -38.17 13.38
N MET D 77 -15.11 -38.81 13.87
CA MET D 77 -14.43 -39.84 13.11
C MET D 77 -15.41 -40.96 12.78
N GLU D 78 -16.18 -41.42 13.77
CA GLU D 78 -17.15 -42.50 13.60
C GLU D 78 -18.22 -42.18 12.55
N HIS D 79 -18.88 -41.02 12.66
CA HIS D 79 -19.90 -40.67 11.67
C HIS D 79 -19.35 -40.39 10.28
N SER D 80 -18.10 -39.98 10.17
CA SER D 80 -17.50 -39.70 8.85
C SER D 80 -16.94 -40.94 8.14
N GLY D 81 -17.01 -42.13 8.74
CA GLY D 81 -16.46 -43.33 8.14
C GLY D 81 -14.95 -43.44 8.29
N LEU D 82 -14.36 -42.68 9.22
CA LEU D 82 -12.93 -42.78 9.48
C LEU D 82 -12.48 -43.62 10.69
N SER D 83 -13.41 -44.27 11.40
CA SER D 83 -13.00 -45.22 12.48
C SER D 83 -12.12 -46.26 11.88
N GLY D 84 -11.01 -46.54 12.55
CA GLY D 84 -10.07 -47.53 12.03
C GLY D 84 -9.05 -47.02 11.03
N ARG D 85 -9.25 -45.83 10.49
CA ARG D 85 -8.31 -45.30 9.50
C ARG D 85 -8.08 -43.81 9.74
N GLU D 86 -8.02 -43.44 11.01
CA GLU D 86 -7.88 -42.04 11.41
C GLU D 86 -6.54 -41.43 10.97
N GLY D 87 -5.57 -42.28 10.67
CA GLY D 87 -4.33 -41.90 10.10
C GLY D 87 -4.37 -41.19 8.76
N ILE D 88 -5.48 -41.29 8.03
CA ILE D 88 -5.63 -40.54 6.80
C ILE D 88 -6.01 -39.07 7.02
N VAL D 89 -6.43 -38.69 8.23
CA VAL D 89 -6.64 -37.27 8.58
C VAL D 89 -5.26 -36.59 8.60
N ASP D 90 -5.11 -35.51 7.87
CA ASP D 90 -3.80 -34.84 7.74
C ASP D 90 -3.59 -33.78 8.81
N GLN D 91 -4.67 -33.17 9.27
CA GLN D 91 -4.60 -32.10 10.19
C GLN D 91 -5.83 -31.88 11.02
N VAL D 92 -5.67 -31.29 12.23
CA VAL D 92 -6.77 -31.02 13.13
C VAL D 92 -6.75 -29.56 13.56
N VAL D 93 -7.91 -28.91 13.58
CA VAL D 93 -8.06 -27.56 14.04
C VAL D 93 -9.17 -27.56 15.09
N VAL D 94 -8.89 -26.92 16.24
CA VAL D 94 -9.81 -26.81 17.33
C VAL D 94 -10.27 -25.35 17.49
N GLY D 95 -11.57 -25.12 17.49
CA GLY D 95 -12.12 -23.86 17.91
C GLY D 95 -12.49 -23.92 19.39
N ASN D 96 -12.05 -22.94 20.14
CA ASN D 96 -12.38 -22.85 21.52
C ASN D 96 -12.09 -21.43 21.97
N PHE D 97 -12.98 -20.88 22.80
CA PHE D 97 -12.83 -19.48 23.22
C PHE D 97 -12.18 -19.31 24.59
N LEU D 98 -12.71 -19.97 25.61
CA LEU D 98 -12.41 -19.65 26.99
C LEU D 98 -12.00 -20.84 27.85
N GLY D 99 -11.48 -21.89 27.25
CA GLY D 99 -11.02 -23.03 28.03
C GLY D 99 -9.93 -22.68 29.07
N GLU D 100 -9.08 -21.70 28.75
CA GLU D 100 -8.02 -21.27 29.67
CA GLU D 100 -8.03 -21.23 29.64
C GLU D 100 -8.59 -20.62 30.93
N LEU D 101 -9.81 -20.09 30.86
CA LEU D 101 -10.48 -19.52 32.02
C LEU D 101 -11.40 -20.52 32.68
N PHE D 102 -12.35 -21.10 31.95
CA PHE D 102 -13.31 -22.03 32.56
C PHE D 102 -12.72 -23.38 33.02
N SER D 103 -11.71 -23.91 32.32
CA SER D 103 -11.11 -25.21 32.60
C SER D 103 -9.62 -25.13 32.90
N SER D 104 -9.05 -23.95 32.97
CA SER D 104 -7.59 -23.77 33.18
C SER D 104 -6.74 -24.51 32.17
N GLN D 105 -7.23 -24.65 30.94
CA GLN D 105 -6.56 -25.48 29.93
C GLN D 105 -6.52 -24.77 28.56
N GLY D 106 -5.30 -24.46 28.14
CA GLY D 106 -5.03 -24.00 26.78
C GLY D 106 -4.45 -25.15 25.97
N HIS D 107 -3.77 -24.81 24.85
CA HIS D 107 -2.97 -25.80 24.12
C HIS D 107 -3.84 -27.00 23.75
N LEU D 108 -5.00 -26.72 23.15
CA LEU D 108 -5.93 -27.78 22.83
C LEU D 108 -5.55 -28.61 21.58
N GLY D 109 -4.55 -28.16 20.80
CA GLY D 109 -4.04 -28.92 19.71
C GLY D 109 -3.60 -30.30 20.17
N PRO D 110 -2.66 -30.37 21.13
CA PRO D 110 -2.22 -31.71 21.57
C PRO D 110 -3.25 -32.44 22.38
N ALA D 111 -4.20 -31.73 22.95
CA ALA D 111 -5.38 -32.37 23.58
C ALA D 111 -6.20 -33.12 22.54
N ALA D 112 -6.37 -32.50 21.39
CA ALA D 112 -7.05 -33.13 20.26
C ALA D 112 -6.28 -34.33 19.70
N ILE D 113 -4.97 -34.23 19.63
CA ILE D 113 -4.13 -35.35 19.21
C ILE D 113 -4.29 -36.52 20.17
N GLY D 114 -4.44 -36.25 21.45
CA GLY D 114 -4.69 -37.31 22.44
C GLY D 114 -6.14 -37.77 22.59
N SER D 115 -7.06 -37.23 21.80
CA SER D 115 -8.51 -37.41 22.07
C SER D 115 -9.08 -38.69 21.52
N LEU D 116 -8.36 -39.28 20.57
CA LEU D 116 -8.79 -40.53 19.95
C LEU D 116 -8.68 -41.69 20.95
N THR D 117 -7.64 -41.65 21.79
CA THR D 117 -7.33 -42.68 22.74
C THR D 117 -7.51 -42.23 24.19
N TYR D 118 -8.27 -41.17 24.45
CA TYR D 118 -8.39 -40.57 25.76
C TYR D 118 -8.80 -41.63 26.83
N GLY D 119 -8.00 -41.72 27.90
CA GLY D 119 -8.18 -42.72 28.97
C GLY D 119 -7.65 -44.13 28.69
N GLN D 120 -7.07 -44.38 27.51
CA GLN D 120 -6.44 -45.66 27.17
C GLN D 120 -4.95 -45.42 27.02
N ALA D 121 -4.28 -45.31 28.17
CA ALA D 121 -2.84 -45.01 28.24
C ALA D 121 -2.03 -46.09 27.51
N GLY D 122 -1.06 -45.66 26.72
CA GLY D 122 -0.23 -46.59 25.94
C GLY D 122 -0.82 -47.13 24.65
N SER D 123 -2.08 -46.81 24.35
CA SER D 123 -2.71 -47.29 23.10
C SER D 123 -2.02 -46.65 21.88
N LYS D 124 -2.20 -47.28 20.72
CA LYS D 124 -1.62 -46.74 19.48
C LYS D 124 -2.51 -45.61 18.93
N ASN D 125 -1.83 -44.55 18.53
CA ASN D 125 -2.47 -43.28 18.24
C ASN D 125 -2.10 -42.86 16.82
N PRO D 126 -2.99 -43.09 15.85
CA PRO D 126 -2.65 -42.73 14.47
C PRO D 126 -2.57 -41.21 14.20
N LEU D 127 -2.96 -40.35 15.13
CA LEU D 127 -2.81 -38.90 14.95
C LEU D 127 -1.47 -38.35 15.41
N MET D 128 -0.64 -39.19 16.04
CA MET D 128 0.64 -38.71 16.52
C MET D 128 1.44 -37.97 15.46
N TYR D 129 1.89 -36.79 15.82
CA TYR D 129 2.78 -35.95 15.00
C TYR D 129 2.14 -35.19 13.82
N LYS D 130 0.81 -35.21 13.72
CA LYS D 130 0.12 -34.46 12.73
C LYS D 130 0.05 -32.97 13.17
N PRO D 131 -0.09 -32.04 12.23
CA PRO D 131 -0.37 -30.66 12.59
C PRO D 131 -1.70 -30.46 13.31
N ALA D 132 -1.68 -29.65 14.34
CA ALA D 132 -2.86 -29.30 15.11
C ALA D 132 -2.67 -27.92 15.72
N MET D 133 -3.78 -27.21 15.87
CA MET D 133 -3.77 -25.93 16.55
C MET D 133 -5.16 -25.57 16.98
N ARG D 134 -5.19 -24.55 17.87
CA ARG D 134 -6.44 -23.95 18.32
C ARG D 134 -6.57 -22.57 17.66
N VAL D 135 -7.76 -22.24 17.20
CA VAL D 135 -8.04 -20.94 16.66
C VAL D 135 -9.15 -20.30 17.50
N GLU D 136 -9.15 -18.99 17.54
CA GLU D 136 -10.06 -18.24 18.40
C GLU D 136 -10.47 -16.91 17.77
N GLY D 137 -11.77 -16.66 17.80
CA GLY D 137 -12.32 -15.35 17.53
C GLY D 137 -13.65 -15.28 18.20
N ALA D 138 -13.61 -15.38 19.54
CA ALA D 138 -14.79 -15.37 20.37
C ALA D 138 -15.80 -16.43 19.89
N ALA D 139 -17.09 -16.10 19.75
CA ALA D 139 -18.07 -17.09 19.30
C ALA D 139 -17.97 -17.50 17.79
N ALA D 140 -17.07 -16.85 17.04
CA ALA D 140 -16.73 -17.22 15.68
C ALA D 140 -15.56 -18.24 15.61
N SER D 141 -15.09 -18.73 16.74
CA SER D 141 -13.97 -19.65 16.83
C SER D 141 -14.22 -20.92 16.02
N GLY D 142 -15.43 -21.47 16.04
CA GLY D 142 -15.80 -22.64 15.21
C GLY D 142 -15.79 -22.40 13.70
N GLY D 143 -16.30 -21.26 13.29
CA GLY D 143 -16.19 -20.85 11.90
C GLY D 143 -14.75 -20.61 11.43
N LEU D 144 -13.94 -19.96 12.26
CA LEU D 144 -12.54 -19.78 11.94
C LEU D 144 -11.77 -21.09 11.83
N ALA D 145 -12.18 -22.09 12.61
CA ALA D 145 -11.60 -23.41 12.54
C ALA D 145 -11.86 -24.01 11.17
N VAL D 146 -13.10 -23.84 10.64
CA VAL D 146 -13.45 -24.37 9.35
C VAL D 146 -12.66 -23.67 8.25
N ILE D 147 -12.55 -22.37 8.32
CA ILE D 147 -11.71 -21.63 7.37
C ILE D 147 -10.26 -22.12 7.36
N SER D 148 -9.65 -22.32 8.53
CA SER D 148 -8.27 -22.74 8.61
C SER D 148 -8.12 -24.12 7.96
N ALA D 149 -9.04 -25.02 8.25
CA ALA D 149 -9.09 -26.38 7.68
C ALA D 149 -9.23 -26.34 6.16
N MET D 150 -10.07 -25.44 5.65
CA MET D 150 -10.20 -25.25 4.20
C MET D 150 -8.97 -24.71 3.53
N ASN D 151 -8.32 -23.72 4.14
CA ASN D 151 -7.04 -23.23 3.59
C ASN D 151 -6.00 -24.36 3.49
N ALA D 152 -5.96 -25.22 4.47
CA ALA D 152 -5.04 -26.32 4.45
C ALA D 152 -5.35 -27.28 3.30
N LEU D 153 -6.65 -27.50 3.02
CA LEU D 153 -7.10 -28.36 1.95
C LEU D 153 -6.83 -27.79 0.54
N LYS D 154 -6.93 -26.49 0.41
CA LYS D 154 -6.69 -25.83 -0.83
C LYS D 154 -5.21 -25.52 -1.02
N SER D 155 -4.39 -25.61 -0.01
CA SER D 155 -2.99 -25.24 -0.13
C SER D 155 -2.10 -26.40 -0.50
N GLY D 156 -2.69 -27.59 -0.56
CA GLY D 156 -1.91 -28.79 -0.77
C GLY D 156 -1.22 -29.35 0.46
N SER D 157 -1.30 -28.74 1.62
CA SER D 157 -0.69 -29.38 2.77
C SER D 157 -1.58 -30.48 3.37
N ALA D 158 -2.87 -30.55 2.99
CA ALA D 158 -3.75 -31.56 3.53
C ALA D 158 -4.80 -31.97 2.53
N ASP D 159 -5.22 -33.23 2.56
CA ASP D 159 -6.37 -33.68 1.77
C ASP D 159 -7.62 -34.03 2.58
N ILE D 160 -7.44 -34.37 3.85
CA ILE D 160 -8.53 -34.60 4.81
C ILE D 160 -8.19 -33.86 6.09
N THR D 161 -9.16 -33.11 6.59
CA THR D 161 -8.99 -32.31 7.80
C THR D 161 -10.15 -32.48 8.76
N LEU D 162 -9.87 -32.36 10.06
CA LEU D 162 -10.84 -32.44 11.11
C LEU D 162 -10.90 -31.05 11.70
N ALA D 163 -12.07 -30.44 11.69
CA ALA D 163 -12.35 -29.25 12.47
C ALA D 163 -13.34 -29.53 13.64
N VAL D 164 -12.94 -29.26 14.88
CA VAL D 164 -13.74 -29.53 16.09
C VAL D 164 -13.79 -28.29 16.95
N GLY D 165 -14.94 -28.01 17.49
CA GLY D 165 -15.19 -26.89 18.36
C GLY D 165 -15.77 -27.44 19.67
N VAL D 166 -15.26 -26.94 20.80
CA VAL D 166 -15.72 -27.41 22.11
C VAL D 166 -15.72 -26.25 23.11
N GLU D 167 -16.57 -26.34 24.11
CA GLU D 167 -16.62 -25.33 25.16
C GLU D 167 -17.28 -25.93 26.39
N VAL D 168 -16.72 -25.59 27.56
CA VAL D 168 -17.32 -25.83 28.86
C VAL D 168 -17.43 -24.50 29.60
N GLN D 169 -18.63 -24.04 29.84
CA GLN D 169 -18.89 -22.82 30.58
C GLN D 169 -19.70 -22.98 31.86
N THR D 170 -20.08 -24.20 32.24
CA THR D 170 -20.97 -24.38 33.39
C THR D 170 -20.22 -24.49 34.71
N THR D 171 -18.89 -24.44 34.64
CA THR D 171 -18.03 -24.53 35.78
C THR D 171 -17.92 -23.23 36.61
N ALA D 172 -18.49 -22.11 36.15
CA ALA D 172 -18.52 -20.87 36.95
C ALA D 172 -19.93 -20.38 36.99
N SER D 173 -20.21 -19.49 37.94
CA SER D 173 -21.54 -18.87 38.01
C SER D 173 -21.82 -18.04 36.75
N ALA D 174 -23.10 -17.73 36.51
CA ALA D 174 -23.46 -16.92 35.36
C ALA D 174 -22.76 -15.57 35.37
N ARG D 175 -22.54 -15.01 36.57
CA ARG D 175 -21.91 -13.69 36.72
C ARG D 175 -20.36 -13.67 36.53
N VAL D 176 -19.67 -14.66 37.07
CA VAL D 176 -18.24 -14.90 36.73
C VAL D 176 -18.09 -15.21 35.23
N GLY D 177 -18.98 -16.05 34.71
CA GLY D 177 -19.02 -16.39 33.29
C GLY D 177 -19.17 -15.18 32.41
N GLY D 178 -19.97 -14.22 32.86
CA GLY D 178 -20.18 -12.97 32.14
C GLY D 178 -18.92 -12.16 32.02
N ASP D 179 -18.13 -12.14 33.08
CA ASP D 179 -16.82 -11.50 33.03
C ASP D 179 -15.87 -12.20 32.10
N TYR D 180 -15.91 -13.52 32.10
CA TYR D 180 -15.12 -14.27 31.14
C TYR D 180 -15.54 -13.97 29.68
N LEU D 181 -16.83 -13.98 29.38
CA LEU D 181 -17.32 -13.73 28.04
C LEU D 181 -17.00 -12.33 27.58
N ALA D 182 -16.89 -11.40 28.53
CA ALA D 182 -16.42 -10.03 28.23
C ALA D 182 -15.03 -9.93 27.60
N ARG D 183 -14.23 -11.00 27.64
CA ARG D 183 -13.03 -11.14 26.79
C ARG D 183 -13.28 -10.96 25.28
N ALA D 184 -14.53 -11.12 24.82
CA ALA D 184 -14.89 -10.91 23.44
C ALA D 184 -15.17 -9.46 23.13
N ALA D 185 -15.42 -8.64 24.16
CA ALA D 185 -15.58 -7.21 23.99
C ALA D 185 -14.21 -6.48 24.05
N ASP D 186 -14.23 -5.16 23.87
CA ASP D 186 -13.08 -4.33 24.15
C ASP D 186 -13.16 -4.17 25.68
N TYR D 187 -12.42 -5.01 26.40
CA TYR D 187 -12.58 -5.16 27.80
C TYR D 187 -12.36 -3.87 28.57
N GLN D 188 -11.24 -3.18 28.29
CA GLN D 188 -10.97 -1.85 28.91
C GLN D 188 -12.06 -0.83 28.69
N ARG D 189 -12.62 -0.80 27.50
CA ARG D 189 -13.64 0.19 27.16
C ARG D 189 -15.07 -0.19 27.59
N GLN D 190 -15.39 -1.49 27.58
CA GLN D 190 -16.77 -1.93 27.67
C GLN D 190 -17.15 -2.80 28.85
N ARG D 191 -16.16 -3.35 29.56
CA ARG D 191 -16.49 -4.16 30.72
C ARG D 191 -17.38 -3.41 31.76
N GLN D 192 -17.08 -2.14 31.95
CA GLN D 192 -17.84 -1.28 32.87
C GLN D 192 -19.37 -1.15 32.60
N LEU D 193 -19.85 -1.47 31.41
CA LEU D 193 -21.27 -1.38 31.12
C LEU D 193 -22.08 -2.20 32.10
N ASP D 194 -21.62 -3.41 32.44
CA ASP D 194 -22.42 -4.35 33.25
C ASP D 194 -21.61 -5.62 33.48
N ASP D 195 -21.92 -6.31 34.57
CA ASP D 195 -21.36 -7.62 34.82
C ASP D 195 -21.70 -8.59 33.69
N PHE D 196 -22.90 -8.50 33.15
CA PHE D 196 -23.28 -9.23 31.96
C PHE D 196 -23.01 -8.33 30.74
N THR D 197 -21.73 -8.15 30.43
CA THR D 197 -21.29 -7.25 29.41
C THR D 197 -21.94 -7.51 28.06
N PHE D 198 -21.95 -8.77 27.58
CA PHE D 198 -22.51 -9.03 26.25
C PHE D 198 -24.02 -8.82 26.16
N PRO D 199 -24.78 -9.32 27.14
CA PRO D 199 -26.20 -9.01 27.18
C PRO D 199 -26.45 -7.49 27.16
N CYS D 200 -25.62 -6.75 27.88
CA CYS D 200 -25.72 -5.29 27.88
C CYS D 200 -25.43 -4.65 26.54
N LEU D 201 -24.40 -5.14 25.81
CA LEU D 201 -24.15 -4.62 24.45
C LEU D 201 -25.31 -4.82 23.49
N PHE D 202 -26.00 -5.94 23.57
CA PHE D 202 -27.18 -6.19 22.73
C PHE D 202 -28.43 -5.46 23.19
N ALA D 203 -28.58 -5.29 24.49
CA ALA D 203 -29.60 -4.40 25.04
C ALA D 203 -29.44 -2.97 24.55
N LYS D 204 -28.19 -2.52 24.51
CA LYS D 204 -27.82 -1.20 23.97
C LYS D 204 -28.18 -1.07 22.46
N ARG D 205 -27.88 -2.10 21.65
CA ARG D 205 -28.40 -2.14 20.29
C ARG D 205 -29.93 -2.01 20.25
N MET D 206 -30.60 -2.81 21.07
CA MET D 206 -32.04 -2.92 21.02
C MET D 206 -32.63 -1.57 21.32
N LYS D 207 -32.02 -0.82 22.24
CA LYS D 207 -32.51 0.53 22.58
C LYS D 207 -32.51 1.44 21.35
N TYR D 208 -31.42 1.36 20.58
CA TYR D 208 -31.32 2.12 19.31
C TYR D 208 -32.30 1.61 18.24
N ILE D 209 -32.40 0.29 18.12
CA ILE D 209 -33.32 -0.37 17.25
C ILE D 209 -34.77 0.07 17.53
N ALA D 210 -35.17 0.01 18.79
CA ALA D 210 -36.54 0.38 19.20
C ALA D 210 -36.81 1.87 18.91
N GLU D 211 -35.82 2.69 19.17
CA GLU D 211 -35.85 4.10 18.85
C GLU D 211 -35.96 4.44 17.37
N HIS D 212 -35.41 3.61 16.50
CA HIS D 212 -35.58 3.77 15.07
C HIS D 212 -36.67 2.86 14.49
N ASN D 213 -37.44 2.19 15.35
CA ASN D 213 -38.57 1.39 14.94
C ASN D 213 -38.23 0.35 13.91
N HIS D 214 -37.05 -0.20 14.08
CA HIS D 214 -36.52 -1.12 13.11
C HIS D 214 -37.18 -2.47 13.26
N PHE D 215 -37.32 -2.90 14.52
CA PHE D 215 -38.28 -3.94 14.92
C PHE D 215 -38.54 -3.72 16.39
N THR D 216 -39.40 -4.58 16.95
CA THR D 216 -39.89 -4.41 18.32
C THR D 216 -39.55 -5.56 19.26
N MET D 217 -39.77 -5.34 20.54
CA MET D 217 -39.61 -6.42 21.54
C MET D 217 -40.63 -7.57 21.39
N GLU D 218 -41.81 -7.30 20.80
CA GLU D 218 -42.71 -8.36 20.37
C GLU D 218 -42.09 -9.26 19.31
N ASP D 219 -41.44 -8.66 18.33
CA ASP D 219 -40.76 -9.42 17.28
C ASP D 219 -39.66 -10.30 17.86
N THR D 220 -38.88 -9.81 18.81
CA THR D 220 -37.83 -10.60 19.41
C THR D 220 -38.46 -11.74 20.25
N ALA D 221 -39.62 -11.48 20.85
CA ALA D 221 -40.37 -12.53 21.56
C ALA D 221 -40.81 -13.65 20.62
N ARG D 222 -41.17 -13.30 19.40
CA ARG D 222 -41.51 -14.32 18.35
C ARG D 222 -40.33 -15.18 17.93
N VAL D 223 -39.13 -14.57 17.90
CA VAL D 223 -37.89 -15.32 17.65
C VAL D 223 -37.72 -16.35 18.71
N ALA D 224 -37.83 -15.92 19.98
CA ALA D 224 -37.64 -16.86 21.06
C ALA D 224 -38.67 -18.01 21.01
N ALA D 225 -39.94 -17.70 20.75
CA ALA D 225 -41.02 -18.72 20.65
C ALA D 225 -40.69 -19.77 19.58
N LYS D 226 -40.24 -19.28 18.41
CA LYS D 226 -39.78 -20.18 17.33
C LYS D 226 -38.62 -21.07 17.78
N ALA D 227 -37.59 -20.44 18.39
CA ALA D 227 -36.40 -21.19 18.85
C ALA D 227 -36.74 -22.29 19.87
N TYR D 228 -37.56 -21.96 20.88
CA TYR D 228 -37.99 -22.96 21.85
C TYR D 228 -38.89 -24.09 21.27
N ALA D 229 -39.73 -23.76 20.31
CA ALA D 229 -40.58 -24.79 19.65
C ALA D 229 -39.70 -25.76 18.86
N ASN D 230 -38.70 -25.21 18.19
CA ASN D 230 -37.75 -26.01 17.44
C ASN D 230 -36.92 -26.88 18.34
N GLY D 231 -36.43 -26.30 19.44
CA GLY D 231 -35.66 -27.07 20.43
C GLY D 231 -36.44 -28.22 21.09
N ASN D 232 -37.77 -28.05 21.19
CA ASN D 232 -38.66 -29.12 21.71
C ASN D 232 -38.70 -30.34 20.83
N LYS D 233 -38.33 -30.19 19.57
CA LYS D 233 -38.17 -31.27 18.63
C LYS D 233 -36.79 -31.88 18.55
N ASN D 234 -35.87 -31.38 19.36
CA ASN D 234 -34.44 -31.70 19.23
C ASN D 234 -33.89 -32.25 20.57
N PRO D 235 -33.70 -33.58 20.70
CA PRO D 235 -33.20 -34.13 21.92
C PRO D 235 -31.79 -33.69 22.32
N LEU D 236 -30.98 -33.15 21.39
CA LEU D 236 -29.66 -32.62 21.72
C LEU D 236 -29.73 -31.22 22.39
N ALA D 237 -30.86 -30.55 22.26
CA ALA D 237 -30.99 -29.16 22.66
C ALA D 237 -30.97 -29.00 24.20
N HIS D 238 -30.15 -28.05 24.64
CA HIS D 238 -30.08 -27.62 26.04
C HIS D 238 -31.51 -27.43 26.62
N MET D 239 -32.36 -26.75 25.89
CA MET D 239 -33.70 -26.40 26.35
C MET D 239 -34.81 -27.30 25.78
N HIS D 240 -34.44 -28.48 25.33
CA HIS D 240 -35.34 -29.44 24.80
C HIS D 240 -36.67 -29.59 25.61
N THR D 241 -36.52 -29.65 26.94
CA THR D 241 -37.53 -29.87 27.98
C THR D 241 -38.36 -28.62 28.31
N ARG D 242 -37.87 -27.45 27.91
CA ARG D 242 -38.50 -26.18 28.24
C ARG D 242 -39.45 -25.67 27.16
N LYS D 243 -40.74 -25.57 27.51
CA LYS D 243 -41.78 -25.09 26.60
C LYS D 243 -42.15 -23.67 26.95
N LEU D 244 -42.03 -22.75 26.00
CA LEU D 244 -42.35 -21.34 26.17
C LEU D 244 -43.31 -20.83 25.09
N THR D 245 -44.39 -20.20 25.51
CA THR D 245 -45.30 -19.57 24.55
C THR D 245 -44.77 -18.19 24.16
N PHE D 246 -45.32 -17.63 23.10
CA PHE D 246 -45.08 -16.25 22.73
C PHE D 246 -45.27 -15.30 23.93
N GLU D 247 -46.36 -15.51 24.68
CA GLU D 247 -46.74 -14.68 25.81
C GLU D 247 -45.67 -14.70 26.90
N GLN D 248 -45.14 -15.88 27.20
CA GLN D 248 -44.01 -16.03 28.16
C GLN D 248 -42.76 -15.29 27.64
N CYS D 249 -42.43 -15.45 26.37
CA CYS D 249 -41.27 -14.79 25.79
C CYS D 249 -41.46 -13.30 25.71
N ASN D 250 -42.73 -12.85 25.66
CA ASN D 250 -43.00 -11.42 25.58
C ASN D 250 -43.09 -10.68 26.94
N GLY D 251 -42.75 -11.34 28.04
CA GLY D 251 -42.66 -10.71 29.38
C GLY D 251 -43.81 -10.96 30.37
N GLU D 252 -44.74 -11.85 30.02
CA GLU D 252 -45.98 -12.07 30.78
C GLU D 252 -45.81 -13.18 31.84
N ASP D 253 -44.79 -14.03 31.68
CA ASP D 253 -44.26 -14.86 32.77
C ASP D 253 -43.32 -14.02 33.65
N PRO D 254 -43.66 -13.82 34.94
CA PRO D 254 -42.78 -12.99 35.81
C PRO D 254 -41.42 -13.62 36.13
N SER D 255 -41.24 -14.92 35.89
CA SER D 255 -39.91 -15.52 35.94
C SER D 255 -38.99 -15.04 34.77
N ASN D 256 -39.58 -14.39 33.75
CA ASN D 256 -38.85 -13.84 32.60
C ASN D 256 -38.35 -12.43 32.87
N VAL D 257 -37.29 -12.36 33.66
CA VAL D 257 -36.88 -11.10 34.23
C VAL D 257 -36.00 -10.26 33.33
N LYS D 258 -36.15 -8.96 33.51
CA LYS D 258 -35.23 -7.99 32.98
C LYS D 258 -34.10 -7.85 33.99
N PHE D 259 -33.05 -8.63 33.77
CA PHE D 259 -32.02 -8.91 34.76
C PHE D 259 -30.79 -8.03 34.76
N LEU D 260 -30.64 -7.14 33.79
CA LEU D 260 -29.42 -6.34 33.72
C LEU D 260 -29.42 -5.32 34.87
N GLY D 261 -28.21 -4.99 35.34
CA GLY D 261 -27.99 -3.94 36.33
C GLY D 261 -27.96 -2.55 35.75
N ASN D 262 -27.54 -2.42 34.49
CA ASN D 262 -27.41 -1.10 33.88
C ASN D 262 -28.79 -0.50 33.59
N GLU D 263 -29.14 0.55 34.34
CA GLU D 263 -30.49 1.15 34.26
C GLU D 263 -30.82 1.76 32.90
N THR D 264 -29.78 2.18 32.17
CA THR D 264 -29.97 2.75 30.85
C THR D 264 -30.55 1.71 29.84
N TYR D 265 -30.20 0.44 30.00
CA TYR D 265 -30.46 -0.56 28.97
C TYR D 265 -31.28 -1.70 29.47
N LYS D 266 -31.54 -1.74 30.76
CA LYS D 266 -32.16 -2.88 31.39
C LYS D 266 -33.59 -3.21 30.89
N GLU D 267 -34.34 -2.21 30.44
CA GLU D 267 -35.71 -2.44 29.93
C GLU D 267 -35.76 -3.16 28.54
N TYR D 268 -34.61 -3.33 27.87
CA TYR D 268 -34.60 -3.88 26.48
C TYR D 268 -34.14 -5.33 26.35
N LEU D 269 -34.02 -6.07 27.46
CA LEU D 269 -33.55 -7.46 27.39
C LEU D 269 -34.18 -8.30 28.49
N ARG D 270 -34.89 -9.34 28.07
CA ARG D 270 -35.45 -10.33 29.00
C ARG D 270 -34.56 -11.56 28.98
N MET D 271 -34.69 -12.40 30.01
CA MET D 271 -33.93 -13.64 30.07
C MET D 271 -34.11 -14.53 28.82
N THR D 272 -35.35 -14.65 28.33
CA THR D 272 -35.62 -15.50 27.17
C THR D 272 -35.06 -14.96 25.88
N ASP D 273 -34.64 -13.70 25.87
CA ASP D 273 -33.92 -13.15 24.74
C ASP D 273 -32.46 -13.63 24.63
N CYS D 274 -31.93 -14.40 25.60
CA CYS D 274 -30.50 -14.69 25.71
C CYS D 274 -30.17 -16.12 25.36
N SER D 275 -29.03 -16.30 24.68
CA SER D 275 -28.49 -17.65 24.44
C SER D 275 -28.16 -18.32 25.76
N GLN D 276 -28.06 -19.66 25.75
CA GLN D 276 -27.79 -20.43 26.94
C GLN D 276 -26.28 -20.51 27.25
N VAL D 277 -25.96 -20.72 28.51
CA VAL D 277 -24.62 -21.03 28.97
C VAL D 277 -24.52 -22.56 28.90
N SER D 278 -23.81 -23.09 27.92
CA SER D 278 -23.85 -24.52 27.63
C SER D 278 -22.48 -25.11 27.53
N ASP D 279 -22.43 -26.44 27.70
CA ASP D 279 -21.24 -27.24 27.41
C ASP D 279 -21.60 -28.13 26.23
N GLY D 280 -20.66 -28.30 25.31
CA GLY D 280 -20.84 -29.23 24.22
C GLY D 280 -19.73 -29.11 23.20
N GLY D 281 -19.83 -29.97 22.18
CA GLY D 281 -18.89 -29.99 21.13
C GLY D 281 -19.56 -30.28 19.79
N ALA D 282 -18.87 -29.90 18.74
CA ALA D 282 -19.24 -30.23 17.35
C ALA D 282 -18.00 -30.41 16.51
N GLY D 283 -18.07 -31.39 15.57
CA GLY D 283 -16.97 -31.68 14.70
C GLY D 283 -17.43 -31.93 13.28
N VAL D 284 -16.51 -31.72 12.36
CA VAL D 284 -16.76 -31.95 10.95
C VAL D 284 -15.48 -32.45 10.30
N VAL D 285 -15.63 -33.40 9.39
CA VAL D 285 -14.54 -33.85 8.53
C VAL D 285 -14.68 -33.25 7.15
N LEU D 286 -13.59 -32.62 6.68
CA LEU D 286 -13.57 -31.95 5.42
C LEU D 286 -12.56 -32.58 4.55
N ALA D 287 -12.83 -32.64 3.26
CA ALA D 287 -11.93 -33.29 2.28
C ALA D 287 -11.91 -32.57 0.99
N ASN D 288 -10.77 -32.62 0.31
CA ASN D 288 -10.71 -32.21 -1.08
C ASN D 288 -10.88 -33.46 -1.96
N GLU D 289 -10.76 -33.29 -3.28
CA GLU D 289 -10.97 -34.40 -4.22
C GLU D 289 -9.98 -35.55 -3.95
N GLU D 290 -8.73 -35.24 -3.64
CA GLU D 290 -7.75 -36.23 -3.28
C GLU D 290 -8.10 -36.95 -1.98
N GLY D 291 -8.58 -36.22 -0.98
CA GLY D 291 -9.12 -36.83 0.21
C GLY D 291 -10.25 -37.81 -0.05
N LEU D 292 -11.22 -37.44 -0.91
CA LEU D 292 -12.35 -38.35 -1.22
C LEU D 292 -11.80 -39.67 -1.86
N ARG D 293 -10.90 -39.52 -2.82
CA ARG D 293 -10.20 -40.65 -3.42
C ARG D 293 -9.57 -41.57 -2.34
N LYS D 294 -8.88 -40.98 -1.37
CA LYS D 294 -8.26 -41.79 -0.30
C LYS D 294 -9.29 -42.51 0.53
N MET D 295 -10.45 -41.92 0.68
CA MET D 295 -11.51 -42.50 1.44
C MET D 295 -12.34 -43.49 0.61
N GLY D 296 -12.10 -43.60 -0.67
CA GLY D 296 -12.87 -44.47 -1.54
C GLY D 296 -14.20 -43.89 -1.95
N LEU D 297 -14.32 -42.56 -1.97
CA LEU D 297 -15.57 -41.88 -2.29
C LEU D 297 -15.42 -41.08 -3.56
N SER D 298 -16.53 -41.00 -4.31
CA SER D 298 -16.61 -40.13 -5.50
C SER D 298 -17.15 -38.76 -5.06
N PRO D 299 -16.80 -37.70 -5.79
CA PRO D 299 -17.43 -36.40 -5.54
C PRO D 299 -18.96 -36.30 -5.67
N ASN D 300 -19.62 -37.29 -6.32
CA ASN D 300 -21.09 -37.29 -6.37
C ASN D 300 -21.70 -38.27 -5.37
N ASP D 301 -20.91 -38.77 -4.41
CA ASP D 301 -21.47 -39.59 -3.34
C ASP D 301 -22.56 -38.87 -2.50
N SER D 302 -23.65 -39.58 -2.23
CA SER D 302 -24.83 -38.98 -1.55
C SER D 302 -24.63 -38.57 -0.07
N ARG D 303 -23.54 -39.03 0.54
CA ARG D 303 -23.18 -38.58 1.89
C ARG D 303 -22.48 -37.17 1.93
N LEU D 304 -22.13 -36.60 0.77
CA LEU D 304 -21.35 -35.38 0.75
C LEU D 304 -22.21 -34.11 0.66
N VAL D 305 -21.63 -33.02 1.15
CA VAL D 305 -22.13 -31.65 0.91
C VAL D 305 -20.90 -30.84 0.49
N GLU D 306 -21.04 -30.05 -0.59
CA GLU D 306 -19.98 -29.19 -1.05
C GLU D 306 -20.02 -27.82 -0.35
N ILE D 307 -18.86 -27.36 0.13
CA ILE D 307 -18.80 -26.02 0.69
C ILE D 307 -18.41 -25.20 -0.51
N LYS D 308 -19.38 -24.48 -1.08
CA LYS D 308 -19.14 -23.72 -2.31
C LYS D 308 -18.26 -22.52 -2.07
N SER D 309 -18.40 -21.91 -0.90
CA SER D 309 -17.60 -20.75 -0.53
C SER D 309 -17.64 -20.55 0.98
N ILE D 310 -16.63 -19.87 1.46
CA ILE D 310 -16.56 -19.42 2.84
C ILE D 310 -15.80 -18.11 2.86
N ALA D 311 -16.17 -17.23 3.77
CA ALA D 311 -15.55 -15.94 3.85
C ALA D 311 -15.58 -15.43 5.28
N CYS D 312 -14.57 -14.63 5.60
CA CYS D 312 -14.37 -14.05 6.89
C CYS D 312 -14.21 -12.56 6.71
N ALA D 313 -14.88 -11.78 7.55
CA ALA D 313 -14.69 -10.34 7.66
C ALA D 313 -14.60 -9.95 9.16
N VAL D 314 -13.64 -9.05 9.41
CA VAL D 314 -13.35 -8.62 10.78
C VAL D 314 -13.24 -7.10 10.83
N SER D 315 -13.88 -6.51 11.82
CA SER D 315 -13.95 -5.05 11.99
C SER D 315 -13.13 -4.66 13.21
N ASN D 316 -13.26 -3.42 13.67
CA ASN D 316 -12.35 -2.84 14.66
C ASN D 316 -12.93 -3.03 16.07
N LEU D 317 -12.23 -3.77 16.89
CA LEU D 317 -12.68 -4.05 18.27
C LEU D 317 -12.90 -2.76 19.08
N TYR D 318 -12.14 -1.72 18.77
CA TYR D 318 -12.08 -0.48 19.59
C TYR D 318 -13.12 0.58 19.23
N GLU D 319 -13.85 0.40 18.13
CA GLU D 319 -14.78 1.42 17.63
C GLU D 319 -16.02 0.75 17.14
N ASP D 320 -17.17 1.36 17.40
CA ASP D 320 -18.46 0.79 17.00
C ASP D 320 -19.10 1.69 15.93
N PRO D 321 -19.75 1.12 14.90
CA PRO D 321 -20.51 1.97 14.03
C PRO D 321 -21.67 2.64 14.79
N ASP D 322 -22.11 3.80 14.34
CA ASP D 322 -23.32 4.45 14.86
C ASP D 322 -24.60 3.67 14.60
N ASP D 323 -24.74 3.04 13.43
CA ASP D 323 -26.00 2.36 13.10
C ASP D 323 -26.08 0.95 13.69
N ALA D 324 -26.65 0.87 14.87
CA ALA D 324 -26.87 -0.39 15.58
C ALA D 324 -27.92 -1.29 14.91
N CYS D 325 -28.70 -0.75 13.93
CA CYS D 325 -29.66 -1.56 13.16
C CYS D 325 -29.03 -2.39 12.06
N CYS D 326 -27.71 -2.25 11.86
CA CYS D 326 -27.00 -3.00 10.84
C CYS D 326 -25.78 -3.71 11.39
N MET D 327 -25.68 -5.00 11.11
CA MET D 327 -24.48 -5.74 11.47
C MET D 327 -23.57 -5.72 10.24
N PHE D 328 -22.78 -4.66 10.15
CA PHE D 328 -21.98 -4.38 8.96
C PHE D 328 -20.96 -5.47 8.65
N THR D 329 -20.34 -6.03 9.70
CA THR D 329 -19.31 -7.07 9.51
C THR D 329 -19.93 -8.37 9.01
N SER D 330 -21.00 -8.81 9.67
CA SER D 330 -21.77 -10.01 9.27
C SER D 330 -22.27 -9.88 7.83
N ARG D 331 -22.76 -8.69 7.48
CA ARG D 331 -23.21 -8.46 6.11
C ARG D 331 -22.08 -8.53 5.09
N GLN D 332 -20.90 -8.01 5.42
CA GLN D 332 -19.69 -8.14 4.58
C GLN D 332 -19.31 -9.60 4.33
N ALA D 333 -19.30 -10.40 5.38
CA ALA D 333 -18.94 -11.81 5.22
C ALA D 333 -20.00 -12.57 4.42
N ALA D 334 -21.29 -12.35 4.69
CA ALA D 334 -22.36 -13.04 3.92
C ALA D 334 -22.33 -12.66 2.42
N GLN D 335 -22.15 -11.39 2.13
CA GLN D 335 -22.07 -10.92 0.75
C GLN D 335 -20.87 -11.50 0.03
N LYS D 336 -19.70 -11.53 0.67
CA LYS D 336 -18.51 -12.15 0.06
C LYS D 336 -18.84 -13.64 -0.28
N ALA D 337 -19.39 -14.38 0.68
CA ALA D 337 -19.67 -15.80 0.48
C ALA D 337 -20.69 -16.04 -0.62
N LEU D 338 -21.79 -15.29 -0.63
CA LEU D 338 -22.82 -15.47 -1.65
C LEU D 338 -22.31 -15.14 -3.09
N SER D 339 -21.57 -14.06 -3.18
CA SER D 339 -20.89 -13.66 -4.41
C SER D 339 -19.89 -14.72 -4.90
N MET D 340 -19.01 -15.21 -4.02
CA MET D 340 -18.09 -16.29 -4.39
C MET D 340 -18.82 -17.55 -4.81
N ALA D 341 -19.99 -17.82 -4.24
CA ALA D 341 -20.78 -18.98 -4.69
C ALA D 341 -21.67 -18.70 -5.89
N ASN D 342 -21.76 -17.44 -6.28
CA ASN D 342 -22.59 -16.99 -7.39
C ASN D 342 -24.05 -17.29 -7.13
N ILE D 343 -24.53 -17.11 -5.91
CA ILE D 343 -25.97 -17.25 -5.65
C ILE D 343 -26.48 -15.95 -5.01
N LYS D 344 -27.79 -15.83 -4.93
CA LYS D 344 -28.44 -14.75 -4.22
C LYS D 344 -29.06 -15.32 -2.95
N PRO D 345 -29.36 -14.45 -1.98
CA PRO D 345 -30.06 -14.91 -0.80
C PRO D 345 -31.36 -15.65 -1.08
N SER D 346 -32.11 -15.22 -2.09
CA SER D 346 -33.40 -15.86 -2.39
C SER D 346 -33.24 -17.29 -2.90
N ASP D 347 -32.04 -17.67 -3.35
CA ASP D 347 -31.73 -19.06 -3.71
C ASP D 347 -31.63 -20.02 -2.51
N LEU D 348 -31.46 -19.51 -1.28
CA LEU D 348 -31.22 -20.38 -0.13
C LEU D 348 -32.50 -21.13 0.28
N ASN D 349 -32.36 -22.41 0.61
CA ASN D 349 -33.45 -23.22 1.13
C ASN D 349 -33.42 -23.43 2.64
N VAL D 350 -32.26 -23.17 3.26
CA VAL D 350 -32.10 -23.28 4.69
C VAL D 350 -30.93 -22.38 5.14
N ALA D 351 -31.00 -21.95 6.41
CA ALA D 351 -29.91 -21.18 7.00
C ALA D 351 -29.76 -21.39 8.49
N GLU D 352 -28.52 -21.23 8.95
CA GLU D 352 -28.17 -21.17 10.36
C GLU D 352 -27.53 -19.82 10.59
N VAL D 353 -28.05 -19.08 11.55
CA VAL D 353 -27.51 -17.76 11.88
C VAL D 353 -27.21 -17.63 13.38
N HIS D 354 -26.39 -16.66 13.69
CA HIS D 354 -25.81 -16.51 15.01
C HIS D 354 -26.76 -15.76 15.95
N ASP D 355 -27.72 -16.50 16.51
CA ASP D 355 -28.75 -15.91 17.39
C ASP D 355 -28.34 -15.87 18.85
N CYS D 356 -27.25 -15.17 19.13
CA CYS D 356 -26.76 -15.14 20.52
C CYS D 356 -27.74 -14.39 21.41
N PHE D 357 -28.54 -13.50 20.79
CA PHE D 357 -29.74 -12.95 21.37
C PHE D 357 -30.82 -12.96 20.30
N THR D 358 -32.10 -12.90 20.71
CA THR D 358 -33.22 -12.80 19.74
C THR D 358 -33.00 -11.61 18.86
N ILE D 359 -32.38 -10.58 19.46
CA ILE D 359 -32.02 -9.33 18.79
C ILE D 359 -31.08 -9.58 17.59
N ALA D 360 -30.09 -10.45 17.81
CA ALA D 360 -29.15 -10.78 16.78
C ALA D 360 -29.74 -11.59 15.63
N GLU D 361 -30.70 -12.52 15.88
CA GLU D 361 -31.33 -13.28 14.79
C GLU D 361 -31.99 -12.36 13.80
N MET D 362 -32.67 -11.35 14.30
CA MET D 362 -33.39 -10.40 13.46
C MET D 362 -32.42 -9.67 12.56
N LEU D 363 -31.33 -9.18 13.15
CA LEU D 363 -30.31 -8.48 12.41
C LEU D 363 -29.59 -9.40 11.43
N MET D 364 -29.45 -10.67 11.80
CA MET D 364 -28.82 -11.63 10.93
C MET D 364 -29.67 -11.91 9.69
N TYR D 365 -31.00 -11.88 9.80
CA TYR D 365 -31.82 -12.02 8.59
C TYR D 365 -31.45 -10.99 7.53
N GLU D 366 -31.25 -9.76 7.96
CA GLU D 366 -30.88 -8.68 7.07
C GLU D 366 -29.39 -8.73 6.64
N ALA D 367 -28.49 -9.16 7.51
CA ALA D 367 -27.05 -9.28 7.18
C ALA D 367 -26.87 -10.34 6.07
N LEU D 368 -27.61 -11.44 6.19
CA LEU D 368 -27.59 -12.53 5.21
C LEU D 368 -28.30 -12.15 3.91
N GLY D 369 -29.26 -11.24 3.99
CA GLY D 369 -29.99 -10.73 2.84
C GLY D 369 -31.30 -11.47 2.52
N ILE D 370 -31.76 -12.39 3.38
CA ILE D 370 -33.08 -12.98 3.20
C ILE D 370 -34.20 -12.00 3.50
N ALA D 371 -33.88 -10.93 4.23
CA ALA D 371 -34.74 -9.78 4.33
C ALA D 371 -34.00 -8.52 3.95
N GLU D 372 -34.70 -7.55 3.36
CA GLU D 372 -34.17 -6.19 3.19
C GLU D 372 -34.05 -5.42 4.50
N TYR D 373 -33.22 -4.37 4.49
CA TYR D 373 -33.04 -3.55 5.68
C TYR D 373 -34.40 -3.09 6.17
N GLY D 374 -34.69 -3.28 7.46
CA GLY D 374 -35.97 -2.93 8.05
C GLY D 374 -37.12 -3.91 7.79
N HIS D 375 -36.85 -5.06 7.15
CA HIS D 375 -37.90 -6.06 6.86
C HIS D 375 -37.73 -7.42 7.50
N ALA D 376 -36.73 -7.59 8.39
CA ALA D 376 -36.69 -8.82 9.21
C ALA D 376 -37.99 -9.04 9.96
N LYS D 377 -38.56 -7.95 10.45
CA LYS D 377 -39.87 -8.03 11.11
C LYS D 377 -40.97 -8.71 10.26
N ASP D 378 -40.98 -8.47 8.96
CA ASP D 378 -41.95 -9.12 8.07
C ASP D 378 -41.75 -10.63 8.11
N LEU D 379 -40.50 -11.09 8.04
CA LEU D 379 -40.26 -12.51 8.04
C LEU D 379 -40.77 -13.15 9.28
N ILE D 380 -40.49 -12.55 10.44
CA ILE D 380 -40.83 -13.18 11.70
C ILE D 380 -42.35 -13.14 11.94
N ARG D 381 -43.01 -12.07 11.51
CA ARG D 381 -44.45 -11.95 11.71
C ARG D 381 -45.27 -12.93 10.84
N ASN D 382 -44.79 -13.24 9.60
CA ASN D 382 -45.46 -14.20 8.66
C ASN D 382 -44.91 -15.63 8.73
N GLY D 383 -43.96 -15.94 9.61
CA GLY D 383 -43.56 -17.36 9.79
C GLY D 383 -42.59 -17.90 8.75
N ASP D 384 -42.01 -17.01 7.95
CA ASP D 384 -41.13 -17.36 6.82
C ASP D 384 -39.87 -18.14 7.23
N THR D 385 -39.45 -18.00 8.49
CA THR D 385 -38.27 -18.70 8.99
C THR D 385 -38.55 -19.86 9.91
N THR D 386 -39.83 -20.18 10.09
CA THR D 386 -40.22 -21.38 10.80
C THR D 386 -40.00 -22.60 9.95
N LEU D 387 -40.04 -23.76 10.57
CA LEU D 387 -39.90 -25.02 9.85
C LEU D 387 -40.89 -25.10 8.68
N GLU D 388 -42.10 -24.52 8.83
CA GLU D 388 -43.15 -24.47 7.76
C GLU D 388 -43.02 -23.33 6.81
N GLY D 389 -41.98 -22.52 6.94
CA GLY D 389 -41.80 -21.38 6.06
C GLY D 389 -40.96 -21.65 4.83
N ARG D 390 -40.89 -20.66 3.96
CA ARG D 390 -40.09 -20.77 2.77
C ARG D 390 -38.58 -20.78 3.02
N ILE D 391 -38.09 -20.24 4.14
CA ILE D 391 -36.62 -20.20 4.42
C ILE D 391 -36.38 -20.49 5.91
N PRO D 392 -36.50 -21.79 6.33
CA PRO D 392 -36.29 -22.15 7.72
C PRO D 392 -34.86 -21.74 8.19
N VAL D 393 -34.79 -21.13 9.36
CA VAL D 393 -33.58 -20.66 10.00
C VAL D 393 -33.52 -21.28 11.39
N ASN D 394 -32.38 -21.86 11.74
CA ASN D 394 -32.10 -22.37 13.10
C ASN D 394 -33.09 -23.40 13.54
N THR D 395 -33.14 -24.37 12.69
CA THR D 395 -34.19 -25.34 12.69
C THR D 395 -34.23 -26.31 13.91
N GLY D 396 -33.08 -26.48 14.58
CA GLY D 396 -32.94 -27.26 15.79
C GLY D 396 -32.92 -26.48 17.10
N GLY D 397 -33.20 -25.18 17.06
CA GLY D 397 -33.31 -24.34 18.27
C GLY D 397 -32.37 -23.15 18.35
N GLY D 398 -31.34 -23.13 17.50
CA GLY D 398 -30.36 -22.08 17.52
C GLY D 398 -29.64 -21.96 18.86
N LEU D 399 -28.95 -20.85 19.03
CA LEU D 399 -28.19 -20.58 20.28
C LEU D 399 -29.09 -20.39 21.49
N LEU D 400 -30.32 -19.95 21.24
CA LEU D 400 -31.34 -19.77 22.27
C LEU D 400 -31.84 -21.04 22.93
N SER D 401 -32.10 -22.07 22.14
CA SER D 401 -32.62 -23.32 22.65
C SER D 401 -31.67 -24.50 22.51
N PHE D 402 -31.05 -24.64 21.36
CA PHE D 402 -30.03 -25.73 21.17
C PHE D 402 -28.94 -25.48 22.21
N GLY D 403 -28.51 -24.23 22.30
CA GLY D 403 -27.59 -23.79 23.34
C GLY D 403 -26.37 -23.20 22.66
N HIS D 404 -25.46 -22.67 23.46
CA HIS D 404 -24.32 -21.97 22.93
C HIS D 404 -23.00 -22.25 23.65
N PRO D 405 -22.42 -23.45 23.45
CA PRO D 405 -21.02 -23.70 23.88
C PRO D 405 -20.14 -22.97 22.86
N VAL D 406 -19.60 -21.82 23.24
CA VAL D 406 -19.20 -20.84 22.23
C VAL D 406 -18.30 -21.37 21.07
N GLY D 407 -17.22 -22.08 21.38
CA GLY D 407 -16.32 -22.62 20.34
C GLY D 407 -16.95 -23.63 19.38
N ALA D 408 -17.94 -24.35 19.86
CA ALA D 408 -18.64 -25.34 19.07
C ALA D 408 -19.59 -24.75 18.07
N THR D 409 -20.11 -23.56 18.34
CA THR D 409 -21.27 -23.05 17.60
C THR D 409 -21.07 -22.95 16.09
N GLY D 410 -19.96 -22.39 15.64
CA GLY D 410 -19.71 -22.26 14.19
C GLY D 410 -19.73 -23.61 13.43
N ILE D 411 -19.27 -24.66 14.10
CA ILE D 411 -19.23 -25.98 13.49
C ILE D 411 -20.63 -26.62 13.60
N LYS D 412 -21.33 -26.42 14.72
CA LYS D 412 -22.70 -26.91 14.88
C LYS D 412 -23.58 -26.37 13.76
N GLN D 413 -23.37 -25.11 13.39
CA GLN D 413 -24.17 -24.51 12.30
C GLN D 413 -24.01 -25.22 10.93
N ILE D 414 -22.76 -25.44 10.55
CA ILE D 414 -22.42 -26.23 9.37
C ILE D 414 -23.05 -27.62 9.43
N MET D 415 -22.91 -28.28 10.57
CA MET D 415 -23.43 -29.64 10.71
C MET D 415 -24.94 -29.72 10.71
N GLU D 416 -25.60 -28.66 11.14
CA GLU D 416 -27.03 -28.61 11.14
C GLU D 416 -27.58 -28.54 9.71
N VAL D 417 -26.92 -27.75 8.87
CA VAL D 417 -27.25 -27.65 7.47
C VAL D 417 -27.00 -28.99 6.80
N TYR D 418 -25.84 -29.58 7.06
CA TYR D 418 -25.52 -30.92 6.56
C TYR D 418 -26.57 -31.94 6.93
N ARG D 419 -26.94 -31.97 8.20
CA ARG D 419 -27.97 -32.88 8.70
C ARG D 419 -29.34 -32.74 8.00
N GLN D 420 -29.80 -31.53 7.84
CA GLN D 420 -30.99 -31.30 7.06
C GLN D 420 -30.85 -31.79 5.58
N MET D 421 -29.73 -31.49 4.94
CA MET D 421 -29.50 -31.88 3.55
C MET D 421 -29.50 -33.39 3.39
N LYS D 422 -29.09 -34.13 4.44
CA LYS D 422 -28.99 -35.57 4.42
C LYS D 422 -30.18 -36.22 5.05
N GLY D 423 -31.21 -35.46 5.43
CA GLY D 423 -32.44 -36.08 5.96
C GLY D 423 -32.25 -36.68 7.33
N GLN D 424 -31.32 -36.16 8.13
CA GLN D 424 -30.94 -36.78 9.44
C GLN D 424 -31.50 -36.11 10.71
N CYS D 425 -32.32 -35.07 10.57
CA CYS D 425 -32.86 -34.28 11.72
C CYS D 425 -34.13 -34.80 12.42
N GLU D 426 -34.65 -35.94 11.97
CA GLU D 426 -35.75 -36.63 12.68
C GLU D 426 -36.96 -35.73 12.88
N ALA D 427 -37.32 -35.39 14.13
CA ALA D 427 -38.53 -34.59 14.40
C ALA D 427 -38.45 -33.17 13.87
N TYR D 428 -37.26 -32.61 13.67
CA TYR D 428 -37.15 -31.26 13.11
C TYR D 428 -36.59 -31.26 11.68
N GLN D 429 -36.67 -32.42 11.03
CA GLN D 429 -36.39 -32.50 9.58
C GLN D 429 -37.34 -31.64 8.75
N MET D 430 -36.78 -30.90 7.79
CA MET D 430 -37.57 -30.05 6.89
C MET D 430 -38.53 -30.77 5.98
N LYS D 431 -39.54 -30.05 5.48
CA LYS D 431 -40.61 -30.62 4.62
C LYS D 431 -40.07 -31.02 3.24
N LYS D 432 -39.07 -30.28 2.77
CA LYS D 432 -38.37 -30.52 1.50
C LYS D 432 -36.85 -30.53 1.73
N ILE D 433 -36.14 -31.51 1.20
CA ILE D 433 -34.68 -31.54 1.36
C ILE D 433 -34.03 -30.28 0.75
N PRO D 434 -33.27 -29.51 1.56
CA PRO D 434 -32.70 -28.28 0.99
C PRO D 434 -31.56 -28.55 0.03
N ALA D 435 -31.56 -27.86 -1.10
CA ALA D 435 -30.47 -27.92 -2.08
C ALA D 435 -29.29 -26.96 -1.75
N LEU D 436 -29.62 -25.75 -1.27
CA LEU D 436 -28.63 -24.73 -0.96
C LEU D 436 -28.83 -24.20 0.47
N GLY D 437 -27.75 -24.10 1.23
CA GLY D 437 -27.79 -23.56 2.58
C GLY D 437 -26.70 -22.57 2.86
N ALA D 438 -26.91 -21.76 3.89
CA ALA D 438 -25.88 -20.81 4.35
C ALA D 438 -25.79 -20.75 5.86
N THR D 439 -24.59 -20.43 6.35
CA THR D 439 -24.35 -20.24 7.75
C THR D 439 -23.73 -18.84 7.93
N LEU D 440 -24.00 -18.24 9.09
CA LEU D 440 -23.44 -16.98 9.45
C LEU D 440 -23.15 -17.03 10.97
N ASN D 441 -21.88 -16.89 11.26
CA ASN D 441 -21.30 -17.14 12.56
C ASN D 441 -20.63 -15.84 12.93
N MET D 442 -20.85 -15.36 14.15
CA MET D 442 -20.39 -14.08 14.56
C MET D 442 -19.63 -14.17 15.89
N GLY D 443 -18.58 -13.35 16.00
CA GLY D 443 -17.84 -13.18 17.24
C GLY D 443 -17.92 -11.79 17.78
N GLY D 444 -18.12 -11.67 19.09
CA GLY D 444 -18.26 -10.39 19.76
C GLY D 444 -19.48 -9.62 19.28
N ASP D 445 -19.42 -8.33 19.38
CA ASP D 445 -20.52 -7.50 18.93
C ASP D 445 -20.26 -7.18 17.43
N ASP D 446 -20.52 -8.18 16.59
CA ASP D 446 -20.32 -8.07 15.17
C ASP D 446 -18.93 -7.59 14.85
N LYS D 447 -17.92 -8.10 15.55
CA LYS D 447 -16.53 -7.81 15.18
C LYS D 447 -15.88 -8.85 14.29
N THR D 448 -16.26 -10.11 14.46
CA THR D 448 -15.80 -11.18 13.57
C THR D 448 -17.03 -11.84 12.97
N ALA D 449 -16.98 -12.12 11.66
CA ALA D 449 -18.01 -12.89 11.00
C ALA D 449 -17.47 -13.87 10.01
N VAL D 450 -18.05 -15.05 10.02
CA VAL D 450 -17.69 -16.08 9.07
C VAL D 450 -18.97 -16.58 8.43
N SER D 451 -18.97 -16.68 7.08
CA SER D 451 -20.13 -17.15 6.40
C SER D 451 -19.76 -18.15 5.34
N ALA D 452 -20.58 -19.20 5.22
CA ALA D 452 -20.33 -20.27 4.23
C ALA D 452 -21.58 -20.60 3.47
N VAL D 453 -21.41 -20.99 2.20
CA VAL D 453 -22.48 -21.47 1.38
C VAL D 453 -22.26 -22.94 1.08
N LEU D 454 -23.31 -23.72 1.34
CA LEU D 454 -23.31 -25.16 1.23
C LEU D 454 -24.25 -25.62 0.12
N GLN D 455 -23.82 -26.64 -0.62
CA GLN D 455 -24.62 -27.17 -1.71
C GLN D 455 -24.67 -28.67 -1.58
N ASN D 456 -25.89 -29.18 -1.65
CA ASN D 456 -26.17 -30.57 -1.40
C ASN D 456 -25.71 -31.37 -2.61
N ILE D 457 -25.23 -32.58 -2.38
CA ILE D 457 -24.85 -33.51 -3.46
C ILE D 457 -25.78 -34.75 -3.48
#